data_4FEX
#
_entry.id   4FEX
#
_cell.length_a   57.669
_cell.length_b   93.694
_cell.length_c   96.318
_cell.angle_alpha   118.84
_cell.angle_beta   103.56
_cell.angle_gamma   93.44
#
_symmetry.space_group_name_H-M   'P 1'
#
loop_
_entity.id
_entity.type
_entity.pdbx_description
1 polymer "Aminoglycoside 3'-phosphotransferase AphA1-IAB"
2 non-polymer 'KANAMYCIN A'
3 non-polymer N-(3-chlorophenyl)-6,7-dimethoxyquinazolin-4-amine
4 non-polymer 'SODIUM ION'
5 non-polymer 'ACETATE ION'
6 water water
#
_entity_poly.entity_id   1
_entity_poly.type   'polypeptide(L)'
_entity_poly.pdbx_seq_one_letter_code
;GMSHIQRETSCSRPRLNSNLDADLYGYRWARDNVGQSGATIYRLYGKPNAPELFLKHGKGSVANDVTDEMVRLNWLTAFM
PLPTIKHFIRTPDDAWLLTTAIPGKTAFQVLEEYPDSGENIVDALAVFLRRLHSIPVCNCPFNSDRVFRLAQAQSRMNNG
LVDASDFDDERNGWPVEQVWKEMHKLLPFSPDSVVTHGDFSLDNLIFDEGKLIGCIDVGRVGIADRYQDLAILWNCLGEF
SPSLQKRLFQKYGIDNPDMNKLQFHLMLDEFF
;
_entity_poly.pdbx_strand_id   A,B,C,D,E
#
loop_
_chem_comp.id
_chem_comp.type
_chem_comp.name
_chem_comp.formula
0TO non-polymer N-(3-chlorophenyl)-6,7-dimethoxyquinazolin-4-amine 'C16 H14 Cl N3 O2'
ACT non-polymer 'ACETATE ION' 'C2 H3 O2 -1'
KAN non-polymer 'KANAMYCIN A' 'C18 H36 N4 O11'
NA non-polymer 'SODIUM ION' 'Na 1'
#
# COMPACT_ATOMS: atom_id res chain seq x y z
N ASN A 19 -15.65 -22.43 24.43
CA ASN A 19 -14.68 -23.54 24.55
C ASN A 19 -13.94 -23.82 23.24
N LEU A 20 -13.40 -25.03 23.15
CA LEU A 20 -12.38 -25.35 22.16
C LEU A 20 -12.66 -26.69 21.50
N ASP A 21 -13.60 -27.43 22.08
CA ASP A 21 -13.69 -28.86 21.83
C ASP A 21 -14.05 -29.28 20.41
N ALA A 22 -14.88 -28.50 19.74
CA ALA A 22 -15.27 -28.76 18.35
C ALA A 22 -14.05 -29.01 17.45
N ASP A 23 -12.98 -28.28 17.72
CA ASP A 23 -11.75 -28.38 16.95
C ASP A 23 -10.89 -29.56 17.41
N LEU A 24 -11.33 -30.29 18.43
CA LEU A 24 -10.46 -31.29 19.05
C LEU A 24 -10.99 -32.72 19.06
N TYR A 25 -12.27 -32.91 18.72
CA TYR A 25 -12.84 -34.26 18.58
C TYR A 25 -12.04 -34.98 17.52
N GLY A 26 -11.67 -36.24 17.78
CA GLY A 26 -10.96 -37.04 16.78
C GLY A 26 -9.44 -37.12 16.90
N TYR A 27 -8.81 -36.04 17.34
CA TYR A 27 -7.35 -36.02 17.48
C TYR A 27 -6.94 -36.83 18.68
N ARG A 28 -5.81 -37.51 18.60
CA ARG A 28 -5.21 -38.08 19.79
C ARG A 28 -4.03 -37.23 20.26
N TRP A 29 -3.60 -37.46 21.48
CA TRP A 29 -2.73 -36.52 22.20
C TRP A 29 -1.38 -37.06 22.61
N ALA A 30 -0.36 -36.23 22.48
CA ALA A 30 0.99 -36.56 22.88
C ALA A 30 1.60 -35.32 23.52
N ARG A 31 2.49 -35.51 24.49
CA ARG A 31 3.10 -34.36 25.17
C ARG A 31 4.57 -34.19 24.79
N ASP A 32 4.85 -33.28 23.85
CA ASP A 32 6.21 -33.02 23.37
C ASP A 32 7.07 -32.23 24.35
N ASN A 33 8.36 -32.57 24.38
CA ASN A 33 9.36 -31.77 25.07
C ASN A 33 10.48 -31.40 24.11
N VAL A 34 10.40 -30.19 23.56
CA VAL A 34 11.39 -29.73 22.59
C VAL A 34 12.39 -28.74 23.22
N GLY A 35 12.45 -28.75 24.55
CA GLY A 35 13.30 -27.84 25.30
C GLY A 35 12.58 -26.55 25.60
N GLN A 36 11.29 -26.53 25.28
CA GLN A 36 10.49 -25.32 25.31
C GLN A 36 10.31 -24.75 26.73
N SER A 37 10.84 -23.55 26.92
CA SER A 37 10.77 -22.85 28.20
C SER A 37 9.33 -22.66 28.66
N GLY A 38 8.95 -23.44 29.67
CA GLY A 38 7.72 -23.20 30.38
C GLY A 38 6.49 -23.89 29.85
N ALA A 39 6.14 -23.60 28.61
CA ALA A 39 4.84 -24.02 28.12
C ALA A 39 4.76 -25.51 27.83
N THR A 40 3.65 -26.12 28.22
CA THR A 40 3.37 -27.51 27.86
C THR A 40 2.90 -27.55 26.41
N ILE A 41 3.55 -28.39 25.61
CA ILE A 41 3.14 -28.57 24.22
C ILE A 41 2.50 -29.91 23.96
N TYR A 42 1.24 -29.91 23.53
CA TYR A 42 0.59 -31.13 23.11
C TYR A 42 0.64 -31.24 21.60
N ARG A 43 0.88 -32.44 21.09
CA ARG A 43 0.78 -32.70 19.67
C ARG A 43 -0.53 -33.40 19.43
N LEU A 44 -1.32 -32.84 18.52
CA LEU A 44 -2.62 -33.41 18.16
CA LEU A 44 -2.60 -33.41 18.15
C LEU A 44 -2.54 -34.09 16.80
N TYR A 45 -2.85 -35.39 16.78
CA TYR A 45 -2.72 -36.17 15.57
C TYR A 45 -3.77 -37.27 15.49
N GLY A 46 -3.73 -38.05 14.42
CA GLY A 46 -4.55 -39.23 14.30
C GLY A 46 -5.83 -38.98 13.55
N LYS A 47 -6.34 -37.76 13.60
CA LYS A 47 -7.58 -37.43 12.91
C LYS A 47 -7.41 -37.49 11.40
N PRO A 48 -8.18 -38.36 10.75
CA PRO A 48 -8.10 -38.45 9.29
C PRO A 48 -8.80 -37.26 8.65
N ASN A 49 -8.36 -36.89 7.45
CA ASN A 49 -8.87 -35.70 6.75
C ASN A 49 -8.60 -34.40 7.49
N ALA A 50 -7.75 -34.46 8.51
CA ALA A 50 -7.45 -33.32 9.37
C ALA A 50 -5.96 -33.22 9.67
N PRO A 51 -5.42 -31.99 9.62
CA PRO A 51 -3.98 -31.83 9.80
C PRO A 51 -3.52 -31.91 11.27
N GLU A 52 -2.29 -32.36 11.47
CA GLU A 52 -1.67 -32.36 12.80
C GLU A 52 -1.80 -30.95 13.40
N LEU A 53 -1.92 -30.87 14.72
CA LEU A 53 -2.09 -29.59 15.37
C LEU A 53 -1.21 -29.51 16.59
N PHE A 54 -0.76 -28.31 16.95
CA PHE A 54 -0.12 -28.13 18.24
C PHE A 54 -0.93 -27.22 19.14
N LEU A 55 -1.00 -27.56 20.41
CA LEU A 55 -1.66 -26.74 21.39
C LEU A 55 -0.61 -26.41 22.43
N LYS A 56 -0.24 -25.13 22.55
CA LYS A 56 0.70 -24.68 23.57
C LYS A 56 -0.11 -24.24 24.77
N HIS A 57 0.31 -24.60 26.00
CA HIS A 57 -0.39 -24.12 27.19
C HIS A 57 0.55 -23.54 28.19
N GLY A 58 0.27 -22.31 28.60
CA GLY A 58 1.10 -21.61 29.56
C GLY A 58 0.25 -21.21 30.74
N LYS A 59 0.77 -21.38 31.94
CA LYS A 59 0.08 -20.82 33.10
C LYS A 59 0.95 -19.79 33.79
N GLY A 60 0.32 -18.99 34.64
CA GLY A 60 0.98 -17.90 35.32
C GLY A 60 1.76 -17.03 34.36
N SER A 61 3.03 -16.82 34.69
CA SER A 61 3.87 -15.93 33.91
C SER A 61 4.07 -16.47 32.49
N VAL A 62 4.06 -17.78 32.35
CA VAL A 62 4.35 -18.38 31.05
C VAL A 62 3.21 -18.12 30.08
N ALA A 63 2.01 -17.89 30.61
CA ALA A 63 0.89 -17.52 29.76
C ALA A 63 1.20 -16.25 28.96
N ASN A 64 1.88 -15.29 29.58
CA ASN A 64 2.29 -14.07 28.88
C ASN A 64 3.09 -14.43 27.65
N ASP A 65 3.94 -15.44 27.81
CA ASP A 65 4.82 -15.87 26.74
C ASP A 65 4.05 -16.52 25.63
N VAL A 66 3.11 -17.40 25.97
CA VAL A 66 2.22 -17.93 24.94
C VAL A 66 1.45 -16.80 24.25
N THR A 67 1.07 -15.79 25.02
CA THR A 67 0.34 -14.66 24.45
C THR A 67 1.21 -13.91 23.45
N ASP A 68 2.46 -13.68 23.82
CA ASP A 68 3.39 -12.95 22.97
C ASP A 68 3.57 -13.65 21.63
N GLU A 69 3.51 -14.98 21.66
CA GLU A 69 3.73 -15.76 20.44
C GLU A 69 2.54 -15.66 19.51
N MET A 70 1.34 -15.73 20.09
CA MET A 70 0.12 -15.57 19.31
C MET A 70 0.10 -14.27 18.49
N VAL A 71 0.38 -13.14 19.14
CA VAL A 71 0.29 -11.87 18.44
C VAL A 71 1.35 -11.77 17.34
N ARG A 72 2.48 -12.42 17.56
CA ARG A 72 3.56 -12.36 16.60
C ARG A 72 3.26 -13.27 15.42
N LEU A 73 2.70 -14.45 15.71
CA LEU A 73 2.25 -15.37 14.66
C LEU A 73 1.27 -14.65 13.78
N ASN A 74 0.39 -13.90 14.43
CA ASN A 74 -0.71 -13.24 13.77
C ASN A 74 -0.20 -12.08 12.93
N TRP A 75 0.67 -11.27 13.51
CA TRP A 75 1.31 -10.23 12.75
C TRP A 75 2.18 -10.74 11.60
N LEU A 76 3.08 -11.67 11.90
CA LEU A 76 4.11 -12.07 10.95
C LEU A 76 3.59 -12.84 9.74
N THR A 77 2.44 -13.51 9.87
CA THR A 77 1.99 -14.40 8.81
C THR A 77 1.53 -13.63 7.58
N ALA A 78 1.25 -12.35 7.77
CA ALA A 78 1.07 -11.46 6.63
C ALA A 78 2.31 -11.38 5.72
N PHE A 79 3.46 -11.91 6.15
CA PHE A 79 4.68 -11.78 5.36
C PHE A 79 5.42 -13.09 5.10
N MET A 80 5.61 -13.90 6.15
CA MET A 80 6.35 -15.15 6.07
C MET A 80 5.40 -16.35 6.12
N PRO A 81 5.92 -17.55 5.86
CA PRO A 81 5.07 -18.75 6.02
C PRO A 81 5.08 -19.28 7.44
N LEU A 82 3.93 -19.21 8.12
CA LEU A 82 3.90 -19.63 9.52
C LEU A 82 2.80 -20.66 9.80
N PRO A 83 2.82 -21.27 10.99
CA PRO A 83 1.63 -22.05 11.35
C PRO A 83 0.43 -21.10 11.50
N THR A 84 -0.77 -21.50 11.09
CA THR A 84 -1.91 -20.63 11.27
C THR A 84 -2.59 -20.85 12.65
N ILE A 85 -3.03 -19.75 13.27
CA ILE A 85 -3.74 -19.80 14.55
C ILE A 85 -5.17 -20.27 14.36
N LYS A 86 -5.43 -21.53 14.62
CA LYS A 86 -6.80 -22.01 14.55
C LYS A 86 -7.59 -21.43 15.72
N HIS A 87 -6.95 -21.18 16.86
CA HIS A 87 -7.68 -20.79 18.07
C HIS A 87 -6.79 -20.37 19.23
N PHE A 88 -7.14 -19.28 19.90
CA PHE A 88 -6.38 -18.82 21.06
C PHE A 88 -7.31 -18.45 22.18
N ILE A 89 -6.95 -18.80 23.41
CA ILE A 89 -7.71 -18.41 24.59
C ILE A 89 -6.81 -17.82 25.67
N ARG A 90 -7.13 -16.65 26.17
CA ARG A 90 -6.46 -16.11 27.34
C ARG A 90 -7.46 -15.89 28.46
N THR A 91 -7.08 -16.30 29.67
CA THR A 91 -7.86 -16.09 30.89
C THR A 91 -6.85 -15.53 31.88
N PRO A 92 -7.29 -15.10 33.08
CA PRO A 92 -6.30 -14.34 33.87
C PRO A 92 -4.96 -15.06 34.10
N ASP A 93 -4.98 -16.39 34.11
CA ASP A 93 -3.79 -17.14 34.48
C ASP A 93 -3.41 -18.20 33.46
N ASP A 94 -4.20 -18.33 32.39
CA ASP A 94 -3.93 -19.36 31.39
C ASP A 94 -4.11 -18.93 29.94
N ALA A 95 -3.09 -19.19 29.14
CA ALA A 95 -3.16 -18.97 27.71
C ALA A 95 -3.14 -20.32 26.97
N TRP A 96 -4.05 -20.49 26.02
CA TRP A 96 -4.04 -21.69 25.20
C TRP A 96 -3.90 -21.26 23.75
N LEU A 97 -3.02 -21.94 23.01
CA LEU A 97 -2.74 -21.59 21.62
C LEU A 97 -2.76 -22.82 20.72
N LEU A 98 -3.76 -22.89 19.83
CA LEU A 98 -3.87 -24.00 18.89
C LEU A 98 -3.47 -23.56 17.49
N THR A 99 -2.49 -24.24 16.91
CA THR A 99 -2.01 -23.91 15.57
C THR A 99 -1.95 -25.14 14.66
N THR A 100 -1.86 -24.93 13.36
CA THR A 100 -1.68 -26.03 12.44
C THR A 100 -0.20 -26.36 12.45
N ALA A 101 0.14 -27.59 12.09
CA ALA A 101 1.55 -27.98 12.05
C ALA A 101 2.12 -27.72 10.68
N ILE A 102 3.42 -27.41 10.66
CA ILE A 102 4.16 -27.39 9.44
C ILE A 102 4.81 -28.75 9.24
N PRO A 103 4.31 -29.48 8.24
CA PRO A 103 4.79 -30.79 7.81
C PRO A 103 6.24 -30.72 7.40
N GLY A 104 7.06 -31.63 7.90
CA GLY A 104 8.44 -31.69 7.46
C GLY A 104 9.38 -31.99 8.60
N LYS A 105 10.68 -31.84 8.36
CA LYS A 105 11.68 -32.09 9.39
C LYS A 105 12.40 -30.79 9.73
N THR A 106 13.07 -30.74 10.88
CA THR A 106 13.75 -29.51 11.24
C THR A 106 14.98 -29.41 10.38
N ALA A 107 15.52 -28.21 10.24
CA ALA A 107 16.75 -28.01 9.50
C ALA A 107 17.84 -28.90 10.11
N PHE A 108 17.83 -29.01 11.43
CA PHE A 108 18.81 -29.81 12.13
C PHE A 108 18.73 -31.28 11.73
N GLN A 109 17.52 -31.83 11.75
CA GLN A 109 17.36 -33.21 11.33
C GLN A 109 17.84 -33.44 9.89
N VAL A 110 17.46 -32.55 8.97
CA VAL A 110 17.82 -32.73 7.57
C VAL A 110 19.32 -32.63 7.39
N LEU A 111 19.96 -31.79 8.19
CA LEU A 111 21.42 -31.74 8.21
C LEU A 111 21.99 -33.08 8.63
N GLU A 112 21.57 -33.59 9.79
CA GLU A 112 21.99 -34.90 10.29
C GLU A 112 21.77 -36.04 9.32
N GLU A 113 20.57 -36.12 8.76
CA GLU A 113 20.21 -37.23 7.89
C GLU A 113 20.94 -37.19 6.54
N TYR A 114 21.19 -36.00 6.01
CA TYR A 114 21.80 -35.87 4.69
C TYR A 114 22.90 -34.85 4.74
N PRO A 115 24.10 -35.24 5.18
CA PRO A 115 25.12 -34.20 5.33
C PRO A 115 25.68 -33.74 3.99
N ASP A 116 25.40 -34.46 2.91
CA ASP A 116 25.79 -33.96 1.58
C ASP A 116 24.77 -32.97 0.99
N SER A 117 23.96 -32.36 1.86
CA SER A 117 22.95 -31.39 1.46
C SER A 117 23.11 -30.07 2.21
N GLY A 118 24.00 -30.05 3.19
CA GLY A 118 24.29 -28.85 3.95
C GLY A 118 24.47 -27.58 3.12
N GLU A 119 25.13 -27.68 1.97
CA GLU A 119 25.35 -26.49 1.16
C GLU A 119 24.05 -25.84 0.68
N ASN A 120 23.06 -26.66 0.33
CA ASN A 120 21.77 -26.14 -0.11
C ASN A 120 20.90 -25.73 1.06
N ILE A 121 21.07 -26.40 2.20
CA ILE A 121 20.32 -26.04 3.38
C ILE A 121 20.76 -24.68 3.94
N VAL A 122 22.06 -24.46 4.00
CA VAL A 122 22.58 -23.17 4.45
C VAL A 122 22.31 -22.09 3.42
N ASP A 123 22.34 -22.42 2.14
CA ASP A 123 21.93 -21.46 1.11
C ASP A 123 20.48 -21.04 1.35
N ALA A 124 19.61 -22.03 1.46
CA ALA A 124 18.21 -21.80 1.76
C ALA A 124 17.99 -21.01 3.06
N LEU A 125 18.77 -21.29 4.09
CA LEU A 125 18.57 -20.60 5.35
C LEU A 125 18.90 -19.11 5.19
N ALA A 126 19.95 -18.80 4.45
CA ALA A 126 20.37 -17.44 4.27
C ALA A 126 19.36 -16.63 3.46
N VAL A 127 18.96 -17.17 2.32
CA VAL A 127 17.93 -16.54 1.52
C VAL A 127 16.69 -16.23 2.36
N PHE A 128 16.21 -17.22 3.11
CA PHE A 128 15.02 -17.06 3.95
C PHE A 128 15.23 -15.97 5.00
N LEU A 129 16.39 -16.00 5.65
CA LEU A 129 16.68 -15.03 6.68
C LEU A 129 16.76 -13.64 6.05
N ARG A 130 17.26 -13.56 4.82
CA ARG A 130 17.28 -12.29 4.10
C ARG A 130 15.85 -11.79 3.86
N ARG A 131 14.97 -12.70 3.47
CA ARG A 131 13.57 -12.41 3.26
C ARG A 131 12.91 -11.81 4.52
N LEU A 132 13.03 -12.49 5.66
CA LEU A 132 12.52 -11.96 6.91
C LEU A 132 13.06 -10.55 7.17
N HIS A 133 14.37 -10.36 7.00
CA HIS A 133 15.01 -9.12 7.35
C HIS A 133 14.69 -8.02 6.37
N SER A 134 14.12 -8.38 5.24
CA SER A 134 13.85 -7.36 4.23
C SER A 134 12.49 -6.73 4.53
N ILE A 135 11.73 -7.38 5.43
CA ILE A 135 10.47 -6.83 5.88
C ILE A 135 10.72 -5.49 6.54
N PRO A 136 10.20 -4.40 5.95
CA PRO A 136 10.48 -3.06 6.43
C PRO A 136 9.99 -2.88 7.84
N VAL A 137 10.87 -2.36 8.70
CA VAL A 137 10.57 -2.20 10.12
C VAL A 137 9.31 -1.36 10.39
N CYS A 138 8.98 -0.48 9.45
CA CYS A 138 7.84 0.40 9.64
C CYS A 138 6.55 -0.43 9.75
N ASN A 139 6.60 -1.67 9.26
CA ASN A 139 5.49 -2.61 9.48
C ASN A 139 5.46 -3.24 10.86
N CYS A 140 6.58 -3.27 11.58
CA CYS A 140 6.65 -4.08 12.79
C CYS A 140 6.39 -3.33 14.09
N PRO A 141 5.34 -3.74 14.80
CA PRO A 141 4.87 -3.19 16.07
C PRO A 141 5.60 -3.75 17.32
N PHE A 142 6.55 -4.66 17.12
CA PHE A 142 7.19 -5.26 18.28
C PHE A 142 8.63 -4.81 18.43
N ASN A 143 9.01 -4.43 19.64
CA ASN A 143 10.40 -4.17 19.95
C ASN A 143 11.13 -5.35 20.57
N SER A 144 12.30 -5.69 20.06
CA SER A 144 13.16 -6.62 20.81
C SER A 144 14.64 -6.29 20.69
N ASP A 145 14.96 -5.01 20.88
CA ASP A 145 16.33 -4.58 20.77
C ASP A 145 17.10 -5.03 21.98
N ARG A 146 18.41 -4.85 21.93
CA ARG A 146 19.30 -5.35 22.96
C ARG A 146 18.89 -4.85 24.35
N VAL A 147 18.63 -3.55 24.47
CA VAL A 147 18.24 -2.97 25.75
C VAL A 147 17.01 -3.64 26.34
N PHE A 148 16.11 -4.09 25.47
CA PHE A 148 14.95 -4.83 25.93
C PHE A 148 15.41 -6.19 26.44
N ARG A 149 16.20 -6.85 25.61
CA ARG A 149 16.66 -8.20 25.91
C ARG A 149 17.58 -8.22 27.13
N LEU A 150 18.41 -7.19 27.24
CA LEU A 150 19.38 -7.09 28.31
C LEU A 150 18.66 -7.00 29.65
N ALA A 151 17.60 -6.21 29.67
CA ALA A 151 16.78 -6.06 30.86
C ALA A 151 16.14 -7.40 31.20
N GLN A 152 15.68 -8.10 30.18
CA GLN A 152 15.04 -9.39 30.37
C GLN A 152 16.06 -10.36 30.91
N ALA A 153 17.29 -10.21 30.46
CA ALA A 153 18.34 -11.17 30.80
C ALA A 153 18.74 -11.00 32.23
N GLN A 154 18.70 -9.75 32.70
CA GLN A 154 19.03 -9.47 34.08
C GLN A 154 17.98 -10.05 35.01
N SER A 155 16.72 -9.89 34.64
CA SER A 155 15.60 -10.37 35.44
C SER A 155 15.54 -11.92 35.50
N ARG A 156 16.33 -12.60 34.68
CA ARG A 156 16.39 -14.05 34.76
C ARG A 156 17.65 -14.48 35.48
N MET A 157 18.67 -13.63 35.40
CA MET A 157 19.90 -13.87 36.11
C MET A 157 19.59 -13.73 37.58
N ASN A 158 19.18 -12.51 37.95
CA ASN A 158 18.87 -12.17 39.34
C ASN A 158 17.71 -12.95 39.96
N ASN A 159 17.11 -13.86 39.19
CA ASN A 159 16.17 -14.83 39.75
C ASN A 159 16.64 -16.26 39.54
N GLY A 160 17.92 -16.42 39.23
CA GLY A 160 18.53 -17.73 39.09
C GLY A 160 17.74 -18.68 38.22
N LEU A 161 17.32 -18.22 37.05
CA LEU A 161 16.67 -19.07 36.08
C LEU A 161 17.57 -19.38 34.86
N VAL A 162 18.71 -18.69 34.79
CA VAL A 162 19.65 -18.87 33.68
C VAL A 162 20.26 -20.25 33.77
N ASP A 163 20.25 -21.01 32.68
CA ASP A 163 20.76 -22.38 32.71
C ASP A 163 22.28 -22.47 32.41
N ALA A 164 23.08 -22.28 33.45
CA ALA A 164 24.54 -22.31 33.34
C ALA A 164 25.05 -23.64 32.81
N SER A 165 24.23 -24.67 32.95
CA SER A 165 24.57 -25.98 32.39
C SER A 165 24.75 -25.91 30.88
N ASP A 166 23.99 -25.00 30.25
CA ASP A 166 23.89 -24.99 28.79
C ASP A 166 24.66 -23.89 28.06
N PHE A 167 25.54 -23.21 28.76
CA PHE A 167 26.42 -22.22 28.15
C PHE A 167 27.19 -22.80 26.96
N ASP A 168 27.53 -21.95 26.01
CA ASP A 168 28.36 -22.38 24.89
C ASP A 168 29.70 -22.83 25.47
N ASP A 169 30.46 -23.64 24.73
CA ASP A 169 31.73 -24.17 25.23
C ASP A 169 32.70 -23.11 25.73
N GLU A 170 32.95 -22.07 24.94
CA GLU A 170 33.89 -21.02 25.33
C GLU A 170 33.48 -20.27 26.60
N ARG A 171 32.39 -20.69 27.23
CA ARG A 171 31.94 -20.06 28.46
C ARG A 171 31.53 -21.15 29.45
N ASN A 172 31.86 -22.39 29.12
CA ASN A 172 31.46 -23.53 29.93
C ASN A 172 31.96 -23.48 31.37
N GLY A 173 31.02 -23.59 32.31
CA GLY A 173 31.35 -23.56 33.71
C GLY A 173 31.59 -22.16 34.26
N TRP A 174 31.48 -21.14 33.41
CA TRP A 174 31.56 -19.76 33.89
C TRP A 174 30.40 -19.51 34.84
N PRO A 175 30.63 -18.71 35.88
CA PRO A 175 29.49 -18.23 36.67
C PRO A 175 28.65 -17.26 35.82
N VAL A 176 27.35 -17.26 36.04
CA VAL A 176 26.43 -16.40 35.29
C VAL A 176 26.84 -14.93 35.41
N GLU A 177 27.15 -14.48 36.63
CA GLU A 177 27.56 -13.09 36.87
C GLU A 177 28.85 -12.69 36.15
N GLN A 178 29.52 -13.67 35.57
CA GLN A 178 30.75 -13.40 34.83
C GLN A 178 30.34 -13.11 33.39
N VAL A 179 29.64 -14.08 32.82
CA VAL A 179 29.07 -13.95 31.48
C VAL A 179 28.40 -12.59 31.36
N TRP A 180 27.57 -12.26 32.34
CA TRP A 180 26.97 -10.94 32.39
C TRP A 180 28.02 -9.83 32.30
N LYS A 181 29.10 -9.94 33.09
CA LYS A 181 30.11 -8.88 33.13
C LYS A 181 30.92 -8.78 31.83
N GLU A 182 31.34 -9.92 31.31
CA GLU A 182 32.10 -9.94 30.05
C GLU A 182 31.26 -9.44 28.87
N MET A 183 29.95 -9.55 28.99
CA MET A 183 29.06 -9.12 27.94
C MET A 183 29.08 -7.60 27.76
N HIS A 184 29.11 -6.84 28.85
CA HIS A 184 29.01 -5.38 28.73
C HIS A 184 30.32 -4.71 28.30
N LYS A 185 31.35 -5.53 28.10
CA LYS A 185 32.64 -5.06 27.64
C LYS A 185 32.69 -4.88 26.12
N LEU A 186 31.85 -5.64 25.42
CA LEU A 186 31.78 -5.63 23.97
C LEU A 186 30.92 -4.45 23.49
N LEU A 187 29.85 -4.21 24.23
CA LEU A 187 29.07 -2.98 24.11
C LEU A 187 30.04 -1.80 24.21
N PRO A 188 29.77 -0.72 23.47
CA PRO A 188 28.63 -0.62 22.56
C PRO A 188 29.02 -0.91 21.11
N PHE A 189 28.00 -1.23 20.33
CA PHE A 189 28.15 -1.38 18.90
C PHE A 189 27.06 -0.58 18.20
N SER A 190 27.33 -0.17 16.97
CA SER A 190 26.33 0.55 16.16
C SER A 190 25.12 -0.33 15.92
N PRO A 191 23.96 0.10 16.40
CA PRO A 191 22.82 -0.77 16.09
C PRO A 191 22.40 -0.64 14.61
N ASP A 192 21.90 -1.74 14.09
CA ASP A 192 21.23 -1.70 12.82
C ASP A 192 19.92 -2.36 13.19
N SER A 193 18.82 -2.00 12.54
CA SER A 193 17.57 -2.58 13.00
C SER A 193 16.80 -3.22 11.84
N VAL A 194 16.44 -4.48 12.02
CA VAL A 194 15.65 -5.19 11.05
C VAL A 194 14.58 -5.99 11.75
N VAL A 195 13.76 -6.71 11.00
CA VAL A 195 12.78 -7.58 11.64
C VAL A 195 13.43 -8.94 11.86
N THR A 196 13.51 -9.37 13.12
CA THR A 196 14.27 -10.57 13.44
C THR A 196 13.41 -11.69 14.02
N HIS A 197 13.86 -12.92 13.89
CA HIS A 197 13.14 -14.05 14.42
C HIS A 197 13.23 -14.09 15.94
N GLY A 198 14.42 -13.89 16.47
CA GLY A 198 14.62 -14.02 17.91
C GLY A 198 15.28 -15.32 18.32
N ASP A 199 14.99 -16.38 17.58
CA ASP A 199 15.52 -17.69 17.89
C ASP A 199 15.75 -18.48 16.62
N PHE A 200 16.62 -17.95 15.76
CA PHE A 200 16.85 -18.53 14.44
C PHE A 200 17.81 -19.75 14.53
N SER A 201 17.37 -20.76 15.27
CA SER A 201 18.20 -21.93 15.54
C SER A 201 17.84 -23.01 14.53
N LEU A 202 18.55 -24.13 14.56
CA LEU A 202 18.34 -25.14 13.54
C LEU A 202 17.11 -25.96 13.85
N ASP A 203 16.55 -25.77 15.04
CA ASP A 203 15.35 -26.48 15.46
C ASP A 203 14.09 -25.78 14.99
N ASN A 204 14.22 -24.51 14.63
CA ASN A 204 13.06 -23.68 14.38
C ASN A 204 12.73 -23.38 12.92
N LEU A 205 13.48 -23.95 11.99
CA LEU A 205 13.11 -23.79 10.58
C LEU A 205 12.75 -25.14 10.01
N ILE A 206 11.64 -25.21 9.30
CA ILE A 206 11.10 -26.50 8.88
C ILE A 206 11.34 -26.76 7.38
N PHE A 207 12.06 -27.83 7.07
CA PHE A 207 12.27 -28.24 5.69
C PHE A 207 11.32 -29.36 5.27
N ASP A 208 11.05 -29.43 3.97
CA ASP A 208 10.20 -30.49 3.42
C ASP A 208 10.43 -30.65 1.92
N GLU A 209 10.78 -31.87 1.50
CA GLU A 209 11.05 -32.19 0.10
C GLU A 209 12.18 -31.34 -0.46
N GLY A 210 13.16 -31.04 0.40
CA GLY A 210 14.29 -30.23 -0.02
C GLY A 210 14.09 -28.73 0.08
N LYS A 211 12.85 -28.29 0.21
CA LYS A 211 12.56 -26.87 0.35
C LYS A 211 12.38 -26.41 1.81
N LEU A 212 12.86 -25.21 2.09
CA LEU A 212 12.52 -24.52 3.33
C LEU A 212 11.10 -23.95 3.18
N ILE A 213 10.22 -24.24 4.12
CA ILE A 213 8.83 -23.93 3.88
C ILE A 213 8.15 -23.24 5.05
N GLY A 214 8.89 -22.96 6.10
CA GLY A 214 8.30 -22.20 7.19
C GLY A 214 9.17 -22.20 8.42
N CYS A 215 8.87 -21.29 9.34
CA CYS A 215 9.60 -21.28 10.57
C CYS A 215 8.63 -21.33 11.72
N ILE A 216 9.13 -21.71 12.89
CA ILE A 216 8.28 -21.81 14.06
C ILE A 216 8.92 -21.05 15.22
N ASP A 217 8.20 -21.03 16.32
CA ASP A 217 8.67 -20.48 17.58
C ASP A 217 8.92 -18.96 17.53
N VAL A 218 7.89 -18.23 17.12
CA VAL A 218 8.07 -16.83 16.76
C VAL A 218 7.91 -15.86 17.92
N GLY A 219 7.96 -16.40 19.14
CA GLY A 219 7.66 -15.63 20.33
C GLY A 219 8.52 -14.42 20.64
N ARG A 220 9.75 -14.40 20.13
CA ARG A 220 10.66 -13.28 20.42
C ARG A 220 10.82 -12.38 19.23
N VAL A 221 10.05 -12.64 18.17
CA VAL A 221 10.03 -11.78 16.98
C VAL A 221 9.83 -10.32 17.35
N GLY A 222 10.66 -9.45 16.78
CA GLY A 222 10.50 -8.00 16.88
C GLY A 222 11.66 -7.26 16.21
N ILE A 223 11.74 -5.95 16.42
CA ILE A 223 12.87 -5.22 15.83
C ILE A 223 14.17 -5.37 16.64
N ALA A 224 15.25 -5.68 15.95
CA ALA A 224 16.55 -5.91 16.59
C ALA A 224 17.65 -5.93 15.55
N ASP A 225 18.88 -6.06 16.04
CA ASP A 225 20.06 -6.14 15.21
C ASP A 225 20.04 -7.48 14.48
N ARG A 226 20.33 -7.46 13.18
CA ARG A 226 20.31 -8.67 12.37
C ARG A 226 21.14 -9.78 13.01
N TYR A 227 22.24 -9.40 13.66
CA TYR A 227 23.09 -10.38 14.30
C TYR A 227 22.37 -11.19 15.36
N GLN A 228 21.23 -10.70 15.84
CA GLN A 228 20.41 -11.50 16.73
C GLN A 228 20.07 -12.84 16.06
N ASP A 229 19.70 -12.78 14.79
CA ASP A 229 19.41 -14.01 14.07
C ASP A 229 20.67 -14.67 13.53
N LEU A 230 21.54 -13.89 12.89
CA LEU A 230 22.78 -14.46 12.35
C LEU A 230 23.65 -15.20 13.37
N ALA A 231 23.87 -14.62 14.55
CA ALA A 231 24.65 -15.28 15.62
C ALA A 231 24.13 -16.64 15.98
N ILE A 232 22.90 -16.69 16.46
CA ILE A 232 22.30 -17.95 16.85
C ILE A 232 22.40 -19.05 15.78
N LEU A 233 22.14 -18.71 14.52
CA LEU A 233 22.24 -19.73 13.47
C LEU A 233 23.70 -20.15 13.21
N TRP A 234 24.60 -19.17 13.19
CA TRP A 234 26.02 -19.39 12.99
C TRP A 234 26.61 -20.34 14.05
N ASN A 235 26.16 -20.18 15.29
CA ASN A 235 26.49 -21.07 16.38
C ASN A 235 25.98 -22.50 16.12
N CYS A 236 24.71 -22.64 15.78
CA CYS A 236 24.20 -23.95 15.48
C CYS A 236 25.01 -24.65 14.40
N LEU A 237 25.51 -23.91 13.41
CA LEU A 237 26.29 -24.52 12.35
C LEU A 237 27.73 -24.78 12.81
N GLY A 238 28.04 -24.33 14.02
CA GLY A 238 29.32 -24.64 14.65
C GLY A 238 29.43 -26.14 14.85
N GLU A 239 28.31 -26.81 15.04
CA GLU A 239 28.29 -28.24 15.29
C GLU A 239 28.42 -29.07 14.02
N PHE A 240 28.75 -28.45 12.90
CA PHE A 240 28.82 -29.21 11.66
C PHE A 240 30.08 -28.96 10.84
N SER A 241 30.49 -27.70 10.75
CA SER A 241 31.50 -27.30 9.78
C SER A 241 31.67 -25.80 9.86
N PRO A 242 32.92 -25.33 10.02
CA PRO A 242 33.31 -23.91 10.00
C PRO A 242 33.11 -23.38 8.60
N SER A 243 33.16 -24.30 7.65
CA SER A 243 32.89 -23.98 6.26
C SER A 243 31.40 -23.68 6.02
N LEU A 244 30.51 -24.45 6.64
CA LEU A 244 29.09 -24.16 6.59
C LEU A 244 28.76 -22.82 7.26
N GLN A 245 29.46 -22.53 8.37
CA GLN A 245 29.28 -21.26 9.05
C GLN A 245 29.67 -20.08 8.15
N LYS A 246 30.70 -20.29 7.36
CA LYS A 246 31.22 -19.25 6.47
C LYS A 246 30.19 -18.90 5.39
N ARG A 247 29.64 -19.93 4.77
CA ARG A 247 28.63 -19.79 3.74
C ARG A 247 27.41 -18.97 4.23
N LEU A 248 27.00 -19.18 5.48
CA LEU A 248 25.84 -18.47 5.99
C LEU A 248 26.03 -16.99 5.79
N PHE A 249 27.15 -16.47 6.28
CA PHE A 249 27.50 -15.08 6.08
C PHE A 249 27.74 -14.76 4.62
N GLN A 250 28.22 -15.74 3.85
CA GLN A 250 28.53 -15.47 2.45
C GLN A 250 27.27 -15.35 1.59
N LYS A 251 26.29 -16.24 1.78
CA LYS A 251 25.03 -16.18 1.04
C LYS A 251 24.23 -14.94 1.43
N TYR A 252 24.16 -14.65 2.73
CA TYR A 252 23.47 -13.49 3.25
C TYR A 252 24.09 -12.20 2.70
N GLY A 253 25.40 -12.21 2.44
CA GLY A 253 26.04 -11.13 1.73
C GLY A 253 26.94 -10.20 2.54
N ILE A 254 27.21 -10.59 3.78
CA ILE A 254 28.15 -9.85 4.61
C ILE A 254 29.58 -10.27 4.31
N ASP A 255 30.49 -9.32 4.14
CA ASP A 255 31.85 -9.63 3.72
C ASP A 255 32.81 -9.94 4.84
N ASN A 256 32.55 -9.36 6.01
CA ASN A 256 33.40 -9.57 7.17
C ASN A 256 32.49 -9.58 8.36
N PRO A 257 32.19 -10.78 8.87
CA PRO A 257 31.30 -10.89 10.03
C PRO A 257 31.78 -10.03 11.19
N ASP A 258 30.93 -9.13 11.67
CA ASP A 258 31.23 -8.40 12.89
C ASP A 258 31.31 -9.39 14.07
N MET A 259 32.52 -9.88 14.32
CA MET A 259 32.76 -10.84 15.41
C MET A 259 32.40 -10.29 16.81
N ASN A 260 32.53 -8.97 17.02
CA ASN A 260 32.08 -8.41 18.28
C ASN A 260 30.60 -8.58 18.46
N LYS A 261 29.86 -8.35 17.38
CA LYS A 261 28.42 -8.42 17.42
C LYS A 261 27.98 -9.86 17.59
N LEU A 262 28.61 -10.75 16.83
CA LEU A 262 28.38 -12.18 16.93
C LEU A 262 28.51 -12.61 18.40
N GLN A 263 29.65 -12.26 18.98
CA GLN A 263 30.00 -12.68 20.32
C GLN A 263 28.99 -12.13 21.34
N PHE A 264 28.56 -10.88 21.16
CA PHE A 264 27.55 -10.28 22.05
C PHE A 264 26.22 -11.01 22.04
N HIS A 265 25.73 -11.36 20.85
CA HIS A 265 24.42 -12.00 20.75
C HIS A 265 24.44 -13.42 21.29
N LEU A 266 25.53 -14.12 21.04
CA LEU A 266 25.71 -15.46 21.60
C LEU A 266 25.76 -15.40 23.11
N MET A 267 26.41 -14.39 23.66
CA MET A 267 26.43 -14.24 25.12
C MET A 267 25.05 -13.87 25.66
N LEU A 268 24.25 -13.15 24.88
CA LEU A 268 22.93 -12.77 25.34
C LEU A 268 21.97 -13.95 25.31
N ASP A 269 22.22 -14.89 24.40
CA ASP A 269 21.34 -16.06 24.30
C ASP A 269 21.55 -17.00 25.49
N GLU A 270 22.75 -16.95 26.07
CA GLU A 270 23.11 -17.79 27.21
C GLU A 270 22.10 -17.63 28.32
N PHE A 271 21.53 -16.44 28.43
CA PHE A 271 20.62 -16.06 29.51
C PHE A 271 19.16 -16.44 29.25
N PHE A 272 18.90 -17.19 28.19
CA PHE A 272 17.51 -17.45 27.86
C PHE A 272 17.29 -18.94 27.65
N HIS B 4 18.99 -30.90 21.28
CA HIS B 4 18.05 -31.08 20.16
C HIS B 4 17.02 -32.15 20.49
N ILE B 5 16.58 -32.12 21.75
CA ILE B 5 15.74 -33.15 22.36
C ILE B 5 14.38 -33.36 21.68
N GLN B 6 14.10 -34.61 21.33
CA GLN B 6 12.81 -34.98 20.79
C GLN B 6 12.13 -36.05 21.65
N ARG B 7 11.73 -35.66 22.86
CA ARG B 7 11.13 -36.57 23.83
C ARG B 7 9.61 -36.42 23.85
N GLU B 8 8.90 -37.50 23.54
CA GLU B 8 7.44 -37.45 23.48
C GLU B 8 6.75 -38.56 24.29
N THR B 9 5.90 -38.15 25.22
CA THR B 9 5.08 -39.10 25.99
C THR B 9 3.61 -39.09 25.52
N SER B 10 2.83 -40.06 25.98
CA SER B 10 1.39 -40.05 25.73
C SER B 10 0.73 -39.26 26.85
N CYS B 11 -0.53 -38.89 26.64
CA CYS B 11 -1.35 -38.28 27.69
C CYS B 11 -2.82 -38.33 27.33
N SER B 12 -3.66 -37.89 28.27
CA SER B 12 -5.08 -37.73 27.98
C SER B 12 -5.33 -36.27 27.65
N ARG B 13 -6.51 -35.99 27.07
CA ARG B 13 -6.92 -34.62 26.84
C ARG B 13 -6.81 -33.82 28.14
N PRO B 14 -6.25 -32.60 28.07
CA PRO B 14 -6.09 -31.79 29.27
C PRO B 14 -7.42 -31.19 29.70
N ARG B 15 -7.35 -30.27 30.67
CA ARG B 15 -8.51 -29.76 31.39
C ARG B 15 -8.71 -28.26 31.12
N ASP B 21 -19.00 -18.01 27.67
CA ASP B 21 -20.38 -18.10 28.13
C ASP B 21 -20.42 -18.59 29.57
N ALA B 22 -19.25 -18.92 30.10
CA ALA B 22 -19.13 -19.38 31.47
C ALA B 22 -19.31 -18.20 32.44
N ASP B 23 -18.60 -17.12 32.16
CA ASP B 23 -18.54 -15.97 33.07
C ASP B 23 -19.52 -14.86 32.69
N LEU B 24 -20.40 -15.15 31.74
CA LEU B 24 -21.34 -14.15 31.23
C LEU B 24 -22.76 -14.34 31.78
N TYR B 25 -22.96 -15.36 32.62
CA TYR B 25 -24.28 -15.67 33.17
C TYR B 25 -24.54 -14.89 34.46
N GLY B 26 -25.42 -13.89 34.36
CA GLY B 26 -25.83 -13.12 35.52
C GLY B 26 -25.86 -11.61 35.26
N TYR B 27 -25.28 -11.21 34.14
CA TYR B 27 -25.30 -9.82 33.71
C TYR B 27 -26.39 -9.69 32.66
N ARG B 28 -26.49 -8.54 32.01
CA ARG B 28 -27.41 -8.39 30.89
C ARG B 28 -26.76 -7.66 29.72
N TRP B 29 -27.11 -8.06 28.51
CA TRP B 29 -26.68 -7.35 27.29
C TRP B 29 -27.08 -5.87 27.36
N ALA B 30 -26.28 -5.03 26.72
CA ALA B 30 -26.53 -3.61 26.63
C ALA B 30 -25.63 -3.04 25.54
N ARG B 31 -26.01 -3.30 24.30
CA ARG B 31 -25.24 -2.93 23.12
C ARG B 31 -24.86 -1.45 23.12
N ASP B 32 -23.92 -1.09 22.25
CA ASP B 32 -23.50 0.29 22.14
C ASP B 32 -22.94 0.59 20.74
N ASN B 33 -23.08 1.86 20.33
CA ASN B 33 -22.57 2.29 19.02
C ASN B 33 -21.20 2.97 19.14
N SER B 37 -14.00 2.39 18.35
CA SER B 37 -15.16 2.20 17.48
C SER B 37 -14.81 1.44 16.20
N GLY B 38 -15.81 0.78 15.62
CA GLY B 38 -15.59 -0.13 14.52
C GLY B 38 -15.83 -1.55 15.01
N ALA B 39 -15.64 -1.74 16.30
CA ALA B 39 -15.93 -3.03 16.95
C ALA B 39 -17.10 -2.91 17.90
N THR B 40 -17.93 -3.95 17.94
CA THR B 40 -19.10 -4.00 18.79
C THR B 40 -18.66 -3.88 20.24
N ILE B 41 -19.49 -3.25 21.08
CA ILE B 41 -19.22 -3.14 22.51
C ILE B 41 -20.47 -3.46 23.31
N TYR B 42 -20.34 -4.25 24.36
CA TYR B 42 -21.46 -4.53 25.25
C TYR B 42 -21.09 -4.16 26.67
N ARG B 43 -22.04 -3.64 27.42
CA ARG B 43 -21.84 -3.43 28.85
C ARG B 43 -22.55 -4.57 29.57
N LEU B 44 -21.99 -4.99 30.70
CA LEU B 44 -22.59 -6.07 31.46
C LEU B 44 -22.75 -5.63 32.92
N TYR B 45 -24.01 -5.60 33.36
CA TYR B 45 -24.39 -5.02 34.65
C TYR B 45 -25.53 -5.81 35.28
N GLY B 46 -25.61 -5.74 36.61
CA GLY B 46 -26.66 -6.43 37.33
C GLY B 46 -26.08 -7.10 38.55
N LYS B 47 -25.35 -8.20 38.30
CA LYS B 47 -24.79 -9.05 39.36
C LYS B 47 -24.22 -8.34 40.58
N PRO B 48 -24.72 -8.72 41.77
CA PRO B 48 -24.25 -8.21 43.06
C PRO B 48 -22.86 -8.73 43.33
N ASN B 49 -22.09 -7.99 44.13
CA ASN B 49 -20.70 -8.35 44.46
C ASN B 49 -19.78 -8.31 43.23
N ALA B 50 -20.39 -8.15 42.07
CA ALA B 50 -19.70 -8.31 40.79
C ALA B 50 -19.53 -6.99 40.07
N PRO B 51 -18.30 -6.73 39.60
CA PRO B 51 -17.96 -5.57 38.77
C PRO B 51 -18.76 -5.51 37.47
N GLU B 52 -18.96 -4.31 36.95
CA GLU B 52 -19.55 -4.14 35.63
C GLU B 52 -18.53 -4.58 34.60
N LEU B 53 -19.01 -5.00 33.42
CA LEU B 53 -18.12 -5.54 32.39
C LEU B 53 -18.33 -4.95 30.99
N PHE B 54 -17.27 -5.00 30.18
CA PHE B 54 -17.38 -4.71 28.76
C PHE B 54 -16.89 -5.89 27.91
N LEU B 55 -17.52 -6.06 26.76
CA LEU B 55 -17.14 -7.12 25.85
C LEU B 55 -16.95 -6.55 24.44
N LYS B 56 -15.69 -6.40 24.00
CA LYS B 56 -15.46 -5.99 22.62
C LYS B 56 -15.48 -7.20 21.69
N HIS B 57 -16.05 -7.03 20.52
CA HIS B 57 -16.04 -8.05 19.50
C HIS B 57 -15.51 -7.45 18.21
N GLY B 58 -14.40 -7.98 17.74
CA GLY B 58 -13.79 -7.52 16.52
C GLY B 58 -13.92 -8.59 15.46
N LYS B 59 -14.41 -8.19 14.29
CA LYS B 59 -14.45 -9.08 13.14
C LYS B 59 -13.49 -8.58 12.07
N GLY B 60 -13.10 -9.47 11.18
CA GLY B 60 -12.15 -9.17 10.11
C GLY B 60 -10.95 -8.38 10.58
N SER B 61 -10.79 -7.18 10.02
CA SER B 61 -9.67 -6.30 10.35
C SER B 61 -9.68 -5.89 11.82
N VAL B 62 -10.87 -5.67 12.38
CA VAL B 62 -10.99 -5.20 13.77
C VAL B 62 -10.66 -6.30 14.77
N ALA B 63 -10.61 -7.52 14.29
CA ALA B 63 -10.11 -8.60 15.11
C ALA B 63 -8.63 -8.34 15.41
N ASN B 64 -7.91 -7.77 14.45
CA ASN B 64 -6.57 -7.35 14.74
C ASN B 64 -6.57 -6.21 15.74
N ASP B 65 -7.46 -5.24 15.59
CA ASP B 65 -7.46 -4.13 16.54
C ASP B 65 -7.76 -4.61 17.96
N VAL B 66 -8.71 -5.53 18.09
CA VAL B 66 -9.06 -6.02 19.41
C VAL B 66 -7.88 -6.74 20.04
N THR B 67 -7.23 -7.58 19.25
CA THR B 67 -6.04 -8.31 19.69
C THR B 67 -4.94 -7.35 20.12
N ASP B 68 -4.72 -6.30 19.35
CA ASP B 68 -3.71 -5.30 19.69
C ASP B 68 -4.01 -4.64 21.02
N GLU B 69 -5.28 -4.39 21.28
CA GLU B 69 -5.67 -3.84 22.58
C GLU B 69 -5.38 -4.84 23.73
N MET B 70 -5.75 -6.10 23.53
CA MET B 70 -5.59 -7.14 24.54
C MET B 70 -4.13 -7.26 24.98
N VAL B 71 -3.24 -7.53 24.03
CA VAL B 71 -1.84 -7.72 24.34
C VAL B 71 -1.27 -6.49 25.08
N ARG B 72 -1.73 -5.30 24.73
CA ARG B 72 -1.28 -4.12 25.45
C ARG B 72 -1.95 -3.95 26.82
N LEU B 73 -3.21 -4.34 26.93
CA LEU B 73 -3.86 -4.32 28.23
C LEU B 73 -3.12 -5.24 29.16
N ASN B 74 -2.83 -6.44 28.67
CA ASN B 74 -2.08 -7.43 29.43
C ASN B 74 -0.73 -6.93 29.95
N TRP B 75 0.06 -6.35 29.05
CA TRP B 75 1.37 -5.81 29.43
C TRP B 75 1.33 -4.63 30.39
N LEU B 76 0.60 -3.58 30.03
CA LEU B 76 0.71 -2.31 30.72
C LEU B 76 0.09 -2.35 32.12
N THR B 77 -0.77 -3.32 32.36
CA THR B 77 -1.51 -3.37 33.62
C THR B 77 -0.61 -3.59 34.83
N ALA B 78 0.61 -4.05 34.56
CA ALA B 78 1.56 -4.26 35.63
C ALA B 78 2.29 -2.98 36.03
N PHE B 79 2.05 -1.88 35.31
CA PHE B 79 2.71 -0.62 35.69
C PHE B 79 1.67 0.45 35.97
N MET B 80 0.43 0.17 35.59
CA MET B 80 -0.63 1.19 35.56
C MET B 80 -1.98 0.64 36.01
N PRO B 81 -2.92 1.55 36.25
CA PRO B 81 -4.30 1.12 36.50
C PRO B 81 -5.08 1.04 35.18
N LEU B 82 -5.50 -0.17 34.83
CA LEU B 82 -6.15 -0.44 33.55
C LEU B 82 -7.33 -1.32 33.84
N PRO B 83 -8.27 -1.43 32.89
CA PRO B 83 -9.27 -2.50 33.00
C PRO B 83 -8.54 -3.83 33.10
N THR B 84 -9.03 -4.77 33.88
CA THR B 84 -8.37 -6.07 33.89
C THR B 84 -9.09 -7.09 32.99
N ILE B 85 -8.30 -7.99 32.39
CA ILE B 85 -8.79 -8.86 31.35
C ILE B 85 -9.42 -10.12 31.95
N LYS B 86 -10.73 -10.28 31.78
CA LYS B 86 -11.39 -11.46 32.30
C LYS B 86 -11.21 -12.60 31.31
N HIS B 87 -11.37 -12.29 30.05
CA HIS B 87 -11.36 -13.34 29.06
C HIS B 87 -11.07 -12.79 27.67
N PHE B 88 -10.27 -13.52 26.91
CA PHE B 88 -10.01 -13.17 25.53
C PHE B 88 -10.05 -14.43 24.71
N ILE B 89 -10.71 -14.36 23.57
CA ILE B 89 -10.64 -15.46 22.61
C ILE B 89 -10.39 -14.86 21.24
N ARG B 90 -9.68 -15.63 20.40
CA ARG B 90 -9.35 -15.22 19.06
C ARG B 90 -9.48 -16.44 18.16
N THR B 91 -10.26 -16.32 17.10
CA THR B 91 -10.28 -17.33 16.04
C THR B 91 -9.73 -16.56 14.86
N PRO B 92 -9.61 -17.19 13.67
CA PRO B 92 -8.93 -16.42 12.62
C PRO B 92 -9.64 -15.13 12.18
N ASP B 93 -10.96 -15.08 12.35
CA ASP B 93 -11.71 -13.94 11.84
C ASP B 93 -12.34 -13.12 12.96
N ASP B 94 -12.24 -13.61 14.19
CA ASP B 94 -12.94 -12.92 15.26
C ASP B 94 -12.13 -12.83 16.53
N ALA B 95 -12.32 -11.71 17.23
CA ALA B 95 -11.74 -11.56 18.54
C ALA B 95 -12.82 -11.21 19.54
N TRP B 96 -12.62 -11.63 20.79
CA TRP B 96 -13.52 -11.27 21.87
C TRP B 96 -12.68 -10.88 23.07
N LEU B 97 -12.96 -9.68 23.60
CA LEU B 97 -12.21 -9.12 24.71
C LEU B 97 -13.14 -8.75 25.85
N LEU B 98 -13.04 -9.46 26.96
CA LEU B 98 -13.90 -9.24 28.11
C LEU B 98 -13.08 -8.64 29.26
N THR B 99 -13.44 -7.43 29.66
CA THR B 99 -12.62 -6.67 30.60
C THR B 99 -13.45 -6.15 31.78
N THR B 100 -12.81 -5.82 32.90
CA THR B 100 -13.55 -5.18 33.97
C THR B 100 -13.77 -3.73 33.58
N ALA B 101 -14.72 -3.09 34.24
CA ALA B 101 -15.04 -1.71 33.92
C ALA B 101 -14.49 -0.82 35.02
N ILE B 102 -13.84 0.27 34.63
CA ILE B 102 -13.31 1.20 35.61
C ILE B 102 -14.40 2.21 36.00
N PRO B 103 -14.86 2.14 37.27
CA PRO B 103 -15.97 2.98 37.69
C PRO B 103 -15.51 4.43 37.79
N GLY B 104 -16.43 5.36 37.59
CA GLY B 104 -16.08 6.76 37.63
C GLY B 104 -16.49 7.52 36.37
N LYS B 105 -15.91 8.71 36.22
CA LYS B 105 -16.23 9.64 35.15
C LYS B 105 -14.95 10.04 34.43
N THR B 106 -15.06 10.49 33.18
CA THR B 106 -13.86 10.86 32.43
C THR B 106 -13.33 12.24 32.79
N ALA B 107 -12.08 12.49 32.41
CA ALA B 107 -11.44 13.77 32.61
C ALA B 107 -12.28 14.90 32.04
N PHE B 108 -12.80 14.69 30.84
CA PHE B 108 -13.69 15.65 30.20
C PHE B 108 -14.91 15.94 31.07
N GLN B 109 -15.58 14.89 31.51
CA GLN B 109 -16.76 15.05 32.35
C GLN B 109 -16.42 15.73 33.67
N VAL B 110 -15.29 15.36 34.28
CA VAL B 110 -14.91 15.95 35.56
C VAL B 110 -14.50 17.42 35.40
N LEU B 111 -13.82 17.73 34.29
CA LEU B 111 -13.54 19.12 33.98
C LEU B 111 -14.85 19.89 33.93
N GLU B 112 -15.83 19.30 33.26
CA GLU B 112 -17.07 19.99 32.94
C GLU B 112 -17.89 20.25 34.20
N GLU B 113 -17.76 19.36 35.19
CA GLU B 113 -18.46 19.49 36.48
C GLU B 113 -17.72 20.36 37.50
N TYR B 114 -16.41 20.55 37.31
CA TYR B 114 -15.62 21.32 38.25
C TYR B 114 -14.71 22.33 37.54
N PRO B 115 -15.33 23.26 36.80
CA PRO B 115 -14.56 24.18 35.96
C PRO B 115 -13.59 25.00 36.79
N ASP B 116 -14.02 25.33 38.00
CA ASP B 116 -13.20 26.08 38.95
C ASP B 116 -12.04 25.26 39.49
N SER B 117 -11.93 24.01 39.04
CA SER B 117 -10.86 23.12 39.49
C SER B 117 -9.97 22.73 38.32
N GLY B 118 -10.10 23.47 37.22
CA GLY B 118 -9.37 23.19 36.00
C GLY B 118 -7.88 23.01 36.19
N GLU B 119 -7.25 23.96 36.86
CA GLU B 119 -5.81 23.94 37.04
C GLU B 119 -5.38 22.72 37.83
N ASN B 120 -6.11 22.40 38.89
CA ASN B 120 -5.86 21.18 39.64
C ASN B 120 -6.03 19.92 38.79
N ILE B 121 -7.08 19.88 37.96
CA ILE B 121 -7.33 18.69 37.17
C ILE B 121 -6.19 18.47 36.16
N VAL B 122 -5.86 19.51 35.42
CA VAL B 122 -4.74 19.43 34.51
C VAL B 122 -3.47 19.01 35.26
N ASP B 123 -3.36 19.42 36.53
CA ASP B 123 -2.23 18.99 37.36
C ASP B 123 -2.23 17.45 37.54
N ALA B 124 -3.39 16.89 37.88
CA ALA B 124 -3.51 15.46 38.02
C ALA B 124 -3.17 14.76 36.69
N LEU B 125 -3.65 15.30 35.59
CA LEU B 125 -3.30 14.78 34.28
C LEU B 125 -1.78 14.71 34.07
N ALA B 126 -1.11 15.85 34.21
CA ALA B 126 0.35 15.92 34.08
C ALA B 126 1.09 14.85 34.90
N VAL B 127 0.79 14.79 36.19
CA VAL B 127 1.41 13.81 37.04
C VAL B 127 1.15 12.40 36.51
N PHE B 128 -0.11 12.09 36.22
CA PHE B 128 -0.42 10.78 35.67
C PHE B 128 0.41 10.51 34.44
N LEU B 129 0.44 11.49 33.53
CA LEU B 129 1.27 11.40 32.34
C LEU B 129 2.74 11.12 32.70
N ARG B 130 3.29 11.90 33.62
CA ARG B 130 4.65 11.69 34.14
C ARG B 130 4.86 10.23 34.58
N ARG B 131 3.89 9.70 35.32
CA ARG B 131 3.93 8.31 35.73
C ARG B 131 4.05 7.37 34.52
N LEU B 132 3.22 7.55 33.49
CA LEU B 132 3.28 6.70 32.29
C LEU B 132 4.65 6.75 31.63
N HIS B 133 5.16 7.97 31.48
CA HIS B 133 6.39 8.16 30.73
C HIS B 133 7.63 7.72 31.51
N SER B 134 7.49 7.58 32.81
CA SER B 134 8.58 7.11 33.67
CA SER B 134 8.61 7.12 33.63
C SER B 134 8.84 5.62 33.46
N ILE B 135 7.82 4.89 33.04
CA ILE B 135 8.02 3.48 32.71
C ILE B 135 9.19 3.38 31.73
N PRO B 136 10.26 2.71 32.17
CA PRO B 136 11.53 2.69 31.46
C PRO B 136 11.38 1.89 30.19
N VAL B 137 11.84 2.43 29.06
CA VAL B 137 11.50 1.84 27.77
C VAL B 137 11.93 0.39 27.67
N CYS B 138 12.99 0.05 28.38
CA CYS B 138 13.58 -1.29 28.27
C CYS B 138 12.59 -2.39 28.68
N ASN B 139 11.43 -2.02 29.22
CA ASN B 139 10.40 -3.01 29.58
C ASN B 139 9.31 -3.22 28.52
N CYS B 140 9.29 -2.38 27.49
CA CYS B 140 8.14 -2.33 26.58
C CYS B 140 8.41 -3.09 25.28
N PRO B 141 7.59 -4.12 25.02
CA PRO B 141 7.67 -4.99 23.82
C PRO B 141 7.03 -4.35 22.55
N PHE B 142 6.59 -3.10 22.67
CA PHE B 142 5.86 -2.50 21.59
C PHE B 142 6.52 -1.31 20.93
N ASN B 143 6.47 -1.35 19.60
CA ASN B 143 6.96 -0.27 18.76
C ASN B 143 5.81 0.58 18.21
N SER B 144 5.87 1.88 18.45
CA SER B 144 4.92 2.79 17.81
C SER B 144 5.54 4.14 17.51
N ASP B 145 6.78 4.09 17.02
CA ASP B 145 7.55 5.27 16.72
C ASP B 145 6.94 6.00 15.51
N ARG B 146 7.49 7.16 15.16
CA ARG B 146 6.85 7.95 14.13
C ARG B 146 6.85 7.27 12.77
N VAL B 147 7.88 6.46 12.51
CA VAL B 147 8.02 5.79 11.22
C VAL B 147 6.92 4.76 11.03
N PHE B 148 6.60 4.03 12.10
CA PHE B 148 5.58 2.99 12.08
C PHE B 148 4.20 3.59 11.95
N ARG B 149 3.99 4.73 12.62
CA ARG B 149 2.70 5.43 12.59
C ARG B 149 2.49 6.10 11.22
N LEU B 150 3.53 6.75 10.71
CA LEU B 150 3.48 7.36 9.38
C LEU B 150 3.00 6.38 8.32
N ALA B 151 3.56 5.17 8.38
CA ALA B 151 3.19 4.09 7.47
C ALA B 151 1.70 3.75 7.55
N GLN B 152 1.21 3.53 8.76
CA GLN B 152 -0.19 3.30 9.03
C GLN B 152 -1.00 4.49 8.53
N ALA B 153 -0.45 5.69 8.69
CA ALA B 153 -1.12 6.89 8.22
C ALA B 153 -1.31 6.85 6.70
N GLN B 154 -0.21 6.67 5.96
CA GLN B 154 -0.26 6.65 4.51
C GLN B 154 -1.19 5.58 3.99
N SER B 155 -1.25 4.47 4.70
CA SER B 155 -2.08 3.35 4.27
C SER B 155 -3.53 3.80 4.34
N ARG B 156 -3.85 4.48 5.43
CA ARG B 156 -5.22 4.94 5.70
C ARG B 156 -5.70 5.98 4.70
N MET B 157 -4.82 6.92 4.36
CA MET B 157 -5.09 7.91 3.34
C MET B 157 -5.44 7.21 2.05
N ASN B 158 -4.49 6.45 1.52
CA ASN B 158 -4.70 5.73 0.26
C ASN B 158 -5.82 4.70 0.31
N ASN B 159 -6.42 4.48 1.47
CA ASN B 159 -7.59 3.62 1.49
C ASN B 159 -8.89 4.40 1.77
N GLY B 160 -8.79 5.74 1.71
CA GLY B 160 -9.94 6.60 1.92
C GLY B 160 -10.55 6.43 3.28
N LEU B 161 -9.70 6.26 4.29
CA LEU B 161 -10.17 5.98 5.64
C LEU B 161 -10.04 7.22 6.51
N VAL B 162 -9.27 8.20 6.06
CA VAL B 162 -9.12 9.43 6.81
C VAL B 162 -10.42 10.24 6.86
N ASP B 163 -10.85 10.58 8.07
CA ASP B 163 -12.02 11.42 8.30
C ASP B 163 -11.69 12.89 8.11
N ALA B 164 -11.80 13.40 6.90
CA ALA B 164 -11.42 14.80 6.65
C ALA B 164 -12.34 15.80 7.34
N SER B 165 -13.49 15.31 7.80
CA SER B 165 -14.46 16.18 8.47
C SER B 165 -14.01 16.53 9.88
N ASP B 166 -13.04 15.79 10.39
CA ASP B 166 -12.71 15.88 11.80
C ASP B 166 -11.35 16.52 12.05
N PHE B 167 -10.77 17.13 11.02
CA PHE B 167 -9.49 17.83 11.15
C PHE B 167 -9.55 18.96 12.19
N ASP B 168 -8.39 19.42 12.66
CA ASP B 168 -8.37 20.52 13.63
C ASP B 168 -8.70 21.80 12.90
N ASP B 169 -8.97 22.86 13.64
CA ASP B 169 -9.44 24.09 13.03
C ASP B 169 -8.45 24.65 12.01
N GLU B 170 -7.19 24.66 12.39
CA GLU B 170 -6.13 25.17 11.54
C GLU B 170 -5.95 24.41 10.20
N ARG B 171 -6.69 23.31 10.03
CA ARG B 171 -6.66 22.51 8.80
C ARG B 171 -8.07 22.13 8.40
N ASN B 172 -9.05 22.82 8.97
CA ASN B 172 -10.42 22.71 8.50
C ASN B 172 -10.48 22.90 6.99
N GLY B 173 -11.10 21.96 6.29
CA GLY B 173 -11.27 22.06 4.85
C GLY B 173 -10.13 21.61 3.95
N TRP B 174 -8.90 21.53 4.48
CA TRP B 174 -7.79 20.97 3.73
C TRP B 174 -8.12 19.57 3.26
N PRO B 175 -7.63 19.20 2.08
CA PRO B 175 -7.67 17.78 1.69
C PRO B 175 -6.51 17.00 2.32
N VAL B 176 -6.72 15.71 2.52
CA VAL B 176 -5.77 14.83 3.21
C VAL B 176 -4.35 14.94 2.67
N GLU B 177 -4.22 14.99 1.36
CA GLU B 177 -2.89 15.02 0.74
C GLU B 177 -2.12 16.29 1.10
N GLN B 178 -2.84 17.35 1.40
CA GLN B 178 -2.18 18.58 1.82
C GLN B 178 -1.66 18.42 3.24
N VAL B 179 -2.48 17.81 4.09
CA VAL B 179 -2.07 17.51 5.45
C VAL B 179 -0.84 16.60 5.45
N TRP B 180 -0.83 15.64 4.54
CA TRP B 180 0.26 14.69 4.40
C TRP B 180 1.55 15.40 3.99
N LYS B 181 1.47 16.15 2.90
CA LYS B 181 2.62 16.90 2.43
C LYS B 181 3.17 17.87 3.49
N GLU B 182 2.31 18.70 4.07
CA GLU B 182 2.76 19.67 5.09
C GLU B 182 3.38 19.06 6.35
N MET B 183 2.85 17.90 6.78
CA MET B 183 3.36 17.24 7.95
C MET B 183 4.81 16.84 7.77
N HIS B 184 5.13 16.36 6.57
CA HIS B 184 6.49 15.92 6.27
C HIS B 184 7.48 17.08 6.15
N LYS B 185 6.98 18.31 6.21
CA LYS B 185 7.84 19.47 6.15
C LYS B 185 8.31 19.87 7.52
N LEU B 186 7.73 19.26 8.54
CA LEU B 186 8.19 19.44 9.91
C LEU B 186 9.33 18.45 10.19
N LEU B 187 9.23 17.27 9.57
CA LEU B 187 10.29 16.26 9.65
C LEU B 187 11.58 16.80 9.06
N PRO B 188 12.72 16.32 9.56
CA PRO B 188 12.89 15.38 10.67
C PRO B 188 13.13 16.06 12.02
N PHE B 189 13.11 15.24 13.07
CA PHE B 189 13.48 15.65 14.42
C PHE B 189 13.93 14.42 15.20
N SER B 190 14.52 14.61 16.36
CA SER B 190 15.06 13.49 17.09
C SER B 190 14.14 12.95 18.16
N PRO B 191 13.91 11.66 18.13
CA PRO B 191 13.14 10.96 19.15
C PRO B 191 13.58 11.26 20.59
N ASP B 192 12.63 11.72 21.38
CA ASP B 192 12.73 11.77 22.82
C ASP B 192 11.82 10.63 23.31
N SER B 193 12.32 9.39 23.18
CA SER B 193 11.46 8.20 23.28
C SER B 193 11.09 7.73 24.68
N VAL B 194 9.80 7.52 24.89
CA VAL B 194 9.29 6.94 26.13
C VAL B 194 8.14 5.98 25.83
N VAL B 195 7.59 5.39 26.88
CA VAL B 195 6.39 4.58 26.75
C VAL B 195 5.17 5.50 26.64
N THR B 196 4.47 5.40 25.52
CA THR B 196 3.34 6.26 25.24
C THR B 196 2.01 5.52 25.27
N HIS B 197 0.96 6.27 25.59
CA HIS B 197 -0.39 5.74 25.54
C HIS B 197 -0.91 5.69 24.08
N GLY B 198 -0.69 6.73 23.31
CA GLY B 198 -1.10 6.66 21.92
C GLY B 198 -2.40 7.38 21.58
N ASP B 199 -3.29 7.51 22.58
CA ASP B 199 -4.50 8.31 22.45
C ASP B 199 -4.86 8.96 23.81
N PHE B 200 -3.98 9.84 24.28
CA PHE B 200 -4.08 10.41 25.63
C PHE B 200 -5.04 11.59 25.71
N SER B 201 -6.31 11.28 25.57
CA SER B 201 -7.35 12.27 25.40
C SER B 201 -8.18 12.33 26.65
N LEU B 202 -8.97 13.40 26.80
CA LEU B 202 -9.78 13.58 27.99
C LEU B 202 -10.85 12.49 28.10
N ASP B 203 -11.25 11.92 26.97
CA ASP B 203 -12.21 10.82 26.98
C ASP B 203 -11.66 9.54 27.61
N ASN B 204 -10.34 9.38 27.61
CA ASN B 204 -9.76 8.09 27.95
C ASN B 204 -9.08 8.03 29.30
N LEU B 205 -9.27 9.06 30.11
CA LEU B 205 -8.69 9.06 31.44
C LEU B 205 -9.85 9.09 32.40
N ILE B 206 -9.81 8.21 33.41
CA ILE B 206 -10.95 8.04 34.30
C ILE B 206 -10.67 8.51 35.73
N PHE B 207 -11.55 9.36 36.24
CA PHE B 207 -11.51 9.79 37.63
C PHE B 207 -12.52 9.01 38.44
N ASP B 208 -12.24 8.81 39.72
CA ASP B 208 -13.27 8.42 40.69
C ASP B 208 -12.84 8.98 42.03
N GLU B 209 -13.83 9.36 42.83
CA GLU B 209 -13.59 10.00 44.13
C GLU B 209 -12.45 11.03 44.06
N GLY B 210 -12.43 11.83 43.00
CA GLY B 210 -11.47 12.92 42.86
C GLY B 210 -10.04 12.51 42.55
N LYS B 211 -9.85 11.28 42.10
CA LYS B 211 -8.51 10.79 41.84
C LYS B 211 -8.45 10.07 40.51
N LEU B 212 -7.43 10.41 39.72
CA LEU B 212 -7.22 9.80 38.43
C LEU B 212 -6.83 8.37 38.72
N ILE B 213 -7.73 7.44 38.43
CA ILE B 213 -7.50 6.06 38.81
C ILE B 213 -7.57 5.07 37.65
N GLY B 214 -7.23 5.51 36.45
CA GLY B 214 -7.23 4.61 35.32
C GLY B 214 -7.17 5.27 33.95
N CYS B 215 -6.69 4.50 32.99
CA CYS B 215 -6.82 4.91 31.61
C CYS B 215 -7.25 3.69 30.84
N ILE B 216 -7.81 3.92 29.66
CA ILE B 216 -8.41 2.88 28.83
C ILE B 216 -7.98 3.10 27.40
N ASP B 217 -8.49 2.28 26.50
CA ASP B 217 -8.24 2.39 25.08
C ASP B 217 -6.74 2.39 24.78
N VAL B 218 -6.06 1.33 25.21
CA VAL B 218 -4.58 1.26 25.16
C VAL B 218 -4.04 0.60 23.87
N GLY B 219 -4.92 0.39 22.91
CA GLY B 219 -4.56 -0.22 21.65
C GLY B 219 -3.36 0.32 20.89
N ARG B 220 -2.93 1.55 21.16
CA ARG B 220 -1.76 2.10 20.45
C ARG B 220 -0.57 2.29 21.38
N VAL B 221 -0.62 1.61 22.53
CA VAL B 221 0.46 1.74 23.49
C VAL B 221 1.75 1.24 22.86
N GLY B 222 2.85 1.94 23.13
CA GLY B 222 4.12 1.47 22.64
C GLY B 222 5.15 2.56 22.76
N ILE B 223 6.38 2.26 22.34
CA ILE B 223 7.46 3.21 22.49
C ILE B 223 7.37 4.29 21.43
N ALA B 224 7.29 5.55 21.85
CA ALA B 224 7.23 6.66 20.91
C ALA B 224 7.69 7.93 21.58
N ASP B 225 7.61 9.03 20.84
CA ASP B 225 8.02 10.32 21.39
C ASP B 225 6.96 10.82 22.37
N ARG B 226 7.39 11.53 23.40
CA ARG B 226 6.48 11.90 24.47
C ARG B 226 5.46 12.90 23.97
N TYR B 227 5.81 13.65 22.92
CA TYR B 227 4.85 14.57 22.32
C TYR B 227 3.61 13.89 21.73
N GLN B 228 3.72 12.64 21.31
CA GLN B 228 2.56 11.89 20.90
C GLN B 228 1.44 11.92 21.95
N ASP B 229 1.79 11.86 23.22
CA ASP B 229 0.78 11.97 24.27
C ASP B 229 0.49 13.41 24.70
N LEU B 230 1.50 14.29 24.75
CA LEU B 230 1.25 15.66 25.12
C LEU B 230 0.35 16.30 24.07
N ALA B 231 0.74 16.15 22.81
CA ALA B 231 -0.01 16.78 21.71
C ALA B 231 -1.49 16.52 21.82
N ILE B 232 -1.86 15.25 22.00
CA ILE B 232 -3.26 14.88 22.04
C ILE B 232 -3.96 15.45 23.27
N LEU B 233 -3.40 15.25 24.45
CA LEU B 233 -3.99 15.87 25.63
C LEU B 233 -4.08 17.39 25.41
N TRP B 234 -2.99 17.98 24.97
CA TRP B 234 -2.91 19.42 24.80
C TRP B 234 -4.03 19.88 23.85
N ASN B 235 -4.35 19.05 22.88
CA ASN B 235 -5.42 19.38 21.93
C ASN B 235 -6.78 19.44 22.62
N CYS B 236 -7.18 18.34 23.24
CA CYS B 236 -8.37 18.33 24.10
C CYS B 236 -8.50 19.53 25.02
N LEU B 237 -7.42 19.93 25.66
CA LEU B 237 -7.48 21.03 26.62
C LEU B 237 -7.77 22.36 25.92
N GLY B 238 -7.54 22.40 24.62
CA GLY B 238 -7.90 23.54 23.81
C GLY B 238 -9.38 23.88 23.89
N GLU B 239 -10.20 22.91 24.28
CA GLU B 239 -11.62 23.20 24.43
C GLU B 239 -11.93 23.83 25.79
N PHE B 240 -10.88 24.15 26.52
CA PHE B 240 -11.10 24.79 27.79
C PHE B 240 -10.36 26.13 27.81
N SER B 241 -9.04 26.12 27.91
CA SER B 241 -8.31 27.37 27.78
C SER B 241 -6.92 27.18 27.23
N PRO B 242 -6.33 28.24 26.67
CA PRO B 242 -4.91 28.22 26.33
C PRO B 242 -4.07 28.06 27.60
N SER B 243 -4.54 28.67 28.67
CA SER B 243 -3.86 28.61 29.95
C SER B 243 -3.82 27.18 30.50
N LEU B 244 -4.90 26.42 30.30
CA LEU B 244 -4.89 25.02 30.71
C LEU B 244 -3.97 24.23 29.78
N GLN B 245 -3.98 24.60 28.49
CA GLN B 245 -3.05 24.03 27.52
C GLN B 245 -1.57 24.15 27.96
N LYS B 246 -1.15 25.36 28.34
CA LYS B 246 0.24 25.59 28.72
C LYS B 246 0.60 25.03 30.11
N ARG B 247 -0.36 25.02 31.03
CA ARG B 247 -0.11 24.47 32.34
C ARG B 247 0.25 23.01 32.24
N LEU B 248 -0.33 22.31 31.26
CA LEU B 248 -0.04 20.89 31.07
C LEU B 248 1.46 20.66 30.85
N PHE B 249 2.04 21.43 29.94
CA PHE B 249 3.47 21.33 29.71
C PHE B 249 4.27 21.72 30.94
N GLN B 250 3.90 22.84 31.57
CA GLN B 250 4.57 23.27 32.81
C GLN B 250 4.70 22.13 33.82
N LYS B 251 3.58 21.69 34.39
CA LYS B 251 3.60 20.67 35.43
C LYS B 251 4.20 19.32 34.99
N TYR B 252 4.15 19.05 33.69
CA TYR B 252 4.76 17.83 33.18
C TYR B 252 6.26 17.93 33.40
N GLY B 253 6.80 19.11 33.11
CA GLY B 253 8.21 19.40 33.30
C GLY B 253 8.83 20.21 32.18
N ILE B 254 8.10 20.39 31.09
CA ILE B 254 8.62 21.15 29.96
C ILE B 254 8.20 22.61 30.03
N ASP B 255 9.19 23.50 30.06
CA ASP B 255 8.94 24.93 30.14
C ASP B 255 8.76 25.56 28.76
N ASN B 256 9.60 25.15 27.81
CA ASN B 256 9.52 25.65 26.45
C ASN B 256 9.12 24.57 25.44
N PRO B 257 7.81 24.43 25.20
CA PRO B 257 7.22 23.40 24.32
C PRO B 257 7.80 23.39 22.90
N ASP B 258 8.21 22.21 22.44
CA ASP B 258 8.73 22.06 21.09
C ASP B 258 7.60 22.10 20.05
N MET B 259 7.20 23.32 19.69
CA MET B 259 6.11 23.56 18.77
C MET B 259 6.16 22.76 17.49
N ASN B 260 7.35 22.54 16.93
CA ASN B 260 7.47 21.69 15.76
C ASN B 260 7.01 20.28 16.10
N LYS B 261 7.60 19.72 17.16
CA LYS B 261 7.24 18.37 17.61
C LYS B 261 5.74 18.22 17.93
N LEU B 262 5.18 19.26 18.56
CA LEU B 262 3.76 19.33 18.84
C LEU B 262 2.94 19.27 17.52
N GLN B 263 3.16 20.25 16.65
N GLN B 263 3.16 20.25 16.64
CA GLN B 263 2.43 20.34 15.38
CA GLN B 263 2.44 20.32 15.37
C GLN B 263 2.55 19.03 14.59
C GLN B 263 2.54 19.03 14.60
N PHE B 264 3.70 18.38 14.66
CA PHE B 264 3.85 17.12 13.98
C PHE B 264 2.88 16.08 14.54
N HIS B 265 2.81 15.99 15.86
CA HIS B 265 1.96 14.95 16.43
C HIS B 265 0.47 15.21 16.28
N LEU B 266 0.09 16.48 16.40
CA LEU B 266 -1.27 16.89 16.04
C LEU B 266 -1.60 16.54 14.60
N MET B 267 -0.69 16.87 13.69
CA MET B 267 -0.97 16.56 12.29
C MET B 267 -1.06 15.06 12.09
N LEU B 268 -0.20 14.34 12.78
CA LEU B 268 -0.19 12.90 12.66
C LEU B 268 -1.51 12.28 13.11
N ASP B 269 -2.19 12.86 14.09
CA ASP B 269 -3.46 12.33 14.59
C ASP B 269 -4.63 12.60 13.63
N GLU B 270 -4.43 13.48 12.65
CA GLU B 270 -5.47 13.77 11.70
C GLU B 270 -5.85 12.52 10.91
N PHE B 271 -4.98 11.52 10.93
CA PHE B 271 -5.15 10.37 10.06
C PHE B 271 -5.80 9.17 10.75
N PHE B 272 -6.29 9.34 11.97
CA PHE B 272 -6.56 8.18 12.79
C PHE B 272 -7.95 8.11 13.43
N THR C 9 -7.96 -8.45 -49.71
CA THR C 9 -8.32 -9.83 -50.04
C THR C 9 -9.03 -10.54 -48.87
N SER C 10 -9.78 -11.59 -49.21
CA SER C 10 -10.42 -12.46 -48.22
C SER C 10 -9.40 -13.51 -47.74
N CYS C 11 -9.82 -14.35 -46.79
CA CYS C 11 -9.05 -15.53 -46.39
C CYS C 11 -9.73 -16.39 -45.32
N SER C 12 -9.27 -17.62 -45.19
CA SER C 12 -9.56 -18.47 -44.03
C SER C 12 -8.50 -18.21 -42.98
N ARG C 13 -8.63 -18.84 -41.83
CA ARG C 13 -7.68 -18.60 -40.76
C ARG C 13 -6.35 -19.33 -41.00
N PRO C 14 -5.23 -18.63 -40.76
CA PRO C 14 -3.84 -19.14 -40.77
C PRO C 14 -3.66 -20.40 -39.92
N ARG C 15 -2.61 -21.16 -40.17
CA ARG C 15 -2.42 -22.43 -39.49
C ARG C 15 -2.23 -22.26 -37.97
N LEU C 16 -1.81 -21.07 -37.57
CA LEU C 16 -1.63 -20.72 -36.16
C LEU C 16 -0.57 -21.56 -35.43
N ASN C 17 -0.41 -21.29 -34.14
CA ASN C 17 0.62 -21.91 -33.31
C ASN C 17 0.63 -23.44 -33.31
N SER C 18 -0.48 -24.03 -32.89
CA SER C 18 -0.57 -25.47 -32.59
C SER C 18 0.57 -25.85 -31.64
N ASN C 19 0.85 -24.98 -30.69
CA ASN C 19 2.10 -25.06 -29.95
C ASN C 19 1.97 -25.04 -28.42
N LEU C 20 0.94 -24.35 -27.90
CA LEU C 20 0.85 -24.08 -26.46
C LEU C 20 0.87 -25.30 -25.52
N ASP C 21 -0.23 -26.04 -25.46
CA ASP C 21 -0.38 -27.18 -24.56
C ASP C 21 0.78 -28.17 -24.67
N ALA C 22 1.12 -28.50 -25.91
CA ALA C 22 2.14 -29.47 -26.25
C ALA C 22 3.43 -29.34 -25.43
N ASP C 23 4.28 -28.40 -25.81
CA ASP C 23 5.60 -28.13 -25.20
C ASP C 23 5.86 -28.68 -23.79
N LEU C 24 4.81 -28.76 -22.98
CA LEU C 24 4.93 -29.20 -21.59
C LEU C 24 4.60 -30.67 -21.37
N TYR C 25 4.09 -31.34 -22.41
CA TYR C 25 3.61 -32.71 -22.24
C TYR C 25 4.65 -33.67 -21.69
N GLY C 26 4.37 -34.23 -20.52
CA GLY C 26 5.23 -35.23 -19.92
C GLY C 26 6.39 -34.68 -19.13
N TYR C 27 6.21 -33.50 -18.54
CA TYR C 27 7.22 -32.94 -17.65
C TYR C 27 6.73 -33.06 -16.22
N ARG C 28 7.50 -32.54 -15.27
CA ARG C 28 7.11 -32.58 -13.88
C ARG C 28 7.13 -31.19 -13.28
N TRP C 29 5.99 -30.75 -12.71
N TRP C 29 6.02 -30.78 -12.68
CA TRP C 29 5.94 -29.48 -11.99
CA TRP C 29 5.95 -29.50 -11.97
C TRP C 29 6.95 -29.52 -10.82
C TRP C 29 6.91 -29.51 -10.78
N ALA C 30 7.35 -28.33 -10.36
CA ALA C 30 8.21 -28.19 -9.17
C ALA C 30 8.40 -26.71 -8.80
N ARG C 31 7.38 -26.11 -8.19
CA ARG C 31 7.43 -24.69 -7.79
C ARG C 31 8.77 -24.34 -7.13
N ASP C 32 9.28 -23.14 -7.43
CA ASP C 32 10.65 -22.78 -7.09
C ASP C 32 10.75 -21.47 -6.33
N ASN C 33 9.74 -21.19 -5.50
CA ASN C 33 9.77 -20.03 -4.60
C ASN C 33 8.93 -20.24 -3.33
N SER C 37 10.04 -13.51 -4.85
CA SER C 37 10.20 -12.07 -5.08
C SER C 37 9.65 -11.61 -6.44
N GLY C 38 8.32 -11.62 -6.59
CA GLY C 38 7.67 -11.17 -7.81
C GLY C 38 7.20 -12.28 -8.74
N ALA C 39 8.10 -12.74 -9.60
CA ALA C 39 7.77 -13.78 -10.58
C ALA C 39 7.61 -15.16 -9.94
N THR C 40 6.74 -15.98 -10.50
CA THR C 40 6.47 -17.30 -9.96
C THR C 40 7.07 -18.40 -10.86
N ILE C 41 8.24 -18.90 -10.50
CA ILE C 41 9.00 -19.82 -11.34
C ILE C 41 8.67 -21.29 -11.05
N TYR C 42 8.63 -22.12 -12.09
CA TYR C 42 8.47 -23.56 -11.92
C TYR C 42 9.63 -24.27 -12.60
N ARG C 43 10.21 -25.27 -11.93
CA ARG C 43 11.19 -26.14 -12.57
C ARG C 43 10.43 -27.23 -13.29
N LEU C 44 10.81 -27.51 -14.53
CA LEU C 44 10.16 -28.54 -15.32
C LEU C 44 11.18 -29.59 -15.79
N TYR C 45 11.04 -30.80 -15.24
CA TYR C 45 12.06 -31.83 -15.37
C TYR C 45 11.40 -33.19 -15.64
N GLY C 46 12.22 -34.18 -15.98
CA GLY C 46 11.75 -35.56 -16.00
C GLY C 46 11.43 -36.17 -17.35
N LYS C 47 11.13 -35.34 -18.35
CA LYS C 47 10.84 -35.84 -19.69
C LYS C 47 12.11 -36.32 -20.38
N PRO C 48 12.20 -37.62 -20.68
CA PRO C 48 13.38 -38.19 -21.32
C PRO C 48 13.70 -37.52 -22.65
N ASN C 49 15.00 -37.34 -22.92
CA ASN C 49 15.51 -36.66 -24.12
C ASN C 49 15.30 -35.15 -24.16
N ALA C 50 14.44 -34.66 -23.28
CA ALA C 50 14.01 -33.26 -23.30
C ALA C 50 14.54 -32.48 -22.11
N PRO C 51 15.28 -31.39 -22.38
CA PRO C 51 15.99 -30.63 -21.34
C PRO C 51 15.08 -30.04 -20.26
N GLU C 52 15.70 -29.60 -19.16
CA GLU C 52 14.96 -28.93 -18.10
C GLU C 52 14.40 -27.60 -18.60
N LEU C 53 13.22 -27.24 -18.10
CA LEU C 53 12.57 -26.00 -18.49
C LEU C 53 12.20 -25.16 -17.29
N PHE C 54 12.46 -23.87 -17.36
CA PHE C 54 11.92 -22.93 -16.40
C PHE C 54 10.69 -22.25 -16.97
N LEU C 55 9.55 -22.42 -16.31
CA LEU C 55 8.38 -21.65 -16.69
C LEU C 55 8.22 -20.52 -15.70
N LYS C 56 8.31 -19.28 -16.19
CA LYS C 56 8.16 -18.11 -15.34
C LYS C 56 6.88 -17.37 -15.68
N HIS C 57 6.13 -16.98 -14.66
CA HIS C 57 4.82 -16.38 -14.85
C HIS C 57 4.62 -15.16 -13.96
N GLY C 58 4.52 -13.99 -14.59
CA GLY C 58 4.23 -12.76 -13.87
C GLY C 58 2.82 -12.21 -14.11
N LYS C 59 2.27 -11.58 -13.08
CA LYS C 59 0.99 -10.88 -13.18
C LYS C 59 1.18 -9.41 -12.83
N GLY C 60 0.29 -8.55 -13.33
CA GLY C 60 0.35 -7.13 -13.04
C GLY C 60 1.68 -6.51 -13.41
N SER C 61 2.30 -5.79 -12.47
CA SER C 61 3.63 -5.23 -12.67
C SER C 61 4.66 -6.28 -13.10
N VAL C 62 4.55 -7.46 -12.50
CA VAL C 62 5.49 -8.54 -12.80
C VAL C 62 5.37 -9.01 -14.26
N ALA C 63 4.19 -8.87 -14.83
CA ALA C 63 4.02 -9.23 -16.25
C ALA C 63 4.95 -8.42 -17.15
N ASN C 64 5.01 -7.10 -16.94
CA ASN C 64 5.99 -6.28 -17.65
C ASN C 64 7.41 -6.71 -17.38
N ASP C 65 7.71 -7.01 -16.12
CA ASP C 65 9.01 -7.55 -15.75
C ASP C 65 9.36 -8.78 -16.60
N VAL C 66 8.45 -9.74 -16.67
CA VAL C 66 8.73 -10.92 -17.49
C VAL C 66 8.78 -10.58 -18.98
N THR C 67 7.94 -9.63 -19.42
CA THR C 67 7.96 -9.18 -20.80
C THR C 67 9.32 -8.56 -21.15
N ASP C 68 9.84 -7.69 -20.29
CA ASP C 68 11.13 -7.02 -20.55
C ASP C 68 12.25 -8.07 -20.65
N GLU C 69 12.15 -9.10 -19.81
CA GLU C 69 13.13 -10.15 -19.81
C GLU C 69 13.10 -10.89 -21.16
N MET C 70 11.89 -11.25 -21.60
CA MET C 70 11.74 -12.00 -22.84
C MET C 70 12.38 -11.30 -24.02
N VAL C 71 12.05 -10.03 -24.26
CA VAL C 71 12.62 -9.33 -25.42
CA VAL C 71 12.61 -9.32 -25.42
C VAL C 71 14.11 -9.15 -25.27
N ARG C 72 14.56 -8.93 -24.04
CA ARG C 72 15.98 -8.86 -23.91
C ARG C 72 16.64 -10.23 -24.19
N LEU C 73 16.08 -11.31 -23.68
CA LEU C 73 16.55 -12.67 -23.99
C LEU C 73 16.58 -12.93 -25.49
N ASN C 74 15.53 -12.51 -26.16
CA ASN C 74 15.45 -12.68 -27.61
C ASN C 74 16.58 -11.98 -28.36
N TRP C 75 16.89 -10.75 -27.98
CA TRP C 75 17.87 -9.97 -28.73
C TRP C 75 19.28 -10.45 -28.48
N LEU C 76 19.62 -10.59 -27.21
CA LEU C 76 20.99 -10.89 -26.80
C LEU C 76 21.46 -12.27 -27.25
N THR C 77 20.52 -13.21 -27.41
CA THR C 77 20.95 -14.60 -27.59
C THR C 77 21.71 -14.80 -28.90
N ALA C 78 21.61 -13.83 -29.79
CA ALA C 78 22.39 -13.75 -31.02
C ALA C 78 23.83 -13.29 -30.78
N PHE C 79 24.22 -13.12 -29.51
CA PHE C 79 25.61 -12.71 -29.21
C PHE C 79 26.21 -13.57 -28.11
N MET C 80 25.37 -14.00 -27.17
CA MET C 80 25.80 -14.65 -25.94
C MET C 80 25.10 -15.98 -25.69
N PRO C 81 25.71 -16.86 -24.89
CA PRO C 81 25.00 -18.09 -24.55
C PRO C 81 23.93 -17.79 -23.50
N LEU C 82 22.66 -18.03 -23.84
CA LEU C 82 21.52 -17.70 -22.99
C LEU C 82 20.52 -18.82 -22.99
N PRO C 83 19.59 -18.84 -22.01
CA PRO C 83 18.45 -19.74 -22.11
C PRO C 83 17.78 -19.45 -23.43
N THR C 84 17.18 -20.45 -24.08
CA THR C 84 16.44 -20.15 -25.30
C THR C 84 14.94 -20.16 -25.04
N ILE C 85 14.23 -19.28 -25.73
CA ILE C 85 12.81 -19.11 -25.53
C ILE C 85 12.07 -20.15 -26.33
N LYS C 86 11.27 -20.96 -25.64
CA LYS C 86 10.58 -22.04 -26.30
C LYS C 86 9.18 -21.57 -26.61
N HIS C 87 8.69 -20.62 -25.81
CA HIS C 87 7.30 -20.19 -25.89
C HIS C 87 7.11 -18.97 -25.01
N PHE C 88 6.45 -17.94 -25.53
CA PHE C 88 6.10 -16.79 -24.70
C PHE C 88 4.65 -16.38 -24.95
N ILE C 89 3.91 -16.15 -23.88
CA ILE C 89 2.55 -15.64 -23.99
C ILE C 89 2.35 -14.40 -23.13
N ARG C 90 1.68 -13.39 -23.69
CA ARG C 90 1.32 -12.20 -22.95
C ARG C 90 -0.14 -11.89 -23.17
N THR C 91 -0.88 -11.74 -22.08
CA THR C 91 -2.26 -11.26 -22.14
C THR C 91 -2.23 -9.95 -21.35
N PRO C 92 -3.38 -9.25 -21.20
CA PRO C 92 -3.24 -7.93 -20.55
C PRO C 92 -2.70 -7.97 -19.12
N ASP C 93 -3.17 -8.89 -18.30
CA ASP C 93 -2.70 -8.96 -16.92
C ASP C 93 -1.65 -10.06 -16.63
N ASP C 94 -1.20 -10.79 -17.66
CA ASP C 94 -0.32 -11.95 -17.44
C ASP C 94 0.73 -12.16 -18.52
N ALA C 95 1.89 -12.65 -18.12
CA ALA C 95 2.93 -13.04 -19.04
C ALA C 95 3.42 -14.42 -18.65
N TRP C 96 3.83 -15.21 -19.63
CA TRP C 96 4.37 -16.53 -19.36
C TRP C 96 5.59 -16.70 -20.22
N LEU C 97 6.68 -17.14 -19.61
CA LEU C 97 7.94 -17.31 -20.32
C LEU C 97 8.45 -18.73 -20.11
N LEU C 98 8.48 -19.49 -21.19
CA LEU C 98 8.96 -20.87 -21.15
C LEU C 98 10.34 -20.96 -21.82
N THR C 99 11.35 -21.29 -21.04
CA THR C 99 12.74 -21.29 -21.51
C THR C 99 13.49 -22.58 -21.20
N THR C 100 14.56 -22.82 -21.94
CA THR C 100 15.43 -23.95 -21.67
C THR C 100 16.32 -23.64 -20.47
N ALA C 101 16.70 -24.68 -19.73
CA ALA C 101 17.54 -24.48 -18.55
C ALA C 101 18.98 -24.65 -18.93
N ILE C 102 19.84 -23.78 -18.44
CA ILE C 102 21.28 -23.95 -18.62
C ILE C 102 21.81 -24.87 -17.52
N PRO C 103 22.32 -26.03 -17.92
CA PRO C 103 22.81 -27.00 -16.95
C PRO C 103 24.10 -26.53 -16.28
N GLY C 104 24.17 -26.65 -14.96
CA GLY C 104 25.38 -26.31 -14.22
C GLY C 104 25.12 -25.78 -12.82
N LYS C 105 26.09 -25.05 -12.29
CA LYS C 105 25.92 -24.36 -11.01
C LYS C 105 26.27 -22.91 -11.23
N THR C 106 25.89 -22.05 -10.30
CA THR C 106 26.15 -20.62 -10.48
C THR C 106 27.57 -20.32 -10.10
N ALA C 107 28.05 -19.15 -10.46
CA ALA C 107 29.39 -18.73 -10.08
C ALA C 107 29.58 -18.72 -8.56
N PHE C 108 28.53 -18.37 -7.83
CA PHE C 108 28.64 -18.38 -6.38
C PHE C 108 28.84 -19.82 -5.93
N GLN C 109 28.02 -20.71 -6.46
CA GLN C 109 28.16 -22.10 -6.10
C GLN C 109 29.56 -22.68 -6.36
N VAL C 110 30.18 -22.38 -7.50
CA VAL C 110 31.48 -23.01 -7.80
C VAL C 110 32.61 -22.40 -6.95
N LEU C 111 32.54 -21.09 -6.70
CA LEU C 111 33.43 -20.45 -5.77
C LEU C 111 33.42 -21.13 -4.39
N GLU C 112 32.23 -21.51 -3.92
CA GLU C 112 32.11 -22.15 -2.61
C GLU C 112 32.69 -23.58 -2.59
N GLU C 113 32.40 -24.35 -3.63
CA GLU C 113 32.88 -25.71 -3.75
C GLU C 113 34.39 -25.76 -4.05
N TYR C 114 34.86 -24.88 -4.93
CA TYR C 114 36.27 -24.89 -5.34
C TYR C 114 36.98 -23.58 -5.03
N PRO C 115 37.19 -23.32 -3.73
CA PRO C 115 37.79 -22.06 -3.29
C PRO C 115 39.20 -21.82 -3.84
N ASP C 116 39.98 -22.90 -3.98
CA ASP C 116 41.34 -22.84 -4.53
C ASP C 116 41.30 -22.40 -5.99
N SER C 117 40.13 -22.53 -6.60
CA SER C 117 39.97 -22.16 -7.98
C SER C 117 39.50 -20.72 -8.07
N GLY C 118 39.52 -20.03 -6.94
CA GLY C 118 39.15 -18.63 -6.86
C GLY C 118 39.63 -17.76 -8.02
N GLU C 119 40.93 -17.77 -8.25
CA GLU C 119 41.49 -16.86 -9.24
C GLU C 119 41.17 -17.24 -10.67
N ASN C 120 41.07 -18.54 -10.96
CA ASN C 120 40.69 -18.97 -12.30
C ASN C 120 39.23 -18.62 -12.59
N ILE C 121 38.41 -18.76 -11.55
CA ILE C 121 37.01 -18.44 -11.67
C ILE C 121 36.85 -16.95 -11.99
N VAL C 122 37.54 -16.08 -11.26
CA VAL C 122 37.45 -14.65 -11.53
C VAL C 122 37.92 -14.37 -12.94
N ASP C 123 39.01 -15.00 -13.35
CA ASP C 123 39.54 -14.85 -14.70
C ASP C 123 38.48 -15.11 -15.76
N ALA C 124 37.69 -16.18 -15.55
CA ALA C 124 36.70 -16.63 -16.52
C ALA C 124 35.52 -15.69 -16.54
N LEU C 125 35.24 -15.07 -15.40
CA LEU C 125 34.21 -14.05 -15.33
C LEU C 125 34.65 -12.78 -16.08
N ALA C 126 35.91 -12.40 -15.95
CA ALA C 126 36.42 -11.21 -16.62
C ALA C 126 36.34 -11.36 -18.13
N VAL C 127 36.67 -12.56 -18.61
CA VAL C 127 36.66 -12.82 -20.03
C VAL C 127 35.23 -12.74 -20.53
N PHE C 128 34.33 -13.39 -19.81
CA PHE C 128 32.94 -13.40 -20.21
C PHE C 128 32.38 -11.98 -20.21
N LEU C 129 32.73 -11.21 -19.18
CA LEU C 129 32.32 -9.81 -19.10
C LEU C 129 32.90 -8.93 -20.22
N ARG C 130 34.13 -9.18 -20.65
CA ARG C 130 34.72 -8.43 -21.76
C ARG C 130 34.02 -8.79 -23.06
N ARG C 131 33.67 -10.06 -23.20
N ARG C 131 33.68 -10.06 -23.20
CA ARG C 131 33.00 -10.50 -24.41
CA ARG C 131 32.97 -10.56 -24.36
C ARG C 131 31.63 -9.82 -24.54
C ARG C 131 31.66 -9.79 -24.51
N LEU C 132 30.91 -9.71 -23.43
CA LEU C 132 29.63 -8.99 -23.44
C LEU C 132 29.84 -7.52 -23.72
N HIS C 133 30.85 -6.95 -23.10
CA HIS C 133 31.11 -5.52 -23.22
C HIS C 133 31.68 -5.11 -24.57
N SER C 134 31.93 -6.07 -25.46
CA SER C 134 32.48 -5.74 -26.76
CA SER C 134 32.49 -5.76 -26.78
C SER C 134 31.45 -5.79 -27.90
N ILE C 135 30.26 -6.34 -27.62
CA ILE C 135 29.14 -6.26 -28.58
C ILE C 135 28.92 -4.79 -28.89
N PRO C 136 29.08 -4.40 -30.16
CA PRO C 136 28.95 -2.99 -30.55
C PRO C 136 27.63 -2.40 -30.10
N VAL C 137 27.68 -1.28 -29.37
CA VAL C 137 26.46 -0.65 -28.86
C VAL C 137 25.46 -0.31 -29.97
N CYS C 138 25.94 -0.03 -31.17
CA CYS C 138 25.05 0.26 -32.31
C CYS C 138 24.09 -0.89 -32.64
N ASN C 139 24.30 -2.04 -31.98
CA ASN C 139 23.43 -3.21 -32.15
C ASN C 139 22.28 -3.31 -31.15
N CYS C 140 22.37 -2.57 -30.05
CA CYS C 140 21.41 -2.72 -28.97
C CYS C 140 20.23 -1.71 -29.05
N PRO C 141 18.99 -2.23 -29.03
CA PRO C 141 17.77 -1.43 -29.03
C PRO C 141 17.32 -1.04 -27.61
N PHE C 142 18.15 -1.31 -26.61
CA PHE C 142 17.71 -1.08 -25.25
C PHE C 142 18.47 0.01 -24.50
N ASN C 143 17.72 0.88 -23.86
CA ASN C 143 18.30 1.95 -23.08
C ASN C 143 18.37 1.57 -21.60
N SER C 144 19.58 1.61 -21.05
CA SER C 144 19.79 1.38 -19.62
C SER C 144 20.70 2.42 -18.98
N ASP C 145 20.81 3.59 -19.61
CA ASP C 145 21.71 4.60 -19.09
C ASP C 145 21.23 5.22 -17.80
N ARG C 146 22.10 6.01 -17.18
CA ARG C 146 21.88 6.40 -15.81
C ARG C 146 20.63 7.26 -15.60
N VAL C 147 20.35 8.12 -16.59
CA VAL C 147 19.18 8.98 -16.55
C VAL C 147 17.93 8.15 -16.42
N PHE C 148 17.84 7.13 -17.27
CA PHE C 148 16.71 6.24 -17.20
C PHE C 148 16.67 5.53 -15.84
N ARG C 149 17.82 5.09 -15.38
CA ARG C 149 17.86 4.27 -14.17
C ARG C 149 17.62 5.09 -12.91
N LEU C 150 18.23 6.28 -12.85
CA LEU C 150 17.99 7.22 -11.77
C LEU C 150 16.52 7.55 -11.65
N ALA C 151 15.87 7.67 -12.80
CA ALA C 151 14.45 7.96 -12.82
C ALA C 151 13.66 6.82 -12.18
N GLN C 152 13.97 5.58 -12.54
CA GLN C 152 13.36 4.45 -11.82
C GLN C 152 13.69 4.49 -10.32
N ALA C 153 14.94 4.82 -9.99
CA ALA C 153 15.40 4.81 -8.61
C ALA C 153 14.60 5.82 -7.78
N GLN C 154 14.38 7.00 -8.36
CA GLN C 154 13.61 8.02 -7.68
C GLN C 154 12.23 7.48 -7.39
N SER C 155 11.63 6.86 -8.39
CA SER C 155 10.29 6.32 -8.25
C SER C 155 10.21 5.23 -7.17
N ARG C 156 11.21 4.34 -7.09
CA ARG C 156 11.19 3.30 -6.06
C ARG C 156 11.34 3.92 -4.66
N MET C 157 12.12 5.00 -4.57
CA MET C 157 12.27 5.72 -3.32
C MET C 157 10.93 6.29 -2.87
N ASN C 158 10.34 7.13 -3.72
CA ASN C 158 9.08 7.80 -3.41
C ASN C 158 7.87 6.86 -3.35
N ASN C 159 8.10 5.57 -3.57
CA ASN C 159 7.05 4.57 -3.38
C ASN C 159 7.39 3.57 -2.30
N GLY C 160 8.46 3.83 -1.57
CA GLY C 160 8.87 2.97 -0.48
C GLY C 160 9.16 1.53 -0.90
N LEU C 161 9.72 1.39 -2.09
CA LEU C 161 10.00 0.07 -2.63
C LEU C 161 11.45 -0.32 -2.39
N VAL C 162 12.29 0.66 -2.09
CA VAL C 162 13.70 0.40 -1.83
C VAL C 162 13.93 -0.44 -0.56
N ASP C 163 14.72 -1.51 -0.68
CA ASP C 163 15.01 -2.39 0.46
C ASP C 163 16.09 -1.79 1.37
N ALA C 164 15.67 -0.99 2.34
CA ALA C 164 16.59 -0.31 3.22
C ALA C 164 17.49 -1.29 3.97
N SER C 165 16.97 -2.47 4.28
CA SER C 165 17.69 -3.52 4.99
C SER C 165 18.90 -4.11 4.28
N ASP C 166 19.01 -3.88 2.98
CA ASP C 166 19.97 -4.62 2.18
C ASP C 166 21.05 -3.70 1.59
N PHE C 167 21.21 -2.51 2.16
CA PHE C 167 22.29 -1.64 1.71
C PHE C 167 23.63 -2.32 1.99
N ASP C 168 24.66 -1.90 1.25
CA ASP C 168 26.03 -2.33 1.52
C ASP C 168 26.50 -1.83 2.90
N ASP C 169 27.46 -2.55 3.48
CA ASP C 169 27.91 -2.32 4.85
C ASP C 169 28.23 -0.86 5.13
N GLU C 170 28.89 -0.20 4.19
CA GLU C 170 29.21 1.21 4.37
C GLU C 170 28.00 2.15 4.31
N ARG C 171 26.83 1.65 3.92
CA ARG C 171 25.59 2.46 3.94
C ARG C 171 24.55 1.86 4.89
N ASN C 172 24.98 0.89 5.69
CA ASN C 172 24.09 0.24 6.65
C ASN C 172 23.32 1.22 7.53
N GLY C 173 22.03 1.01 7.64
CA GLY C 173 21.19 1.86 8.46
C GLY C 173 20.92 3.26 7.93
N TRP C 174 21.60 3.67 6.86
CA TRP C 174 21.25 4.96 6.23
C TRP C 174 19.80 4.98 5.79
N PRO C 175 19.15 6.12 5.94
CA PRO C 175 17.85 6.28 5.29
C PRO C 175 18.03 6.46 3.77
N VAL C 176 17.04 6.00 3.00
CA VAL C 176 17.10 5.99 1.54
C VAL C 176 17.44 7.39 0.98
N GLU C 177 16.86 8.43 1.57
CA GLU C 177 17.14 9.77 1.12
C GLU C 177 18.62 10.11 1.24
N GLN C 178 19.24 9.72 2.35
CA GLN C 178 20.67 10.02 2.53
C GLN C 178 21.49 9.32 1.46
N VAL C 179 21.10 8.10 1.09
CA VAL C 179 21.79 7.42 0.00
C VAL C 179 21.61 8.20 -1.30
N TRP C 180 20.38 8.63 -1.55
CA TRP C 180 20.05 9.32 -2.80
C TRP C 180 20.76 10.65 -2.94
N LYS C 181 20.93 11.35 -1.82
CA LYS C 181 21.54 12.68 -1.86
C LYS C 181 23.05 12.58 -2.06
N GLU C 182 23.65 11.62 -1.38
CA GLU C 182 25.10 11.40 -1.46
C GLU C 182 25.52 10.82 -2.82
N MET C 183 24.65 9.99 -3.41
CA MET C 183 24.93 9.42 -4.72
C MET C 183 25.03 10.54 -5.73
N HIS C 184 24.16 11.54 -5.60
CA HIS C 184 24.13 12.61 -6.58
C HIS C 184 25.39 13.46 -6.54
N LYS C 185 26.08 13.44 -5.40
CA LYS C 185 27.35 14.16 -5.28
C LYS C 185 28.46 13.66 -6.21
N LEU C 186 28.31 12.45 -6.75
CA LEU C 186 29.35 11.88 -7.60
C LEU C 186 29.12 12.21 -9.08
N LEU C 187 27.94 12.73 -9.38
CA LEU C 187 27.62 13.17 -10.73
C LEU C 187 28.12 14.61 -10.99
N PRO C 188 28.56 14.89 -12.23
CA PRO C 188 28.50 13.98 -13.38
C PRO C 188 29.81 13.32 -13.73
N PHE C 189 29.73 12.39 -14.67
CA PHE C 189 30.91 11.78 -15.28
C PHE C 189 30.59 11.33 -16.70
N SER C 190 31.61 11.26 -17.53
CA SER C 190 31.45 10.79 -18.91
C SER C 190 31.18 9.30 -18.93
N PRO C 191 30.03 8.92 -19.49
CA PRO C 191 29.75 7.49 -19.61
C PRO C 191 30.74 6.86 -20.56
N ASP C 192 31.22 5.68 -20.21
CA ASP C 192 31.85 4.81 -21.19
C ASP C 192 30.82 3.71 -21.48
N SER C 193 30.09 3.87 -22.56
CA SER C 193 28.90 3.07 -22.77
C SER C 193 29.15 1.78 -23.55
N VAL C 194 28.61 0.67 -23.04
CA VAL C 194 28.72 -0.64 -23.67
C VAL C 194 27.41 -1.33 -23.48
N VAL C 195 27.22 -2.49 -24.11
CA VAL C 195 26.07 -3.32 -23.79
C VAL C 195 26.29 -3.88 -22.38
N THR C 196 25.33 -3.67 -21.47
CA THR C 196 25.51 -4.22 -20.14
C THR C 196 24.43 -5.20 -19.80
N HIS C 197 24.75 -6.09 -18.86
CA HIS C 197 23.82 -7.12 -18.40
C HIS C 197 22.80 -6.53 -17.43
N GLY C 198 23.27 -5.72 -16.48
CA GLY C 198 22.36 -5.09 -15.53
C GLY C 198 22.35 -5.66 -14.12
N ASP C 199 22.66 -6.94 -14.00
CA ASP C 199 22.77 -7.57 -12.69
C ASP C 199 23.86 -8.63 -12.76
N PHE C 200 25.07 -8.19 -13.07
CA PHE C 200 26.17 -9.13 -13.34
C PHE C 200 26.75 -9.73 -12.05
N SER C 201 25.92 -10.48 -11.34
CA SER C 201 26.23 -10.95 -10.02
C SER C 201 26.50 -12.44 -10.07
N LEU C 202 27.19 -12.96 -9.06
CA LEU C 202 27.55 -14.37 -8.97
C LEU C 202 26.36 -15.35 -9.12
N ASP C 203 25.17 -14.93 -8.71
CA ASP C 203 24.00 -15.80 -8.88
C ASP C 203 23.54 -15.95 -10.34
N ASN C 204 23.97 -15.04 -11.21
CA ASN C 204 23.47 -15.00 -12.59
C ASN C 204 24.42 -15.51 -13.67
N LEU C 205 25.61 -15.95 -13.29
CA LEU C 205 26.48 -16.58 -14.27
C LEU C 205 26.57 -18.07 -13.98
N ILE C 206 26.66 -18.87 -15.04
CA ILE C 206 26.46 -20.29 -14.89
C ILE C 206 27.62 -21.13 -15.42
N PHE C 207 28.26 -21.87 -14.52
CA PHE C 207 29.32 -22.79 -14.91
C PHE C 207 28.81 -24.20 -15.10
N ASP C 208 29.41 -24.89 -16.07
CA ASP C 208 29.20 -26.32 -16.24
C ASP C 208 30.50 -26.89 -16.76
N GLU C 209 30.90 -28.05 -16.21
CA GLU C 209 32.16 -28.67 -16.62
C GLU C 209 33.32 -27.64 -16.62
N GLY C 210 33.42 -26.83 -15.58
CA GLY C 210 34.53 -25.88 -15.47
C GLY C 210 34.51 -24.72 -16.45
N LYS C 211 33.57 -24.72 -17.38
CA LYS C 211 33.43 -23.60 -18.32
C LYS C 211 32.26 -22.69 -17.95
N LEU C 212 32.39 -21.41 -18.30
CA LEU C 212 31.31 -20.47 -18.10
C LEU C 212 30.45 -20.55 -19.35
N ILE C 213 29.22 -21.00 -19.20
CA ILE C 213 28.43 -21.38 -20.38
C ILE C 213 27.11 -20.64 -20.52
N GLY C 214 26.98 -19.51 -19.85
CA GLY C 214 25.78 -18.71 -20.02
C GLY C 214 25.40 -17.86 -18.83
N CYS C 215 24.66 -16.78 -19.09
CA CYS C 215 24.09 -16.00 -18.00
C CYS C 215 22.60 -16.07 -18.06
N ILE C 216 21.97 -15.67 -16.98
CA ILE C 216 20.54 -15.70 -16.85
C ILE C 216 20.13 -14.35 -16.25
N ASP C 217 18.82 -14.16 -16.02
CA ASP C 217 18.28 -12.93 -15.38
C ASP C 217 18.60 -11.65 -16.18
N VAL C 218 18.24 -11.62 -17.46
CA VAL C 218 18.70 -10.54 -18.31
C VAL C 218 17.70 -9.36 -18.43
N GLY C 219 16.66 -9.38 -17.60
CA GLY C 219 15.60 -8.37 -17.62
C GLY C 219 16.02 -6.91 -17.74
N ARG C 220 17.26 -6.56 -17.40
CA ARG C 220 17.65 -5.16 -17.53
C ARG C 220 18.87 -4.95 -18.41
N VAL C 221 19.01 -5.83 -19.39
CA VAL C 221 20.05 -5.67 -20.39
C VAL C 221 19.85 -4.36 -21.21
N GLY C 222 20.93 -3.62 -21.44
CA GLY C 222 20.87 -2.42 -22.26
C GLY C 222 22.09 -1.52 -22.13
N ILE C 223 22.18 -0.51 -23.00
CA ILE C 223 23.36 0.33 -23.02
C ILE C 223 23.52 1.11 -21.73
N ALA C 224 24.66 0.93 -21.07
CA ALA C 224 24.99 1.71 -19.88
C ALA C 224 26.49 1.86 -19.81
N ASP C 225 26.98 2.50 -18.75
CA ASP C 225 28.41 2.58 -18.53
C ASP C 225 28.88 1.18 -18.14
N ARG C 226 30.09 0.80 -18.55
CA ARG C 226 30.62 -0.54 -18.27
C ARG C 226 30.66 -0.83 -16.78
N TYR C 227 30.85 0.21 -15.96
CA TYR C 227 30.88 0.03 -14.49
C TYR C 227 29.57 -0.41 -13.89
N GLN C 228 28.50 -0.46 -14.67
CA GLN C 228 27.25 -0.97 -14.13
C GLN C 228 27.42 -2.46 -13.85
N ASP C 229 28.17 -3.14 -14.72
CA ASP C 229 28.37 -4.58 -14.55
C ASP C 229 29.54 -4.87 -13.63
N LEU C 230 30.62 -4.10 -13.75
CA LEU C 230 31.79 -4.32 -12.94
C LEU C 230 31.49 -4.11 -11.47
N ALA C 231 30.77 -3.04 -11.15
CA ALA C 231 30.49 -2.71 -9.77
C ALA C 231 29.70 -3.81 -9.06
N ILE C 232 28.67 -4.33 -9.71
CA ILE C 232 27.87 -5.39 -9.09
C ILE C 232 28.70 -6.68 -8.83
N LEU C 233 29.48 -7.12 -9.80
CA LEU C 233 30.31 -8.32 -9.64
C LEU C 233 31.42 -8.07 -8.62
N TRP C 234 31.97 -6.86 -8.64
CA TRP C 234 33.01 -6.47 -7.70
C TRP C 234 32.48 -6.46 -6.28
N ASN C 235 31.25 -6.01 -6.10
CA ASN C 235 30.62 -6.05 -4.79
C ASN C 235 30.52 -7.49 -4.35
N CYS C 236 30.14 -8.36 -5.28
CA CYS C 236 29.98 -9.78 -5.00
C CYS C 236 31.25 -10.47 -4.55
N LEU C 237 32.36 -10.17 -5.23
CA LEU C 237 33.64 -10.79 -4.93
C LEU C 237 34.14 -10.43 -3.52
N GLY C 238 33.59 -9.35 -2.99
CA GLY C 238 33.85 -8.97 -1.61
C GLY C 238 33.50 -9.99 -0.54
N GLU C 239 32.66 -10.97 -0.85
CA GLU C 239 32.41 -12.04 0.12
C GLU C 239 33.54 -13.04 0.04
N PHE C 240 34.43 -12.85 -0.91
CA PHE C 240 35.51 -13.81 -1.07
C PHE C 240 36.88 -13.27 -0.67
N SER C 241 37.34 -12.19 -1.29
CA SER C 241 38.58 -11.58 -0.86
C SER C 241 38.74 -10.22 -1.55
N PRO C 242 39.50 -9.32 -0.93
CA PRO C 242 39.72 -8.04 -1.61
C PRO C 242 40.64 -8.23 -2.79
N SER C 243 41.29 -9.37 -2.86
CA SER C 243 42.27 -9.64 -3.89
C SER C 243 41.57 -10.16 -5.13
N LEU C 244 40.48 -10.89 -4.91
CA LEU C 244 39.68 -11.36 -6.01
C LEU C 244 38.95 -10.16 -6.63
N GLN C 245 38.55 -9.23 -5.76
CA GLN C 245 38.02 -7.96 -6.20
C GLN C 245 38.96 -7.27 -7.20
N LYS C 246 40.20 -7.02 -6.78
CA LYS C 246 41.21 -6.44 -7.67
C LYS C 246 41.34 -7.23 -8.97
N ARG C 247 41.34 -8.54 -8.86
CA ARG C 247 41.63 -9.36 -10.01
C ARG C 247 40.61 -9.17 -11.12
N LEU C 248 39.36 -8.87 -10.72
CA LEU C 248 38.29 -8.67 -11.68
C LEU C 248 38.69 -7.54 -12.61
N PHE C 249 39.03 -6.40 -12.03
CA PHE C 249 39.39 -5.24 -12.84
C PHE C 249 40.60 -5.52 -13.68
N GLN C 250 41.66 -6.01 -13.04
CA GLN C 250 42.92 -6.25 -13.73
C GLN C 250 42.70 -7.13 -14.94
N LYS C 251 42.10 -8.29 -14.71
CA LYS C 251 41.92 -9.27 -15.78
C LYS C 251 40.94 -8.74 -16.83
N TYR C 252 40.07 -7.82 -16.42
CA TYR C 252 39.12 -7.24 -17.35
C TYR C 252 39.82 -6.26 -18.29
N GLY C 253 40.79 -5.53 -17.76
CA GLY C 253 41.55 -4.61 -18.58
C GLY C 253 41.78 -3.26 -17.93
N ILE C 254 41.28 -3.07 -16.71
CA ILE C 254 41.42 -1.78 -16.04
C ILE C 254 42.45 -1.83 -14.91
N ASP C 255 43.51 -1.03 -15.03
CA ASP C 255 44.59 -1.04 -14.06
C ASP C 255 44.37 -0.06 -12.92
N ASN C 256 43.65 1.02 -13.23
CA ASN C 256 43.31 2.02 -12.22
C ASN C 256 41.80 2.25 -12.23
N PRO C 257 41.07 1.49 -11.43
CA PRO C 257 39.61 1.54 -11.44
C PRO C 257 39.10 2.93 -11.05
N ASP C 258 38.10 3.42 -11.77
CA ASP C 258 37.52 4.72 -11.47
C ASP C 258 36.69 4.59 -10.19
N MET C 259 37.25 5.02 -9.07
CA MET C 259 36.57 4.80 -7.82
C MET C 259 35.26 5.58 -7.74
N ASN C 260 35.22 6.71 -8.43
CA ASN C 260 33.99 7.50 -8.47
C ASN C 260 32.89 6.75 -9.25
N LYS C 261 33.25 6.23 -10.42
CA LYS C 261 32.30 5.46 -11.21
C LYS C 261 31.81 4.21 -10.47
N LEU C 262 32.76 3.42 -9.95
CA LEU C 262 32.42 2.24 -9.16
C LEU C 262 31.51 2.61 -7.99
N GLN C 263 31.92 3.61 -7.21
CA GLN C 263 31.12 4.07 -6.10
C GLN C 263 29.68 4.42 -6.54
N PHE C 264 29.55 5.14 -7.65
CA PHE C 264 28.22 5.50 -8.16
C PHE C 264 27.33 4.30 -8.42
N HIS C 265 27.80 3.35 -9.21
CA HIS C 265 26.96 2.21 -9.58
C HIS C 265 26.58 1.34 -8.37
N LEU C 266 27.50 1.21 -7.41
CA LEU C 266 27.20 0.62 -6.11
C LEU C 266 26.01 1.30 -5.43
N MET C 267 26.06 2.63 -5.27
CA MET C 267 24.96 3.34 -4.60
C MET C 267 23.69 3.24 -5.43
N LEU C 268 23.86 3.27 -6.76
CA LEU C 268 22.71 3.16 -7.65
C LEU C 268 21.98 1.86 -7.41
N ASP C 269 22.74 0.79 -7.20
CA ASP C 269 22.16 -0.53 -7.10
C ASP C 269 21.39 -0.71 -5.80
N GLU C 270 21.57 0.22 -4.86
CA GLU C 270 20.89 0.11 -3.58
C GLU C 270 19.40 0.29 -3.80
N PHE C 271 19.05 1.00 -4.86
CA PHE C 271 17.66 1.35 -5.08
C PHE C 271 16.87 0.26 -5.76
N PHE C 272 17.55 -0.77 -6.25
CA PHE C 272 16.84 -1.82 -6.96
C PHE C 272 16.71 -3.12 -6.19
N LEU D 20 -4.87 -19.09 -28.45
CA LEU D 20 -5.18 -18.01 -29.38
C LEU D 20 -6.53 -18.24 -30.07
N ASP D 21 -6.88 -19.52 -30.24
CA ASP D 21 -8.09 -19.91 -30.98
C ASP D 21 -9.40 -19.39 -30.38
N ALA D 22 -9.40 -19.15 -29.08
CA ALA D 22 -10.59 -18.70 -28.35
C ALA D 22 -10.80 -17.18 -28.44
N ASP D 23 -9.71 -16.46 -28.70
CA ASP D 23 -9.79 -15.01 -28.85
C ASP D 23 -10.22 -14.67 -30.27
N LEU D 24 -9.99 -15.58 -31.20
CA LEU D 24 -10.31 -15.35 -32.62
C LEU D 24 -11.63 -16.01 -33.01
N TYR D 25 -12.35 -16.52 -32.02
CA TYR D 25 -13.55 -17.29 -32.27
C TYR D 25 -14.66 -16.49 -32.94
N GLY D 26 -15.11 -16.97 -34.10
CA GLY D 26 -16.31 -16.44 -34.74
C GLY D 26 -16.17 -15.14 -35.51
N TYR D 27 -14.94 -14.81 -35.91
CA TYR D 27 -14.69 -13.61 -36.71
C TYR D 27 -14.51 -13.98 -38.17
N ARG D 28 -14.93 -13.07 -39.06
CA ARG D 28 -14.55 -13.14 -40.46
C ARG D 28 -13.10 -12.66 -40.58
N TRP D 29 -12.34 -13.30 -41.45
CA TRP D 29 -10.96 -12.93 -41.68
C TRP D 29 -10.77 -12.19 -43.01
N ALA D 30 -10.10 -11.05 -42.95
CA ALA D 30 -9.72 -10.34 -44.16
C ALA D 30 -8.24 -10.04 -44.10
N ARG D 31 -7.56 -10.21 -45.22
CA ARG D 31 -6.13 -9.92 -45.29
C ARG D 31 -5.90 -8.47 -45.70
N ASP D 32 -5.49 -7.65 -44.73
CA ASP D 32 -5.04 -6.30 -45.03
C ASP D 32 -3.66 -6.45 -45.63
N ASN D 33 -3.04 -5.33 -45.98
CA ASN D 33 -1.76 -5.39 -46.69
C ASN D 33 -1.08 -4.04 -46.64
N VAL D 34 0.14 -3.98 -46.11
CA VAL D 34 0.83 -5.12 -45.48
C VAL D 34 1.66 -4.51 -44.34
N GLY D 35 2.16 -5.36 -43.45
CA GLY D 35 2.90 -4.92 -42.27
C GLY D 35 4.05 -3.94 -42.48
N GLN D 36 4.33 -3.17 -41.43
CA GLN D 36 5.44 -2.22 -41.38
C GLN D 36 6.72 -2.87 -41.91
N SER D 37 7.10 -3.98 -41.28
CA SER D 37 8.32 -4.68 -41.65
C SER D 37 8.09 -5.97 -42.46
N GLY D 38 6.84 -6.23 -42.87
CA GLY D 38 6.56 -7.32 -43.77
C GLY D 38 5.57 -8.35 -43.26
N ALA D 39 5.14 -8.16 -42.01
CA ALA D 39 4.20 -9.07 -41.35
C ALA D 39 2.92 -9.22 -42.13
N THR D 40 2.34 -10.42 -42.11
CA THR D 40 0.99 -10.57 -42.59
C THR D 40 0.04 -9.94 -41.59
N ILE D 41 -0.88 -9.08 -42.04
CA ILE D 41 -1.86 -8.51 -41.12
C ILE D 41 -3.28 -8.96 -41.44
N TYR D 42 -3.99 -9.45 -40.44
CA TYR D 42 -5.39 -9.79 -40.68
C TYR D 42 -6.33 -8.90 -39.91
N ARG D 43 -7.32 -8.35 -40.61
CA ARG D 43 -8.43 -7.67 -39.98
C ARG D 43 -9.43 -8.73 -39.52
N LEU D 44 -9.96 -8.57 -38.32
CA LEU D 44 -10.98 -9.49 -37.80
CA LEU D 44 -10.98 -9.48 -37.83
C LEU D 44 -12.28 -8.72 -37.58
N TYR D 45 -13.32 -9.08 -38.31
CA TYR D 45 -14.60 -8.38 -38.25
C TYR D 45 -15.72 -9.40 -38.32
N GLY D 46 -16.95 -8.92 -38.43
CA GLY D 46 -18.11 -9.79 -38.58
C GLY D 46 -18.81 -10.06 -37.25
N LYS D 47 -18.06 -10.59 -36.29
CA LYS D 47 -18.57 -11.00 -35.00
C LYS D 47 -19.43 -9.95 -34.33
N PRO D 48 -20.67 -10.32 -34.00
CA PRO D 48 -21.63 -9.43 -33.36
C PRO D 48 -21.24 -9.26 -31.90
N ASN D 49 -21.53 -8.10 -31.33
CA ASN D 49 -21.21 -7.81 -29.93
C ASN D 49 -19.75 -8.04 -29.64
N ALA D 50 -18.90 -7.65 -30.58
CA ALA D 50 -17.46 -7.82 -30.47
C ALA D 50 -16.77 -6.72 -31.26
N PRO D 51 -15.65 -6.20 -30.74
CA PRO D 51 -14.93 -5.16 -31.47
C PRO D 51 -14.18 -5.76 -32.65
N GLU D 52 -13.87 -4.93 -33.64
CA GLU D 52 -12.96 -5.30 -34.71
C GLU D 52 -11.56 -5.55 -34.11
N LEU D 53 -10.81 -6.48 -34.71
CA LEU D 53 -9.48 -6.81 -34.21
C LEU D 53 -8.46 -6.83 -35.33
N PHE D 54 -7.19 -6.65 -34.96
CA PHE D 54 -6.09 -6.87 -35.90
C PHE D 54 -5.17 -7.95 -35.40
N LEU D 55 -4.94 -8.94 -36.26
CA LEU D 55 -3.92 -9.96 -36.02
C LEU D 55 -2.73 -9.74 -36.97
N LYS D 56 -1.58 -9.50 -36.36
CA LYS D 56 -0.33 -9.38 -37.06
C LYS D 56 0.41 -10.69 -36.83
N HIS D 57 1.06 -11.20 -37.86
CA HIS D 57 1.78 -12.45 -37.78
C HIS D 57 3.12 -12.34 -38.51
N GLY D 58 4.21 -12.49 -37.77
CA GLY D 58 5.53 -12.42 -38.38
C GLY D 58 6.16 -13.79 -38.37
N LYS D 59 6.79 -14.13 -39.49
CA LYS D 59 7.49 -15.40 -39.58
C LYS D 59 8.97 -15.10 -39.78
N GLY D 60 9.83 -16.02 -39.34
CA GLY D 60 11.26 -15.87 -39.49
C GLY D 60 11.77 -14.61 -38.84
N SER D 61 12.60 -13.84 -39.55
CA SER D 61 13.12 -12.57 -39.06
C SER D 61 12.00 -11.63 -38.61
N VAL D 62 10.85 -11.72 -39.28
CA VAL D 62 9.78 -10.75 -39.06
C VAL D 62 9.15 -10.97 -37.68
N ALA D 63 9.23 -12.20 -37.18
CA ALA D 63 8.86 -12.47 -35.80
C ALA D 63 9.49 -11.47 -34.81
N ASN D 64 10.76 -11.14 -35.00
CA ASN D 64 11.44 -10.21 -34.10
C ASN D 64 10.84 -8.83 -34.18
N ASP D 65 10.53 -8.40 -35.39
CA ASP D 65 9.86 -7.12 -35.62
C ASP D 65 8.51 -7.06 -34.89
N VAL D 66 7.69 -8.09 -35.07
CA VAL D 66 6.42 -8.14 -34.40
C VAL D 66 6.62 -8.15 -32.90
N THR D 67 7.67 -8.83 -32.46
CA THR D 67 8.00 -8.85 -31.04
C THR D 67 8.37 -7.42 -30.57
N ASP D 68 9.11 -6.69 -31.40
CA ASP D 68 9.51 -5.34 -31.04
C ASP D 68 8.31 -4.40 -30.98
N GLU D 69 7.35 -4.61 -31.90
CA GLU D 69 6.08 -3.88 -31.89
C GLU D 69 5.41 -4.07 -30.54
N MET D 70 5.33 -5.32 -30.11
CA MET D 70 4.60 -5.65 -28.90
C MET D 70 5.12 -4.91 -27.66
N VAL D 71 6.41 -4.99 -27.37
CA VAL D 71 6.90 -4.30 -26.18
C VAL D 71 6.71 -2.81 -26.24
N ARG D 72 6.87 -2.24 -27.42
CA ARG D 72 6.72 -0.81 -27.58
C ARG D 72 5.28 -0.39 -27.38
N LEU D 73 4.36 -1.14 -27.99
CA LEU D 73 2.93 -0.99 -27.73
C LEU D 73 2.68 -0.97 -26.24
N ASN D 74 3.17 -2.02 -25.57
CA ASN D 74 2.96 -2.21 -24.15
C ASN D 74 3.49 -1.06 -23.31
N TRP D 75 4.66 -0.55 -23.67
CA TRP D 75 5.24 0.59 -22.97
C TRP D 75 4.51 1.89 -23.21
N LEU D 76 4.43 2.26 -24.49
CA LEU D 76 3.91 3.55 -24.90
C LEU D 76 2.45 3.77 -24.50
N THR D 77 1.71 2.68 -24.36
CA THR D 77 0.28 2.74 -24.06
C THR D 77 -0.02 3.44 -22.74
N ALA D 78 0.99 3.60 -21.90
CA ALA D 78 0.85 4.32 -20.64
C ALA D 78 0.70 5.82 -20.88
N PHE D 79 1.26 6.31 -21.98
CA PHE D 79 1.32 7.75 -22.23
C PHE D 79 0.46 8.21 -23.41
N MET D 80 0.15 7.29 -24.31
CA MET D 80 -0.51 7.65 -25.56
C MET D 80 -1.75 6.83 -25.76
N PRO D 81 -2.60 7.27 -26.71
CA PRO D 81 -3.70 6.44 -27.18
C PRO D 81 -3.17 5.44 -28.22
N LEU D 82 -3.20 4.16 -27.86
CA LEU D 82 -2.72 3.09 -28.74
C LEU D 82 -3.73 1.96 -28.73
N PRO D 83 -3.61 1.01 -29.66
CA PRO D 83 -4.46 -0.17 -29.53
C PRO D 83 -4.09 -0.89 -28.24
N THR D 84 -4.90 -1.82 -27.77
CA THR D 84 -4.52 -2.57 -26.59
C THR D 84 -4.21 -4.00 -26.99
N ILE D 85 -3.18 -4.57 -26.37
CA ILE D 85 -2.76 -5.92 -26.70
C ILE D 85 -3.70 -6.89 -26.06
N LYS D 86 -4.51 -7.56 -26.86
CA LYS D 86 -5.36 -8.59 -26.31
C LYS D 86 -4.57 -9.87 -26.08
N HIS D 87 -3.58 -10.15 -26.94
CA HIS D 87 -2.89 -11.44 -26.90
C HIS D 87 -1.57 -11.41 -27.67
N PHE D 88 -0.52 -11.94 -27.06
CA PHE D 88 0.73 -12.08 -27.80
C PHE D 88 1.33 -13.45 -27.59
N ILE D 89 1.84 -14.04 -28.68
CA ILE D 89 2.43 -15.37 -28.65
C ILE D 89 3.77 -15.37 -29.37
N ARG D 90 4.82 -15.82 -28.69
CA ARG D 90 6.13 -15.88 -29.33
C ARG D 90 6.59 -17.33 -29.32
N THR D 91 6.92 -17.80 -30.50
CA THR D 91 7.38 -19.15 -30.70
C THR D 91 8.76 -18.94 -31.31
N PRO D 92 9.60 -19.98 -31.39
CA PRO D 92 10.91 -19.72 -31.99
C PRO D 92 10.85 -19.21 -33.45
N ASP D 93 9.90 -19.67 -34.24
CA ASP D 93 9.89 -19.20 -35.62
C ASP D 93 8.75 -18.22 -35.93
N ASP D 94 7.90 -17.91 -34.96
CA ASP D 94 6.67 -17.15 -35.22
C ASP D 94 6.28 -16.19 -34.11
N ALA D 95 5.74 -15.05 -34.49
CA ALA D 95 5.12 -14.19 -33.51
C ALA D 95 3.67 -13.94 -33.92
N TRP D 96 2.78 -13.88 -32.93
CA TRP D 96 1.38 -13.54 -33.18
C TRP D 96 0.98 -12.44 -32.24
N LEU D 97 0.49 -11.34 -32.79
CA LEU D 97 0.15 -10.17 -32.01
C LEU D 97 -1.24 -9.85 -32.40
N LEU D 98 -2.15 -9.89 -31.43
CA LEU D 98 -3.56 -9.61 -31.64
C LEU D 98 -3.92 -8.36 -30.89
N THR D 99 -4.38 -7.34 -31.59
CA THR D 99 -4.68 -6.04 -30.97
C THR D 99 -6.14 -5.64 -31.21
N THR D 100 -6.65 -4.67 -30.46
CA THR D 100 -7.98 -4.11 -30.76
C THR D 100 -7.80 -3.14 -31.90
N ALA D 101 -8.87 -2.89 -32.64
CA ALA D 101 -8.79 -1.93 -33.74
C ALA D 101 -8.99 -0.50 -33.23
N ILE D 102 -8.38 0.46 -33.91
CA ILE D 102 -8.73 1.86 -33.68
C ILE D 102 -9.69 2.26 -34.78
N PRO D 103 -10.94 2.55 -34.42
CA PRO D 103 -11.95 2.77 -35.47
C PRO D 103 -11.77 4.13 -36.12
N GLY D 104 -12.06 4.22 -37.40
CA GLY D 104 -11.83 5.46 -38.13
C GLY D 104 -11.11 5.20 -39.43
N LYS D 105 -10.43 6.21 -39.96
CA LYS D 105 -9.65 6.03 -41.19
C LYS D 105 -8.31 6.69 -41.01
N THR D 106 -7.37 6.37 -41.89
CA THR D 106 -6.04 6.92 -41.75
C THR D 106 -6.05 8.38 -42.15
N ALA D 107 -5.15 9.15 -41.54
CA ALA D 107 -4.99 10.55 -41.88
C ALA D 107 -4.91 10.73 -43.40
N PHE D 108 -4.23 9.82 -44.07
CA PHE D 108 -4.13 9.86 -45.53
C PHE D 108 -5.47 9.70 -46.23
N GLN D 109 -6.27 8.74 -45.79
CA GLN D 109 -7.60 8.53 -46.35
C GLN D 109 -8.49 9.77 -46.14
N VAL D 110 -8.50 10.28 -44.91
CA VAL D 110 -9.32 11.45 -44.54
C VAL D 110 -8.90 12.67 -45.36
N LEU D 111 -7.59 12.81 -45.55
CA LEU D 111 -7.08 13.93 -46.32
C LEU D 111 -7.56 13.88 -47.78
N GLU D 112 -7.56 12.70 -48.38
CA GLU D 112 -8.04 12.55 -49.75
C GLU D 112 -9.56 12.75 -49.81
N GLU D 113 -10.25 12.34 -48.76
CA GLU D 113 -11.70 12.40 -48.72
C GLU D 113 -12.18 13.82 -48.47
N TYR D 114 -11.47 14.53 -47.60
CA TYR D 114 -11.87 15.87 -47.21
C TYR D 114 -10.77 16.89 -47.51
N PRO D 115 -10.44 17.07 -48.81
CA PRO D 115 -9.25 17.80 -49.27
C PRO D 115 -9.05 19.17 -48.63
N ASP D 116 -10.14 19.81 -48.25
N ASP D 116 -10.15 19.81 -48.25
CA ASP D 116 -10.05 21.14 -47.67
CA ASP D 116 -10.11 21.14 -47.66
C ASP D 116 -10.07 21.12 -46.13
C ASP D 116 -9.82 21.13 -46.16
N SER D 117 -9.85 19.96 -45.55
CA SER D 117 -9.66 19.84 -44.11
C SER D 117 -8.15 19.83 -43.80
N GLY D 118 -7.36 19.71 -44.86
CA GLY D 118 -5.91 19.63 -44.81
C GLY D 118 -5.18 20.39 -43.73
N GLU D 119 -5.63 21.58 -43.41
CA GLU D 119 -4.97 22.36 -42.39
C GLU D 119 -5.36 21.84 -41.02
N ASN D 120 -6.65 21.66 -40.77
CA ASN D 120 -7.10 21.12 -39.49
C ASN D 120 -6.56 19.72 -39.22
N ILE D 121 -6.26 18.99 -40.28
CA ILE D 121 -5.60 17.70 -40.13
C ILE D 121 -4.14 17.87 -39.70
N VAL D 122 -3.43 18.79 -40.34
CA VAL D 122 -2.07 19.08 -39.96
C VAL D 122 -1.95 19.65 -38.53
N ASP D 123 -2.87 20.52 -38.14
CA ASP D 123 -2.86 21.04 -36.76
C ASP D 123 -3.00 19.92 -35.73
N ALA D 124 -3.94 19.01 -35.97
CA ALA D 124 -4.14 17.86 -35.08
C ALA D 124 -2.89 17.00 -34.99
N LEU D 125 -2.38 16.57 -36.14
CA LEU D 125 -1.13 15.85 -36.24
C LEU D 125 0.00 16.46 -35.39
N ALA D 126 0.25 17.74 -35.56
CA ALA D 126 1.31 18.43 -34.85
C ALA D 126 1.02 18.43 -33.35
N VAL D 127 -0.21 18.68 -32.96
CA VAL D 127 -0.52 18.69 -31.55
C VAL D 127 -0.19 17.32 -30.99
N PHE D 128 -0.59 16.29 -31.71
CA PHE D 128 -0.30 14.90 -31.34
C PHE D 128 1.19 14.66 -31.24
N LEU D 129 1.92 15.07 -32.27
CA LEU D 129 3.35 14.87 -32.36
C LEU D 129 4.12 15.64 -31.28
N ARG D 130 3.67 16.85 -30.98
CA ARG D 130 4.25 17.64 -29.90
C ARG D 130 4.08 16.91 -28.56
N ARG D 131 2.93 16.25 -28.40
CA ARG D 131 2.59 15.49 -27.20
C ARG D 131 3.49 14.26 -27.06
N LEU D 132 3.76 13.60 -28.18
CA LEU D 132 4.64 12.45 -28.17
C LEU D 132 6.01 12.88 -27.68
N HIS D 133 6.52 13.97 -28.24
CA HIS D 133 7.86 14.41 -27.98
C HIS D 133 8.04 15.09 -26.61
N SER D 134 6.96 15.10 -25.84
CA SER D 134 6.94 15.78 -24.55
CA SER D 134 6.99 15.78 -24.55
C SER D 134 7.15 14.77 -23.43
N ILE D 135 6.99 13.49 -23.77
CA ILE D 135 7.29 12.42 -22.84
C ILE D 135 8.78 12.54 -22.50
N PRO D 136 9.11 12.53 -21.21
CA PRO D 136 10.52 12.70 -20.83
C PRO D 136 11.30 11.46 -21.18
N VAL D 137 12.41 11.59 -21.88
CA VAL D 137 13.13 10.43 -22.37
C VAL D 137 13.62 9.53 -21.26
N CYS D 138 13.68 10.05 -20.03
CA CYS D 138 14.13 9.25 -18.88
C CYS D 138 13.16 8.11 -18.59
N ASN D 139 12.02 8.07 -19.29
CA ASN D 139 11.10 6.95 -19.19
C ASN D 139 11.22 5.92 -20.30
N CYS D 140 12.02 6.21 -21.33
CA CYS D 140 11.97 5.33 -22.50
C CYS D 140 13.06 4.28 -22.50
N PRO D 141 12.66 3.00 -22.41
CA PRO D 141 13.60 1.88 -22.36
C PRO D 141 14.18 1.58 -23.73
N PHE D 142 13.72 2.29 -24.75
CA PHE D 142 14.09 1.92 -26.12
C PHE D 142 15.03 2.89 -26.81
N ASN D 143 16.16 2.38 -27.29
CA ASN D 143 17.07 3.15 -28.13
C ASN D 143 16.70 3.07 -29.62
N SER D 144 16.56 4.24 -30.25
CA SER D 144 16.25 4.33 -31.69
C SER D 144 17.13 5.33 -32.38
N ASP D 145 18.22 5.74 -31.73
CA ASP D 145 19.03 6.83 -32.27
C ASP D 145 19.72 6.53 -33.60
N ARG D 146 20.43 7.52 -34.12
CA ARG D 146 20.87 7.43 -35.49
C ARG D 146 21.96 6.37 -35.68
N VAL D 147 22.81 6.25 -34.68
CA VAL D 147 23.85 5.25 -34.67
C VAL D 147 23.24 3.85 -34.86
N PHE D 148 22.27 3.53 -34.04
CA PHE D 148 21.56 2.26 -34.13
C PHE D 148 20.86 2.11 -35.50
N ARG D 149 20.12 3.15 -35.88
CA ARG D 149 19.38 3.15 -37.15
C ARG D 149 20.32 2.99 -38.34
N LEU D 150 21.46 3.66 -38.29
CA LEU D 150 22.45 3.53 -39.35
C LEU D 150 22.99 2.11 -39.46
N ALA D 151 23.20 1.46 -38.33
CA ALA D 151 23.72 0.11 -38.35
C ALA D 151 22.65 -0.84 -38.87
N GLN D 152 21.41 -0.66 -38.44
CA GLN D 152 20.31 -1.43 -38.99
C GLN D 152 20.28 -1.29 -40.51
N ALA D 153 20.37 -0.05 -40.99
CA ALA D 153 20.32 0.21 -42.43
C ALA D 153 21.45 -0.47 -43.19
N GLN D 154 22.67 -0.39 -42.67
CA GLN D 154 23.78 -1.05 -43.35
C GLN D 154 23.55 -2.55 -43.51
N SER D 155 23.02 -3.19 -42.45
CA SER D 155 22.69 -4.60 -42.51
C SER D 155 21.60 -4.87 -43.53
N ARG D 156 20.59 -4.02 -43.56
CA ARG D 156 19.56 -4.14 -44.58
C ARG D 156 20.14 -3.97 -45.99
N MET D 157 21.12 -3.09 -46.14
CA MET D 157 21.74 -2.93 -47.45
C MET D 157 22.49 -4.20 -47.85
N ASN D 158 23.38 -4.65 -46.97
CA ASN D 158 24.22 -5.82 -47.24
C ASN D 158 23.42 -7.13 -47.40
N ASN D 159 22.23 -7.17 -46.84
CA ASN D 159 21.40 -8.36 -46.95
C ASN D 159 20.50 -8.30 -48.17
N GLY D 160 20.63 -7.20 -48.92
CA GLY D 160 19.81 -6.96 -50.09
C GLY D 160 18.34 -6.65 -49.82
N LEU D 161 18.05 -6.06 -48.66
CA LEU D 161 16.65 -5.88 -48.24
C LEU D 161 16.05 -4.52 -48.61
N VAL D 162 16.87 -3.57 -49.03
CA VAL D 162 16.36 -2.26 -49.38
C VAL D 162 15.53 -2.33 -50.66
N ASP D 163 14.40 -1.64 -50.65
CA ASP D 163 13.54 -1.58 -51.82
C ASP D 163 13.86 -0.27 -52.54
N ALA D 164 14.69 -0.35 -53.57
CA ALA D 164 15.25 0.85 -54.19
C ALA D 164 14.26 1.47 -55.16
N SER D 165 13.37 0.65 -55.68
CA SER D 165 12.31 1.10 -56.55
C SER D 165 11.27 1.84 -55.75
N ASP D 166 11.55 2.10 -54.47
CA ASP D 166 10.63 2.87 -53.65
C ASP D 166 11.21 4.16 -53.10
N PHE D 167 12.38 4.54 -53.62
CA PHE D 167 13.01 5.79 -53.16
C PHE D 167 12.17 7.02 -53.44
N ASP D 168 12.43 8.09 -52.70
CA ASP D 168 11.91 9.41 -53.02
C ASP D 168 12.45 9.86 -54.39
N ASP D 169 11.76 10.82 -55.00
CA ASP D 169 12.07 11.29 -56.37
C ASP D 169 13.46 11.86 -56.61
N GLU D 170 13.96 12.64 -55.66
CA GLU D 170 15.30 13.19 -55.75
C GLU D 170 16.35 12.08 -55.91
N ARG D 171 16.01 10.86 -55.47
CA ARG D 171 16.94 9.73 -55.54
C ARG D 171 16.34 8.59 -56.37
N ASN D 172 15.21 8.87 -57.02
CA ASN D 172 14.55 7.89 -57.88
C ASN D 172 15.54 7.28 -58.87
N GLY D 173 15.77 5.99 -58.76
CA GLY D 173 16.68 5.31 -59.64
C GLY D 173 18.13 5.28 -59.20
N TRP D 174 18.47 5.95 -58.10
CA TRP D 174 19.78 5.78 -57.50
C TRP D 174 19.96 4.32 -57.06
N PRO D 175 21.21 3.84 -57.10
CA PRO D 175 21.59 2.59 -56.42
C PRO D 175 21.61 2.80 -54.91
N VAL D 176 21.27 1.77 -54.14
CA VAL D 176 21.30 1.84 -52.68
C VAL D 176 22.63 2.42 -52.25
N GLU D 177 23.71 1.85 -52.77
CA GLU D 177 25.06 2.29 -52.44
C GLU D 177 25.30 3.80 -52.64
N GLN D 178 24.62 4.41 -53.61
CA GLN D 178 24.76 5.85 -53.82
C GLN D 178 24.02 6.61 -52.70
N VAL D 179 22.82 6.16 -52.36
CA VAL D 179 22.06 6.77 -51.27
C VAL D 179 22.87 6.72 -49.97
N TRP D 180 23.49 5.57 -49.72
CA TRP D 180 24.27 5.37 -48.53
C TRP D 180 25.43 6.36 -48.47
N LYS D 181 26.24 6.35 -49.51
CA LYS D 181 27.44 7.20 -49.55
C LYS D 181 27.07 8.67 -49.41
N GLU D 182 26.00 9.07 -50.10
CA GLU D 182 25.55 10.45 -50.09
C GLU D 182 25.03 10.84 -48.69
N MET D 183 24.23 9.96 -48.09
CA MET D 183 23.66 10.24 -46.78
C MET D 183 24.75 10.52 -45.76
N HIS D 184 25.88 9.81 -45.88
CA HIS D 184 26.99 9.98 -44.96
C HIS D 184 27.82 11.26 -45.16
N LYS D 185 27.31 12.18 -45.97
CA LYS D 185 28.00 13.46 -46.16
C LYS D 185 27.33 14.61 -45.41
N LEU D 186 26.08 14.43 -44.99
CA LEU D 186 25.41 15.47 -44.23
C LEU D 186 25.91 15.39 -42.79
N LEU D 187 26.20 14.15 -42.38
CA LEU D 187 26.61 13.84 -41.02
C LEU D 187 27.91 14.57 -40.63
N PRO D 188 28.02 14.96 -39.36
CA PRO D 188 27.02 14.64 -38.33
C PRO D 188 26.08 15.77 -37.97
N PHE D 189 25.49 15.65 -36.78
CA PHE D 189 24.70 16.70 -36.13
C PHE D 189 24.47 16.32 -34.67
N SER D 190 24.15 17.29 -33.83
CA SER D 190 23.88 16.98 -32.42
C SER D 190 22.42 16.67 -32.28
N PRO D 191 22.13 15.57 -31.59
CA PRO D 191 20.77 15.03 -31.47
C PRO D 191 19.89 15.89 -30.60
N ASP D 192 18.70 16.15 -31.09
CA ASP D 192 17.66 16.76 -30.28
C ASP D 192 16.71 15.62 -29.88
N SER D 193 17.08 14.93 -28.80
CA SER D 193 16.53 13.61 -28.50
C SER D 193 15.20 13.61 -27.77
N VAL D 194 14.28 12.82 -28.29
CA VAL D 194 12.94 12.73 -27.76
C VAL D 194 12.44 11.31 -28.00
N VAL D 195 11.36 10.95 -27.32
CA VAL D 195 10.68 9.71 -27.64
C VAL D 195 10.05 9.87 -29.01
N THR D 196 10.45 9.05 -29.95
CA THR D 196 9.89 9.17 -31.30
C THR D 196 9.06 7.96 -31.67
N HIS D 197 8.23 8.14 -32.67
CA HIS D 197 7.36 7.07 -33.17
C HIS D 197 8.15 6.14 -34.08
N GLY D 198 8.97 6.68 -34.97
CA GLY D 198 9.75 5.86 -35.89
C GLY D 198 9.21 5.76 -37.31
N ASP D 199 7.90 5.93 -37.47
CA ASP D 199 7.25 5.87 -38.78
C ASP D 199 5.99 6.76 -38.81
N PHE D 200 6.17 8.03 -38.45
CA PHE D 200 5.05 8.97 -38.29
C PHE D 200 4.48 9.41 -39.65
N SER D 201 3.91 8.44 -40.37
CA SER D 201 3.38 8.68 -41.70
C SER D 201 1.88 8.87 -41.61
N LEU D 202 1.29 9.40 -42.70
CA LEU D 202 -0.17 9.58 -42.82
C LEU D 202 -0.95 8.28 -42.70
N ASP D 203 -0.28 7.15 -42.98
CA ASP D 203 -0.91 5.84 -42.86
C ASP D 203 -1.04 5.37 -41.43
N ASN D 204 -0.27 5.96 -40.54
CA ASN D 204 -0.17 5.41 -39.19
C ASN D 204 -0.90 6.20 -38.16
N LEU D 205 -1.62 7.24 -38.59
CA LEU D 205 -2.36 8.06 -37.65
C LEU D 205 -3.84 7.88 -37.89
N ILE D 206 -4.61 7.72 -36.82
CA ILE D 206 -6.01 7.39 -37.00
C ILE D 206 -6.99 8.47 -36.54
N PHE D 207 -7.73 9.02 -37.49
CA PHE D 207 -8.80 9.98 -37.21
C PHE D 207 -10.15 9.29 -37.19
N ASP D 208 -11.00 9.68 -36.25
CA ASP D 208 -12.38 9.17 -36.17
C ASP D 208 -13.32 10.30 -35.76
N GLU D 209 -14.37 10.51 -36.56
CA GLU D 209 -15.28 11.65 -36.35
C GLU D 209 -14.48 12.95 -36.22
N GLY D 210 -13.56 13.17 -37.15
CA GLY D 210 -12.81 14.40 -37.21
C GLY D 210 -11.75 14.59 -36.14
N LYS D 211 -11.58 13.62 -35.25
CA LYS D 211 -10.55 13.75 -34.22
C LYS D 211 -9.43 12.70 -34.36
N LEU D 212 -8.19 13.13 -34.11
CA LEU D 212 -7.06 12.22 -34.02
C LEU D 212 -7.18 11.41 -32.74
N ILE D 213 -7.41 10.12 -32.87
CA ILE D 213 -7.67 9.32 -31.67
C ILE D 213 -6.60 8.27 -31.35
N GLY D 214 -5.59 8.15 -32.20
CA GLY D 214 -4.47 7.30 -31.87
C GLY D 214 -3.57 6.98 -33.04
N CYS D 215 -2.40 6.41 -32.75
CA CYS D 215 -1.51 5.99 -33.81
C CYS D 215 -1.31 4.49 -33.80
N ILE D 216 -0.68 3.99 -34.85
CA ILE D 216 -0.43 2.56 -34.98
C ILE D 216 1.01 2.28 -35.41
N ASP D 217 1.34 1.01 -35.63
CA ASP D 217 2.61 0.65 -36.24
C ASP D 217 3.81 1.19 -35.47
N VAL D 218 3.93 0.78 -34.22
CA VAL D 218 4.85 1.45 -33.31
C VAL D 218 6.17 0.69 -33.15
N GLY D 219 6.48 -0.19 -34.11
CA GLY D 219 7.63 -1.05 -34.01
C GLY D 219 8.99 -0.39 -33.97
N ARG D 220 9.01 0.93 -34.16
CA ARG D 220 10.27 1.66 -34.17
C ARG D 220 10.29 2.79 -33.15
N VAL D 221 9.39 2.74 -32.19
CA VAL D 221 9.40 3.68 -31.08
C VAL D 221 10.74 3.63 -30.36
N GLY D 222 11.24 4.78 -29.96
CA GLY D 222 12.47 4.83 -29.19
C GLY D 222 13.04 6.22 -29.12
N ILE D 223 14.14 6.38 -28.40
CA ILE D 223 14.73 7.69 -28.32
C ILE D 223 15.45 8.00 -29.62
N ALA D 224 15.06 9.10 -30.26
CA ALA D 224 15.78 9.59 -31.43
C ALA D 224 15.66 11.10 -31.48
N ASP D 225 16.28 11.71 -32.49
CA ASP D 225 16.08 13.13 -32.77
C ASP D 225 14.65 13.37 -33.26
N ARG D 226 14.06 14.49 -32.84
CA ARG D 226 12.68 14.77 -33.18
C ARG D 226 12.47 14.75 -34.69
N TYR D 227 13.49 15.11 -35.45
CA TYR D 227 13.37 15.12 -36.90
C TYR D 227 13.11 13.77 -37.54
N GLN D 228 13.22 12.68 -36.79
CA GLN D 228 12.84 11.39 -37.34
C GLN D 228 11.32 11.32 -37.59
N ASP D 229 10.52 11.98 -36.75
CA ASP D 229 9.09 11.97 -37.00
C ASP D 229 8.67 13.11 -37.94
N LEU D 230 9.30 14.27 -37.79
CA LEU D 230 9.04 15.36 -38.68
C LEU D 230 9.38 14.99 -40.14
N ALA D 231 10.55 14.41 -40.38
CA ALA D 231 10.94 14.17 -41.76
C ALA D 231 9.96 13.25 -42.48
N ILE D 232 9.44 12.27 -41.77
CA ILE D 232 8.51 11.35 -42.40
C ILE D 232 7.12 11.96 -42.59
N LEU D 233 6.63 12.72 -41.61
CA LEU D 233 5.35 13.35 -41.80
C LEU D 233 5.44 14.40 -42.93
N TRP D 234 6.53 15.17 -42.94
CA TRP D 234 6.76 16.21 -43.94
C TRP D 234 6.76 15.63 -45.36
N ASN D 235 7.38 14.47 -45.52
CA ASN D 235 7.47 13.86 -46.82
C ASN D 235 6.11 13.37 -47.28
N CYS D 236 5.28 13.01 -46.33
CA CYS D 236 3.93 12.59 -46.68
C CYS D 236 3.09 13.78 -47.10
N LEU D 237 3.20 14.88 -46.37
CA LEU D 237 2.51 16.10 -46.75
C LEU D 237 3.00 16.61 -48.11
N GLY D 238 4.19 16.18 -48.53
CA GLY D 238 4.77 16.61 -49.78
C GLY D 238 4.03 16.07 -50.98
N GLU D 239 3.24 15.03 -50.77
CA GLU D 239 2.43 14.46 -51.83
C GLU D 239 1.22 15.36 -52.12
N PHE D 240 0.90 16.25 -51.17
CA PHE D 240 -0.30 17.07 -51.27
C PHE D 240 -0.04 18.56 -51.55
N SER D 241 0.67 19.21 -50.64
CA SER D 241 0.80 20.66 -50.65
C SER D 241 2.04 21.16 -49.91
N PRO D 242 2.81 22.07 -50.53
CA PRO D 242 4.03 22.59 -49.90
C PRO D 242 3.67 23.49 -48.75
N SER D 243 2.42 23.97 -48.75
CA SER D 243 1.94 24.85 -47.69
C SER D 243 1.56 24.03 -46.47
N LEU D 244 1.06 22.82 -46.70
CA LEU D 244 0.75 21.90 -45.62
C LEU D 244 2.04 21.43 -44.94
N GLN D 245 3.06 21.14 -45.74
CA GLN D 245 4.37 20.76 -45.20
C GLN D 245 4.89 21.76 -44.18
N LYS D 246 5.08 23.00 -44.61
CA LYS D 246 5.67 24.00 -43.73
C LYS D 246 4.70 24.40 -42.61
N ARG D 247 3.41 24.12 -42.79
CA ARG D 247 2.44 24.35 -41.71
C ARG D 247 2.65 23.37 -40.54
N LEU D 248 2.92 22.11 -40.87
CA LEU D 248 3.36 21.12 -39.90
C LEU D 248 4.50 21.64 -39.03
N PHE D 249 5.56 22.13 -39.68
CA PHE D 249 6.64 22.73 -38.92
C PHE D 249 6.20 23.89 -38.04
N GLN D 250 5.27 24.70 -38.51
CA GLN D 250 4.94 25.93 -37.77
C GLN D 250 4.00 25.67 -36.61
N LYS D 251 3.05 24.77 -36.78
CA LYS D 251 2.21 24.40 -35.64
C LYS D 251 3.02 23.62 -34.59
N TYR D 252 3.94 22.78 -35.07
CA TYR D 252 4.80 21.99 -34.19
C TYR D 252 5.68 22.88 -33.32
N GLY D 253 6.20 23.97 -33.90
CA GLY D 253 6.91 24.97 -33.11
C GLY D 253 8.30 25.34 -33.58
N ILE D 254 8.64 24.99 -34.80
CA ILE D 254 9.93 25.38 -35.35
C ILE D 254 9.68 26.36 -36.49
N ASP D 255 10.27 27.55 -36.39
CA ASP D 255 10.11 28.56 -37.42
C ASP D 255 11.12 28.41 -38.56
N ASN D 256 12.28 27.83 -38.24
CA ASN D 256 13.35 27.70 -39.23
C ASN D 256 13.84 26.27 -39.37
N PRO D 257 13.07 25.43 -40.09
CA PRO D 257 13.29 23.97 -40.11
C PRO D 257 14.74 23.64 -40.45
N ASP D 258 15.36 22.72 -39.73
CA ASP D 258 16.75 22.37 -39.98
C ASP D 258 16.83 21.50 -41.24
N MET D 259 17.19 22.12 -42.37
CA MET D 259 17.18 21.40 -43.63
C MET D 259 18.12 20.21 -43.64
N ASN D 260 19.19 20.28 -42.87
CA ASN D 260 20.13 19.17 -42.81
C ASN D 260 19.53 17.94 -42.12
N LYS D 261 18.93 18.18 -40.96
CA LYS D 261 18.33 17.09 -40.21
C LYS D 261 17.15 16.48 -40.96
N LEU D 262 16.33 17.33 -41.59
CA LEU D 262 15.26 16.87 -42.45
C LEU D 262 15.76 15.85 -43.49
N GLN D 263 16.74 16.25 -44.29
CA GLN D 263 17.24 15.42 -45.38
C GLN D 263 17.87 14.11 -44.88
N PHE D 264 18.65 14.19 -43.82
CA PHE D 264 19.25 12.98 -43.28
C PHE D 264 18.18 11.91 -43.00
N HIS D 265 17.12 12.29 -42.32
CA HIS D 265 16.10 11.32 -41.95
C HIS D 265 15.30 10.79 -43.14
N LEU D 266 15.01 11.65 -44.09
CA LEU D 266 14.43 11.19 -45.32
C LEU D 266 15.33 10.16 -46.01
N MET D 267 16.60 10.48 -46.16
CA MET D 267 17.48 9.53 -46.82
C MET D 267 17.57 8.26 -45.99
N LEU D 268 17.66 8.40 -44.68
CA LEU D 268 17.71 7.24 -43.80
C LEU D 268 16.44 6.39 -43.94
N ASP D 269 15.29 7.03 -44.10
CA ASP D 269 14.07 6.26 -44.24
C ASP D 269 13.99 5.49 -45.56
N GLU D 270 14.86 5.83 -46.52
CA GLU D 270 14.96 5.03 -47.75
C GLU D 270 15.31 3.55 -47.49
N PHE D 271 16.05 3.29 -46.41
CA PHE D 271 16.59 1.96 -46.16
C PHE D 271 15.61 1.03 -45.47
N PHE D 272 14.45 1.54 -45.12
CA PHE D 272 13.55 0.77 -44.25
C PHE D 272 12.21 0.38 -44.86
N ASN E 19 -58.54 7.12 -0.49
CA ASN E 19 -57.18 6.66 -0.20
C ASN E 19 -57.10 5.16 0.06
N LEU E 20 -55.89 4.67 0.34
CA LEU E 20 -55.70 3.27 0.73
C LEU E 20 -55.30 3.12 2.20
N ASP E 21 -56.10 2.33 2.92
CA ASP E 21 -56.15 2.40 4.37
C ASP E 21 -55.95 1.07 5.11
N ALA E 22 -55.64 0.00 4.39
CA ALA E 22 -55.36 -1.28 5.05
C ALA E 22 -54.20 -1.13 6.02
N ASP E 23 -53.30 -0.21 5.68
CA ASP E 23 -52.25 0.24 6.59
C ASP E 23 -52.85 1.07 7.70
N LEU E 24 -53.74 1.99 7.33
CA LEU E 24 -54.30 2.96 8.25
C LEU E 24 -55.40 2.40 9.16
N TYR E 25 -55.93 1.22 8.83
CA TYR E 25 -57.04 0.69 9.60
C TYR E 25 -56.67 0.31 11.04
N GLY E 26 -57.52 0.70 11.97
CA GLY E 26 -57.38 0.25 13.34
C GLY E 26 -56.75 1.27 14.26
N TYR E 27 -56.17 2.31 13.69
CA TYR E 27 -55.51 3.30 14.52
C TYR E 27 -56.51 4.36 14.98
N ARG E 28 -56.29 4.84 16.20
CA ARG E 28 -56.95 6.04 16.68
C ARG E 28 -56.12 7.23 16.21
N TRP E 29 -56.79 8.25 15.72
CA TRP E 29 -56.09 9.40 15.18
C TRP E 29 -55.92 10.52 16.19
N ALA E 30 -54.89 11.33 15.98
CA ALA E 30 -54.75 12.62 16.64
C ALA E 30 -54.26 13.64 15.62
N ARG E 31 -54.32 14.92 15.98
N ARG E 31 -54.39 14.92 15.95
CA ARG E 31 -53.78 15.98 15.15
CA ARG E 31 -53.77 15.98 15.16
C ARG E 31 -52.67 16.67 15.92
C ARG E 31 -52.64 16.60 15.98
N ASP E 32 -51.41 16.43 15.52
CA ASP E 32 -50.26 17.02 16.22
C ASP E 32 -50.12 18.49 15.89
N ASN E 33 -48.98 19.08 16.26
CA ASN E 33 -48.68 20.40 15.77
C ASN E 33 -48.28 20.31 14.31
N VAL E 34 -48.39 21.44 13.59
CA VAL E 34 -48.15 21.49 12.15
C VAL E 34 -46.69 21.20 11.75
N GLY E 35 -46.50 20.49 10.64
CA GLY E 35 -45.18 20.06 10.17
C GLY E 35 -44.17 21.16 9.85
N GLN E 36 -42.92 20.75 9.59
CA GLN E 36 -41.79 21.68 9.39
C GLN E 36 -42.03 22.71 8.28
N SER E 37 -42.72 22.27 7.24
CA SER E 37 -43.15 23.17 6.20
C SER E 37 -44.67 23.24 6.21
N GLY E 38 -45.27 23.16 7.41
CA GLY E 38 -46.68 23.42 7.60
C GLY E 38 -47.66 22.37 7.11
N ALA E 39 -47.15 21.18 6.80
CA ALA E 39 -48.00 20.07 6.44
C ALA E 39 -48.80 19.66 7.66
N THR E 40 -49.96 19.05 7.44
CA THR E 40 -50.69 18.48 8.56
C THR E 40 -50.01 17.19 9.01
N ILE E 41 -49.83 17.03 10.32
CA ILE E 41 -49.26 15.81 10.88
C ILE E 41 -50.23 15.04 11.78
N TYR E 42 -50.43 13.76 11.46
CA TYR E 42 -51.29 12.88 12.24
C TYR E 42 -50.48 11.83 13.00
N ARG E 43 -50.66 11.79 14.32
CA ARG E 43 -50.11 10.70 15.13
C ARG E 43 -51.15 9.60 15.27
N LEU E 44 -50.73 8.37 14.97
CA LEU E 44 -51.64 7.22 14.98
CA LEU E 44 -51.64 7.23 14.98
C LEU E 44 -51.23 6.21 16.05
N TYR E 45 -52.06 6.07 17.07
CA TYR E 45 -51.77 5.18 18.18
C TYR E 45 -52.96 4.27 18.39
N GLY E 46 -52.94 3.53 19.49
CA GLY E 46 -54.14 2.86 19.99
C GLY E 46 -54.58 1.63 19.23
N LYS E 47 -53.64 1.01 18.53
CA LYS E 47 -53.93 -0.23 17.85
C LYS E 47 -52.92 -1.27 18.33
N PRO E 48 -53.25 -1.99 19.42
CA PRO E 48 -52.37 -3.04 19.94
C PRO E 48 -52.01 -4.08 18.88
N ASN E 49 -50.85 -4.74 19.05
CA ASN E 49 -50.24 -5.63 18.03
C ASN E 49 -49.57 -4.88 16.86
N ALA E 50 -49.33 -3.59 17.05
CA ALA E 50 -48.81 -2.74 15.97
C ALA E 50 -48.18 -1.45 16.48
N PRO E 51 -47.12 -0.98 15.77
CA PRO E 51 -46.35 0.21 16.15
C PRO E 51 -47.06 1.51 15.78
N GLU E 52 -46.88 2.52 16.63
CA GLU E 52 -47.32 3.89 16.36
C GLU E 52 -46.84 4.36 15.00
N LEU E 53 -47.65 5.17 14.32
CA LEU E 53 -47.29 5.70 13.01
C LEU E 53 -47.48 7.21 12.93
N PHE E 54 -46.98 7.81 11.84
CA PHE E 54 -47.20 9.24 11.58
C PHE E 54 -47.61 9.49 10.14
N LEU E 55 -48.71 10.22 9.98
CA LEU E 55 -49.20 10.56 8.65
C LEU E 55 -49.00 12.05 8.42
N LYS E 56 -48.02 12.40 7.60
CA LYS E 56 -47.75 13.79 7.26
C LYS E 56 -48.45 14.04 5.93
N HIS E 57 -49.17 15.14 5.81
CA HIS E 57 -49.92 15.40 4.57
C HIS E 57 -49.67 16.79 4.04
N GLY E 58 -49.28 16.89 2.77
CA GLY E 58 -49.05 18.20 2.16
C GLY E 58 -49.84 18.51 0.89
N LYS E 59 -50.33 19.74 0.80
CA LYS E 59 -51.12 20.18 -0.34
C LYS E 59 -50.41 21.35 -1.04
N GLY E 60 -50.48 21.40 -2.37
CA GLY E 60 -49.87 22.47 -3.13
C GLY E 60 -48.36 22.58 -2.93
N SER E 61 -47.87 23.81 -2.76
CA SER E 61 -46.46 24.05 -2.54
C SER E 61 -45.91 23.12 -1.48
N VAL E 62 -46.63 23.00 -0.37
CA VAL E 62 -46.20 22.13 0.74
C VAL E 62 -46.04 20.64 0.34
N ALA E 63 -46.80 20.19 -0.67
CA ALA E 63 -46.60 18.83 -1.19
C ALA E 63 -45.17 18.56 -1.65
N ASN E 64 -44.43 19.60 -2.04
CA ASN E 64 -43.03 19.46 -2.43
C ASN E 64 -42.15 19.17 -1.25
N ASP E 65 -42.33 19.96 -0.22
CA ASP E 65 -41.59 19.81 1.00
C ASP E 65 -41.71 18.39 1.52
N VAL E 66 -42.91 17.84 1.50
CA VAL E 66 -43.13 16.47 1.96
C VAL E 66 -42.39 15.46 1.10
N THR E 67 -42.30 15.74 -0.19
CA THR E 67 -41.60 14.86 -1.11
C THR E 67 -40.09 14.94 -0.91
N ASP E 68 -39.61 16.17 -0.82
CA ASP E 68 -38.22 16.44 -0.47
C ASP E 68 -37.89 15.60 0.76
N GLU E 69 -38.80 15.61 1.73
CA GLU E 69 -38.57 14.91 2.99
C GLU E 69 -38.49 13.40 2.83
N MET E 70 -39.35 12.86 1.97
CA MET E 70 -39.38 11.42 1.74
C MET E 70 -38.08 10.93 1.12
N VAL E 71 -37.61 11.59 0.06
CA VAL E 71 -36.38 11.16 -0.60
C VAL E 71 -35.14 11.19 0.32
N ARG E 72 -35.11 12.15 1.23
CA ARG E 72 -33.95 12.30 2.08
C ARG E 72 -34.03 11.27 3.17
N LEU E 73 -35.22 11.12 3.72
CA LEU E 73 -35.49 10.08 4.68
C LEU E 73 -35.05 8.76 4.07
N ASN E 74 -35.28 8.63 2.77
CA ASN E 74 -34.98 7.40 2.08
C ASN E 74 -33.49 7.16 1.91
N TRP E 75 -32.75 8.26 1.69
CA TRP E 75 -31.32 8.20 1.44
C TRP E 75 -30.51 8.13 2.72
N LEU E 76 -30.79 9.03 3.65
CA LEU E 76 -30.04 9.11 4.89
C LEU E 76 -30.18 7.85 5.75
N THR E 77 -31.31 7.15 5.64
CA THR E 77 -31.57 5.99 6.50
C THR E 77 -30.49 4.89 6.40
N ALA E 78 -29.76 4.90 5.29
CA ALA E 78 -28.63 4.01 5.05
C ALA E 78 -27.54 4.22 6.07
N PHE E 79 -27.45 5.44 6.58
CA PHE E 79 -26.34 5.78 7.46
C PHE E 79 -26.81 5.94 8.90
N MET E 80 -27.97 6.56 9.08
CA MET E 80 -28.42 6.96 10.41
C MET E 80 -29.69 6.23 10.82
N PRO E 81 -30.02 6.28 12.13
CA PRO E 81 -31.27 5.69 12.61
C PRO E 81 -32.45 6.62 12.36
N LEU E 82 -33.21 6.32 11.31
CA LEU E 82 -34.34 7.12 10.92
C LEU E 82 -35.59 6.25 10.95
N PRO E 83 -36.77 6.88 11.06
CA PRO E 83 -38.04 6.15 10.96
C PRO E 83 -38.12 5.48 9.61
N THR E 84 -38.98 4.47 9.47
CA THR E 84 -39.09 3.84 8.16
C THR E 84 -40.35 4.27 7.41
N ILE E 85 -40.23 4.37 6.09
CA ILE E 85 -41.36 4.78 5.27
C ILE E 85 -42.32 3.61 5.10
N LYS E 86 -43.47 3.68 5.74
CA LYS E 86 -44.50 2.68 5.55
C LYS E 86 -45.11 2.84 4.15
N HIS E 87 -45.25 4.08 3.69
CA HIS E 87 -46.04 4.39 2.49
C HIS E 87 -45.91 5.87 2.09
N PHE E 88 -45.78 6.14 0.79
CA PHE E 88 -45.79 7.52 0.28
C PHE E 88 -46.60 7.70 -1.01
N ILE E 89 -47.51 8.68 -1.03
CA ILE E 89 -48.35 8.95 -2.21
C ILE E 89 -48.16 10.38 -2.73
N ARG E 90 -48.08 10.54 -4.03
CA ARG E 90 -47.91 11.86 -4.64
C ARG E 90 -48.92 12.12 -5.72
N THR E 91 -50.01 12.83 -5.43
CA THR E 91 -50.90 13.29 -6.49
C THR E 91 -50.41 14.68 -6.98
N PRO E 92 -51.01 15.25 -8.04
CA PRO E 92 -50.41 16.51 -8.51
C PRO E 92 -50.60 17.71 -7.58
N ASP E 93 -51.54 17.62 -6.64
CA ASP E 93 -51.71 18.68 -5.65
C ASP E 93 -51.45 18.17 -4.22
N ASP E 94 -51.02 16.91 -4.08
CA ASP E 94 -50.97 16.27 -2.76
C ASP E 94 -49.81 15.31 -2.50
N ALA E 95 -49.48 15.18 -1.21
CA ALA E 95 -48.42 14.26 -0.78
C ALA E 95 -48.74 13.73 0.61
N TRP E 96 -48.66 12.41 0.72
CA TRP E 96 -48.88 11.72 1.98
C TRP E 96 -47.64 10.92 2.31
N LEU E 97 -47.07 11.18 3.49
CA LEU E 97 -45.92 10.45 3.98
C LEU E 97 -46.31 9.72 5.26
N LEU E 98 -46.15 8.40 5.25
CA LEU E 98 -46.59 7.57 6.36
C LEU E 98 -45.38 6.86 6.92
N THR E 99 -45.04 7.13 8.18
CA THR E 99 -43.81 6.58 8.76
C THR E 99 -44.05 5.95 10.12
N THR E 100 -43.11 5.12 10.55
CA THR E 100 -43.12 4.52 11.89
C THR E 100 -42.61 5.50 12.94
N ALA E 101 -43.32 5.64 14.05
CA ALA E 101 -42.81 6.43 15.16
C ALA E 101 -41.54 5.79 15.68
N ILE E 102 -40.70 6.63 16.25
CA ILE E 102 -39.55 6.16 17.00
C ILE E 102 -39.98 6.24 18.45
N PRO E 103 -40.01 5.09 19.12
CA PRO E 103 -40.44 5.08 20.53
C PRO E 103 -39.44 5.85 21.36
N GLY E 104 -39.94 6.78 22.18
CA GLY E 104 -39.09 7.60 23.03
C GLY E 104 -39.71 8.96 23.30
N LYS E 105 -38.94 9.86 23.90
CA LYS E 105 -39.39 11.23 24.07
C LYS E 105 -38.44 12.12 23.28
N THR E 106 -38.79 13.39 23.06
CA THR E 106 -37.88 14.25 22.32
C THR E 106 -36.79 14.72 23.25
N ALA E 107 -35.66 15.09 22.68
CA ALA E 107 -34.56 15.67 23.42
C ALA E 107 -35.09 16.81 24.24
N PHE E 108 -36.08 17.52 23.68
CA PHE E 108 -36.65 18.65 24.40
C PHE E 108 -37.44 18.16 25.59
N GLN E 109 -38.27 17.14 25.39
CA GLN E 109 -39.05 16.62 26.50
C GLN E 109 -38.18 16.11 27.65
N VAL E 110 -37.22 15.22 27.37
CA VAL E 110 -36.41 14.63 28.43
C VAL E 110 -35.62 15.72 29.14
N LEU E 111 -35.35 16.82 28.46
CA LEU E 111 -34.63 17.91 29.06
C LEU E 111 -35.51 18.71 30.02
N GLU E 112 -36.82 18.52 29.92
CA GLU E 112 -37.75 19.17 30.86
C GLU E 112 -38.19 18.22 31.95
N GLU E 113 -38.17 16.93 31.69
CA GLU E 113 -38.57 15.95 32.70
C GLU E 113 -37.41 15.53 33.62
N TYR E 114 -36.19 15.54 33.09
CA TYR E 114 -35.05 15.14 33.87
C TYR E 114 -33.94 16.20 33.79
N PRO E 115 -34.17 17.39 34.37
CA PRO E 115 -33.28 18.53 34.16
C PRO E 115 -31.86 18.31 34.64
N ASP E 116 -31.66 17.36 35.54
CA ASP E 116 -30.33 17.07 36.06
C ASP E 116 -29.59 16.11 35.11
N SER E 117 -30.19 15.83 33.97
CA SER E 117 -29.54 14.97 32.98
C SER E 117 -29.22 15.75 31.69
N GLY E 118 -29.26 17.07 31.78
CA GLY E 118 -28.94 17.92 30.65
C GLY E 118 -27.56 17.70 30.04
N GLU E 119 -26.56 17.39 30.87
CA GLU E 119 -25.20 17.21 30.41
C GLU E 119 -25.08 15.97 29.53
N ASN E 120 -25.76 14.90 29.90
CA ASN E 120 -25.65 13.67 29.14
C ASN E 120 -26.32 13.83 27.79
N ILE E 121 -27.44 14.54 27.80
CA ILE E 121 -28.16 14.77 26.57
C ILE E 121 -27.29 15.54 25.58
N VAL E 122 -26.66 16.62 26.04
CA VAL E 122 -25.84 17.44 25.17
C VAL E 122 -24.66 16.65 24.61
N ASP E 123 -24.04 15.81 25.43
CA ASP E 123 -22.88 15.03 25.00
C ASP E 123 -23.28 14.05 23.92
N ALA E 124 -24.47 13.46 24.09
CA ALA E 124 -25.02 12.55 23.10
C ALA E 124 -25.33 13.23 21.76
N LEU E 125 -25.95 14.41 21.84
CA LEU E 125 -26.26 15.20 20.66
C LEU E 125 -25.00 15.54 19.89
N ALA E 126 -24.01 16.06 20.62
CA ALA E 126 -22.72 16.40 20.03
C ALA E 126 -22.11 15.21 19.31
N VAL E 127 -22.13 14.03 19.97
CA VAL E 127 -21.50 12.82 19.43
C VAL E 127 -22.23 12.32 18.19
N PHE E 128 -23.55 12.33 18.26
CA PHE E 128 -24.39 12.10 17.09
C PHE E 128 -24.09 13.07 15.97
N LEU E 129 -24.05 14.36 16.28
CA LEU E 129 -23.81 15.36 15.26
C LEU E 129 -22.47 15.10 14.58
N ARG E 130 -21.45 14.81 15.39
CA ARG E 130 -20.10 14.54 14.91
C ARG E 130 -20.18 13.34 13.94
N ARG E 131 -20.91 12.32 14.36
CA ARG E 131 -21.14 11.16 13.55
C ARG E 131 -21.79 11.53 12.20
N LEU E 132 -22.83 12.37 12.24
CA LEU E 132 -23.53 12.74 11.01
C LEU E 132 -22.63 13.52 10.07
N HIS E 133 -21.91 14.51 10.59
CA HIS E 133 -21.03 15.34 9.79
C HIS E 133 -19.83 14.59 9.16
N SER E 134 -19.67 13.32 9.51
CA SER E 134 -18.53 12.57 9.04
C SER E 134 -18.85 11.82 7.76
N ILE E 135 -20.13 11.53 7.56
CA ILE E 135 -20.57 11.01 6.28
C ILE E 135 -19.98 11.90 5.21
N PRO E 136 -19.27 11.27 4.26
CA PRO E 136 -18.58 12.07 3.25
C PRO E 136 -19.55 12.69 2.21
N VAL E 137 -19.29 13.95 1.92
CA VAL E 137 -20.23 14.73 1.13
C VAL E 137 -20.44 14.13 -0.26
N CYS E 138 -19.48 13.34 -0.72
CA CYS E 138 -19.60 12.74 -2.04
C CYS E 138 -20.67 11.63 -2.07
N ASN E 139 -21.15 11.23 -0.90
CA ASN E 139 -22.20 10.23 -0.81
C ASN E 139 -23.60 10.83 -0.88
N CYS E 140 -23.68 12.16 -1.04
CA CYS E 140 -24.92 12.88 -0.78
C CYS E 140 -25.45 13.67 -1.97
N PRO E 141 -26.58 13.23 -2.52
CA PRO E 141 -27.29 13.88 -3.63
C PRO E 141 -27.84 15.27 -3.30
N PHE E 142 -28.01 15.58 -2.02
CA PHE E 142 -28.73 16.79 -1.64
C PHE E 142 -27.87 18.01 -1.35
N ASN E 143 -28.18 19.12 -2.05
CA ASN E 143 -27.49 20.39 -1.80
C ASN E 143 -28.25 21.33 -0.87
N SER E 144 -27.59 21.78 0.18
CA SER E 144 -28.23 22.67 1.14
C SER E 144 -27.37 23.89 1.32
N ASP E 145 -26.51 24.15 0.35
CA ASP E 145 -25.50 25.18 0.56
C ASP E 145 -26.09 26.59 0.60
N ARG E 146 -25.40 27.50 1.26
CA ARG E 146 -25.91 28.84 1.52
C ARG E 146 -26.30 29.67 0.28
N VAL E 147 -25.76 29.34 -0.88
CA VAL E 147 -26.18 30.09 -2.05
C VAL E 147 -27.61 29.69 -2.42
N PHE E 148 -27.90 28.40 -2.25
CA PHE E 148 -29.24 27.88 -2.53
C PHE E 148 -30.19 28.28 -1.41
N ARG E 149 -29.75 28.09 -0.18
CA ARG E 149 -30.60 28.40 0.95
C ARG E 149 -30.93 29.89 1.03
N LEU E 150 -29.98 30.74 0.69
CA LEU E 150 -30.26 32.16 0.68
C LEU E 150 -31.30 32.50 -0.38
N ALA E 151 -31.23 31.82 -1.52
CA ALA E 151 -32.13 32.12 -2.62
C ALA E 151 -33.55 31.82 -2.19
N GLN E 152 -33.69 30.76 -1.41
CA GLN E 152 -34.99 30.33 -0.94
C GLN E 152 -35.53 31.29 0.10
N ALA E 153 -34.65 31.68 1.02
CA ALA E 153 -35.00 32.69 2.01
C ALA E 153 -35.61 33.91 1.33
N GLN E 154 -34.91 34.39 0.29
CA GLN E 154 -35.29 35.59 -0.40
C GLN E 154 -36.70 35.44 -0.96
N SER E 155 -36.96 34.27 -1.54
CA SER E 155 -38.26 33.98 -2.14
C SER E 155 -39.33 33.91 -1.08
N ARG E 156 -39.00 33.37 0.07
CA ARG E 156 -40.02 33.23 1.08
C ARG E 156 -40.31 34.62 1.57
N MET E 157 -39.27 35.45 1.58
CA MET E 157 -39.44 36.83 1.99
C MET E 157 -40.39 37.50 1.00
N ASN E 158 -40.01 37.43 -0.26
CA ASN E 158 -40.74 38.09 -1.33
C ASN E 158 -42.18 37.62 -1.49
N ASN E 159 -42.46 36.40 -1.07
CA ASN E 159 -43.79 35.83 -1.19
C ASN E 159 -44.62 36.06 0.07
N GLY E 160 -44.05 36.76 1.05
CA GLY E 160 -44.74 37.01 2.30
C GLY E 160 -44.92 35.81 3.23
N LEU E 161 -44.02 34.85 3.15
CA LEU E 161 -44.17 33.61 3.92
C LEU E 161 -43.45 33.63 5.26
N VAL E 162 -42.60 34.63 5.49
CA VAL E 162 -41.76 34.65 6.68
C VAL E 162 -42.52 35.01 7.96
N ASP E 163 -42.46 34.11 8.93
CA ASP E 163 -43.10 34.29 10.22
C ASP E 163 -42.28 35.25 11.08
N ALA E 164 -42.61 36.54 11.02
CA ALA E 164 -41.85 37.54 11.77
C ALA E 164 -42.19 37.62 13.25
N SER E 165 -43.33 37.06 13.64
CA SER E 165 -43.64 36.98 15.05
C SER E 165 -42.75 35.92 15.69
N ASP E 166 -41.99 35.20 14.86
CA ASP E 166 -41.22 34.07 15.35
C ASP E 166 -39.72 34.29 15.37
N PHE E 167 -39.28 35.53 15.14
CA PHE E 167 -37.86 35.86 15.19
C PHE E 167 -37.26 35.63 16.59
N ASP E 168 -35.93 35.52 16.68
CA ASP E 168 -35.26 35.42 17.98
C ASP E 168 -35.22 36.79 18.66
N ASP E 169 -34.94 36.78 19.96
CA ASP E 169 -35.04 37.99 20.78
C ASP E 169 -34.16 39.15 20.34
N GLU E 170 -32.92 38.87 20.00
CA GLU E 170 -32.02 39.90 19.52
C GLU E 170 -32.52 40.52 18.22
N ARG E 171 -33.54 39.90 17.62
CA ARG E 171 -34.09 40.34 16.33
C ARG E 171 -35.59 40.57 16.43
N ASN E 172 -36.07 40.66 17.67
CA ASN E 172 -37.49 40.78 17.95
C ASN E 172 -38.12 42.00 17.28
N GLY E 173 -39.29 41.80 16.68
CA GLY E 173 -40.01 42.88 16.01
C GLY E 173 -39.25 43.60 14.91
N TRP E 174 -38.07 43.13 14.57
CA TRP E 174 -37.43 43.60 13.35
C TRP E 174 -38.34 43.23 12.18
N PRO E 175 -38.32 44.02 11.12
CA PRO E 175 -39.02 43.71 9.88
C PRO E 175 -38.13 42.84 9.00
N VAL E 176 -38.71 41.95 8.21
CA VAL E 176 -37.95 40.94 7.47
C VAL E 176 -36.79 41.53 6.68
N GLU E 177 -37.01 42.67 6.06
CA GLU E 177 -36.03 43.21 5.16
C GLU E 177 -34.80 43.65 5.94
N GLN E 178 -35.02 44.11 7.17
CA GLN E 178 -33.92 44.48 8.05
C GLN E 178 -33.11 43.22 8.33
N VAL E 179 -33.78 42.14 8.73
CA VAL E 179 -33.10 40.89 8.96
C VAL E 179 -32.32 40.43 7.74
N TRP E 180 -32.94 40.56 6.57
CA TRP E 180 -32.28 40.15 5.33
C TRP E 180 -31.01 40.95 5.09
N LYS E 181 -31.08 42.24 5.39
CA LYS E 181 -29.96 43.15 5.16
C LYS E 181 -28.78 42.86 6.10
N GLU E 182 -29.04 42.90 7.41
CA GLU E 182 -28.05 42.60 8.43
C GLU E 182 -27.37 41.24 8.19
N MET E 183 -28.15 40.27 7.70
CA MET E 183 -27.61 38.96 7.42
C MET E 183 -26.55 39.05 6.33
N HIS E 184 -26.67 40.04 5.46
CA HIS E 184 -25.69 40.15 4.39
C HIS E 184 -24.39 40.83 4.83
N LYS E 185 -24.40 41.49 5.99
CA LYS E 185 -23.19 42.05 6.57
C LYS E 185 -22.18 40.96 6.98
N LEU E 186 -22.70 39.79 7.35
CA LEU E 186 -21.86 38.71 7.86
C LEU E 186 -21.26 37.90 6.70
N LEU E 187 -21.63 38.23 5.47
CA LEU E 187 -21.09 37.52 4.32
C LEU E 187 -19.84 38.22 3.79
N PRO E 188 -18.82 37.43 3.40
CA PRO E 188 -18.89 35.96 3.43
C PRO E 188 -18.09 35.33 4.55
N PHE E 189 -17.91 34.03 4.37
CA PHE E 189 -17.03 33.22 5.18
C PHE E 189 -16.70 32.04 4.27
N SER E 190 -15.79 31.19 4.69
CA SER E 190 -15.50 30.03 3.86
C SER E 190 -16.35 28.86 4.31
N PRO E 191 -17.11 28.29 3.37
CA PRO E 191 -17.96 27.14 3.71
C PRO E 191 -17.14 25.95 4.21
N ASP E 192 -17.74 25.17 5.08
CA ASP E 192 -17.10 23.99 5.65
C ASP E 192 -18.06 22.84 5.44
N SER E 193 -18.15 22.38 4.20
CA SER E 193 -19.17 21.43 3.76
C SER E 193 -19.21 20.09 4.48
N VAL E 194 -20.34 19.79 5.09
CA VAL E 194 -20.57 18.48 5.65
C VAL E 194 -22.00 18.08 5.34
N VAL E 195 -22.35 16.82 5.55
CA VAL E 195 -23.74 16.41 5.42
C VAL E 195 -24.50 16.89 6.66
N THR E 196 -25.47 17.78 6.45
CA THR E 196 -26.19 18.35 7.59
C THR E 196 -27.63 17.84 7.68
N HIS E 197 -28.18 17.90 8.90
CA HIS E 197 -29.57 17.58 9.17
C HIS E 197 -30.52 18.67 8.66
N GLY E 198 -30.20 19.93 8.92
CA GLY E 198 -30.96 21.03 8.37
C GLY E 198 -31.86 21.73 9.37
N ASP E 199 -32.22 21.01 10.44
CA ASP E 199 -33.18 21.51 11.43
C ASP E 199 -32.92 20.77 12.76
N PHE E 200 -31.73 20.95 13.29
CA PHE E 200 -31.29 20.16 14.43
C PHE E 200 -31.77 20.79 15.73
N SER E 201 -33.07 20.78 15.93
CA SER E 201 -33.63 21.32 17.16
C SER E 201 -33.81 20.21 18.18
N LEU E 202 -33.99 20.58 19.42
CA LEU E 202 -34.24 19.62 20.48
C LEU E 202 -35.55 18.89 20.22
N ASP E 203 -36.33 19.43 19.31
CA ASP E 203 -37.58 18.78 18.97
C ASP E 203 -37.40 17.54 18.09
N ASN E 204 -36.27 17.45 17.41
CA ASN E 204 -36.11 16.44 16.38
C ASN E 204 -35.13 15.36 16.69
N LEU E 205 -34.69 15.25 17.93
CA LEU E 205 -33.88 14.10 18.31
C LEU E 205 -34.63 13.29 19.32
N ILE E 206 -34.78 12.00 19.03
CA ILE E 206 -35.57 11.13 19.90
C ILE E 206 -34.70 10.33 20.90
N PHE E 207 -35.06 10.42 22.17
CA PHE E 207 -34.32 9.74 23.24
C PHE E 207 -35.19 8.70 23.91
N ASP E 208 -34.64 7.50 24.07
CA ASP E 208 -35.36 6.41 24.71
C ASP E 208 -34.47 5.71 25.73
N GLU E 209 -34.85 5.79 27.01
CA GLU E 209 -34.13 5.10 28.07
C GLU E 209 -32.65 5.51 28.19
N GLY E 210 -32.39 6.82 28.11
CA GLY E 210 -31.05 7.35 28.34
C GLY E 210 -30.17 7.51 27.11
N LYS E 211 -30.45 6.71 26.08
CA LYS E 211 -29.71 6.77 24.84
C LYS E 211 -30.43 7.55 23.73
N LEU E 212 -29.67 8.19 22.86
CA LEU E 212 -30.25 8.88 21.71
C LEU E 212 -30.44 7.84 20.62
N ILE E 213 -31.68 7.63 20.17
CA ILE E 213 -31.91 6.55 19.22
C ILE E 213 -32.34 6.97 17.82
N GLY E 214 -32.43 8.27 17.54
CA GLY E 214 -32.85 8.70 16.22
C GLY E 214 -33.14 10.18 16.03
N CYS E 215 -33.00 10.64 14.78
CA CYS E 215 -33.48 11.97 14.42
C CYS E 215 -34.67 11.87 13.48
N ILE E 216 -35.52 12.90 13.51
CA ILE E 216 -36.69 12.97 12.65
C ILE E 216 -36.67 14.27 11.85
N ASP E 217 -37.64 14.43 10.94
CA ASP E 217 -37.89 15.71 10.29
C ASP E 217 -36.70 16.09 9.43
N VAL E 218 -36.39 15.24 8.46
CA VAL E 218 -35.14 15.34 7.74
C VAL E 218 -35.28 16.08 6.40
N GLY E 219 -36.33 16.87 6.29
CA GLY E 219 -36.66 17.53 5.03
C GLY E 219 -35.63 18.51 4.51
N ARG E 220 -34.85 19.09 5.41
CA ARG E 220 -33.82 20.05 4.99
C ARG E 220 -32.41 19.46 4.86
N VAL E 221 -32.25 18.17 5.16
CA VAL E 221 -30.97 17.46 5.01
C VAL E 221 -30.23 17.77 3.70
N GLY E 222 -28.94 18.03 3.80
CA GLY E 222 -28.14 18.26 2.60
C GLY E 222 -26.76 18.78 2.92
N ILE E 223 -25.91 18.89 1.92
CA ILE E 223 -24.57 19.43 2.16
C ILE E 223 -24.64 20.91 2.50
N ALA E 224 -24.02 21.28 3.61
CA ALA E 224 -23.97 22.66 4.04
C ALA E 224 -22.84 22.84 5.06
N ASP E 225 -22.57 24.08 5.44
CA ASP E 225 -21.63 24.36 6.52
C ASP E 225 -22.13 23.77 7.83
N ARG E 226 -21.23 23.15 8.59
CA ARG E 226 -21.62 22.44 9.80
C ARG E 226 -22.31 23.35 10.80
N TYR E 227 -22.09 24.65 10.69
CA TYR E 227 -22.70 25.56 11.65
C TYR E 227 -24.20 25.59 11.49
N GLN E 228 -24.67 25.22 10.29
CA GLN E 228 -26.10 24.99 10.05
C GLN E 228 -26.77 24.17 11.18
N ASP E 229 -26.16 23.04 11.55
CA ASP E 229 -26.72 22.26 12.65
C ASP E 229 -26.27 22.75 14.01
N LEU E 230 -25.01 23.13 14.15
CA LEU E 230 -24.52 23.66 15.43
C LEU E 230 -25.35 24.88 15.91
N ALA E 231 -25.66 25.79 14.99
CA ALA E 231 -26.34 27.02 15.38
C ALA E 231 -27.72 26.76 15.92
N ILE E 232 -28.56 26.09 15.12
CA ILE E 232 -29.91 25.81 15.52
C ILE E 232 -29.99 25.08 16.88
N LEU E 233 -29.13 24.08 17.09
CA LEU E 233 -29.10 23.36 18.37
C LEU E 233 -28.65 24.31 19.49
N TRP E 234 -27.58 25.05 19.22
CA TRP E 234 -27.06 26.04 20.13
C TRP E 234 -28.17 26.95 20.64
N ASN E 235 -28.95 27.48 19.68
CA ASN E 235 -30.08 28.37 19.97
C ASN E 235 -31.11 27.74 20.88
N CYS E 236 -31.48 26.49 20.62
CA CYS E 236 -32.38 25.79 21.52
C CYS E 236 -31.84 25.69 22.92
N LEU E 237 -30.60 25.27 23.05
CA LEU E 237 -30.00 25.06 24.36
C LEU E 237 -29.98 26.33 25.19
N GLY E 238 -29.95 27.47 24.51
CA GLY E 238 -29.99 28.74 25.19
C GLY E 238 -31.29 28.97 25.93
N GLU E 239 -32.30 28.15 25.66
CA GLU E 239 -33.54 28.20 26.43
C GLU E 239 -33.32 27.63 27.82
N PHE E 240 -32.25 26.84 27.96
CA PHE E 240 -31.94 26.14 29.20
C PHE E 240 -30.79 26.75 30.02
N SER E 241 -29.58 26.80 29.44
CA SER E 241 -28.44 27.43 30.12
C SER E 241 -27.28 27.77 29.16
N PRO E 242 -26.48 28.79 29.52
CA PRO E 242 -25.30 29.09 28.71
C PRO E 242 -24.30 27.96 28.80
N SER E 243 -24.28 27.27 29.94
CA SER E 243 -23.30 26.20 30.16
C SER E 243 -23.60 25.02 29.25
N LEU E 244 -24.87 24.66 29.12
CA LEU E 244 -25.25 23.64 28.14
C LEU E 244 -24.90 24.04 26.70
N GLN E 245 -24.98 25.34 26.40
CA GLN E 245 -24.63 25.83 25.07
C GLN E 245 -23.15 25.66 24.82
N LYS E 246 -22.37 25.99 25.83
CA LYS E 246 -20.93 25.92 25.77
C LYS E 246 -20.49 24.47 25.60
N ARG E 247 -21.15 23.59 26.34
CA ARG E 247 -20.78 22.18 26.36
C ARG E 247 -20.96 21.55 25.00
N LEU E 248 -21.92 22.07 24.24
CA LEU E 248 -22.21 21.58 22.92
C LEU E 248 -20.99 21.70 22.04
N PHE E 249 -20.37 22.88 22.05
CA PHE E 249 -19.14 23.08 21.28
C PHE E 249 -17.97 22.30 21.88
N GLN E 250 -17.87 22.33 23.21
CA GLN E 250 -16.82 21.59 23.89
C GLN E 250 -16.80 20.10 23.57
N LYS E 251 -17.95 19.44 23.68
CA LYS E 251 -17.99 18.03 23.35
C LYS E 251 -17.76 17.86 21.87
N TYR E 252 -18.35 18.73 21.04
CA TYR E 252 -18.21 18.59 19.60
C TYR E 252 -16.74 18.75 19.19
N GLY E 253 -16.00 19.59 19.91
CA GLY E 253 -14.60 19.77 19.64
C GLY E 253 -14.11 21.08 19.04
N ILE E 254 -14.89 22.14 19.13
CA ILE E 254 -14.47 23.42 18.59
C ILE E 254 -14.10 24.32 19.75
N ASP E 255 -12.85 24.82 19.75
CA ASP E 255 -12.34 25.66 20.84
C ASP E 255 -13.10 26.97 20.96
N ASN E 256 -13.17 27.66 19.83
CA ASN E 256 -13.74 29.00 19.77
C ASN E 256 -14.82 29.03 18.73
N PRO E 257 -16.08 28.88 19.19
CA PRO E 257 -17.22 28.89 18.27
C PRO E 257 -17.10 30.11 17.39
N ASP E 258 -17.22 29.92 16.07
CA ASP E 258 -17.13 31.01 15.10
C ASP E 258 -18.41 31.81 15.15
N MET E 259 -18.41 32.90 15.90
CA MET E 259 -19.66 33.64 16.14
C MET E 259 -20.29 34.24 14.87
N ASN E 260 -19.47 34.57 13.89
CA ASN E 260 -19.96 34.96 12.58
C ASN E 260 -20.89 33.89 12.00
N LYS E 261 -20.34 32.72 11.71
CA LYS E 261 -21.13 31.60 11.17
C LYS E 261 -22.36 31.28 12.00
N LEU E 262 -22.23 31.47 13.31
CA LEU E 262 -23.28 31.08 14.24
C LEU E 262 -24.47 32.03 14.08
N GLN E 263 -24.19 33.33 14.12
CA GLN E 263 -25.24 34.31 14.00
C GLN E 263 -25.81 34.33 12.57
N PHE E 264 -24.98 33.94 11.60
CA PHE E 264 -25.46 33.83 10.23
C PHE E 264 -26.56 32.77 10.10
N HIS E 265 -26.30 31.59 10.63
CA HIS E 265 -27.21 30.49 10.42
C HIS E 265 -28.48 30.68 11.25
N LEU E 266 -28.38 31.44 12.34
CA LEU E 266 -29.55 31.69 13.14
C LEU E 266 -30.42 32.70 12.41
N MET E 267 -29.79 33.57 11.64
CA MET E 267 -30.56 34.56 10.91
C MET E 267 -31.24 33.92 9.71
N LEU E 268 -30.51 33.05 9.01
CA LEU E 268 -31.07 32.41 7.84
C LEU E 268 -32.29 31.57 8.22
N ASP E 269 -32.27 31.02 9.44
CA ASP E 269 -33.37 30.19 9.86
C ASP E 269 -34.58 31.05 10.25
N GLU E 270 -34.36 32.35 10.48
CA GLU E 270 -35.48 33.24 10.73
C GLU E 270 -36.42 33.16 9.53
N PHE E 271 -35.87 32.85 8.35
CA PHE E 271 -36.63 32.81 7.10
C PHE E 271 -37.33 31.49 6.78
N PHE E 272 -37.41 30.55 7.71
CA PHE E 272 -37.96 29.24 7.35
C PHE E 272 -39.00 28.75 8.32
C1 KAN F . 18.13 -23.68 23.54
C2 KAN F . 16.93 -23.50 22.59
C3 KAN F . 16.08 -22.28 22.98
C4 KAN F . 15.60 -22.43 24.39
C5 KAN F . 16.83 -22.52 25.30
C6 KAN F . 16.38 -22.48 26.78
C7 KAN F . 23.09 -21.71 24.15
C8 KAN F . 22.73 -23.14 23.89
C9 KAN F . 21.35 -23.10 23.18
C10 KAN F . 20.26 -22.56 24.12
C11 KAN F . 20.67 -21.11 24.38
C12 KAN F . 22.02 -21.07 25.02
C13 KAN F . 23.86 -25.05 23.00
C14 KAN F . 25.32 -25.37 22.70
C15 KAN F . 25.78 -24.83 21.38
C16 KAN F . 24.89 -25.49 20.32
C17 KAN F . 23.45 -25.13 20.62
C18 KAN F . 22.63 -25.89 19.56
N1 KAN F . 17.58 -22.53 27.62
N2 KAN F . 19.74 -20.54 25.36
N3 KAN F . 24.39 -21.67 24.85
N4 KAN F . 27.20 -25.16 21.23
O5 KAN F . 17.63 -23.70 24.90
O6 KAN F . 17.35 -23.29 21.24
O7 KAN F . 14.93 -22.17 22.13
O8 KAN F . 14.81 -21.31 24.75
O9 KAN F . 18.95 -22.51 23.50
O10 KAN F . 20.94 -24.36 22.60
O11 KAN F . 23.81 -23.63 23.09
O12 KAN F . 23.06 -25.59 21.92
O13 KAN F . 26.08 -24.84 23.80
O14 KAN F . 25.23 -25.03 19.02
O15 KAN F . 21.24 -25.61 19.75
C21 0TO G . 3.88 -23.42 18.97
C20 0TO G . 3.74 -23.54 17.60
CL 0TO G . 2.77 -22.42 16.71
C18 0TO G . 4.38 -24.56 16.91
C19 0TO G . 4.68 -24.36 19.62
C17 0TO G . 5.34 -25.37 18.90
C7 0TO G . 5.12 -25.55 17.55
N6 0TO G . 5.83 -26.47 16.86
C4 0TO G . 5.73 -26.77 15.54
N5 0TO G . 4.71 -26.37 14.74
C8 0TO G . 4.61 -26.77 13.47
N9 0TO G . 5.46 -27.64 12.94
C2 0TO G . 6.55 -27.75 15.02
C1 0TO G . 6.45 -28.13 13.68
C3 0TO G . 7.60 -28.21 15.79
C10 0TO G . 8.50 -29.12 15.26
O11 0TO G . 9.51 -29.58 16.06
C14 0TO G . 10.64 -28.66 15.99
C12 0TO G . 8.38 -29.53 13.93
C15 0TO G . 7.34 -29.03 13.14
O13 0TO G . 9.29 -30.42 13.42
C16 0TO G . 8.62 -31.28 12.48
NA NA H . 1.95 -16.43 5.90
C1 KAN I . -11.00 11.13 17.61
C2 KAN I . -10.94 10.20 18.84
C3 KAN I . -10.10 8.97 18.56
C4 KAN I . -10.69 8.26 17.35
C5 KAN I . -10.67 9.18 16.16
C6 KAN I . -11.26 8.26 15.14
C7 KAN I . -8.31 15.18 15.59
C8 KAN I . -9.67 15.25 16.24
C9 KAN I . -9.74 14.02 17.18
C10 KAN I . -9.63 12.69 16.41
C11 KAN I . -8.23 12.67 15.81
C12 KAN I . -8.11 13.84 14.87
C13 KAN I . -11.06 16.99 17.30
C14 KAN I . -10.98 18.53 17.46
C15 KAN I . -9.99 18.97 18.51
C16 KAN I . -10.49 18.36 19.80
C17 KAN I . -10.53 16.84 19.64
C18 KAN I . -11.32 16.50 20.88
N1 KAN I . -11.29 8.97 13.85
N2 KAN I . -8.12 11.42 15.05
N3 KAN I . -8.27 16.30 14.63
N4 KAN I . -9.99 20.44 18.59
O5 KAN I . -11.44 10.34 16.48
O6 KAN I . -10.37 10.88 19.99
O7 KAN I . -10.15 8.12 19.70
O8 KAN I . -9.88 7.14 17.04
O9 KAN I . -9.69 11.57 17.28
O10 KAN I . -10.96 14.08 17.92
O11 KAN I . -9.76 16.56 16.88
O12 KAN I . -11.43 16.47 18.57
O13 KAN I . -10.61 19.06 16.19
O14 KAN I . -9.61 18.72 20.86
O15 KAN I . -11.61 15.11 20.84
NA NA J . -3.42 -2.62 36.68
C1 KAN K . 19.92 -8.34 -4.55
C2 KAN K . 19.89 -9.23 -5.79
C3 KAN K . 19.13 -8.56 -6.93
C4 KAN K . 17.71 -8.22 -6.47
C5 KAN K . 17.85 -7.28 -5.28
C6 KAN K . 16.44 -6.86 -4.88
C7 KAN K . 22.96 -4.42 -2.78
C8 KAN K . 22.87 -5.81 -2.18
C9 KAN K . 22.35 -6.73 -3.29
C10 KAN K . 21.00 -6.29 -3.86
C11 KAN K . 21.18 -4.89 -4.47
C12 KAN K . 21.62 -3.95 -3.38
C13 KAN K . 24.27 -7.42 -0.78
C14 KAN K . 25.53 -7.31 0.11
C15 KAN K . 26.77 -7.19 -0.73
C16 KAN K . 26.84 -8.47 -1.51
C17 KAN K . 25.60 -8.62 -2.37
C18 KAN K . 25.86 -9.92 -3.17
N1 KAN K . 16.60 -5.95 -3.72
N2 KAN K . 19.85 -4.47 -4.96
N3 KAN K . 23.45 -3.49 -1.75
N4 KAN K . 27.94 -7.03 0.13
O5 KAN K . 18.58 -7.93 -4.22
O6 KAN K . 21.21 -9.52 -6.25
O7 KAN K . 19.09 -9.45 -8.04
O8 KAN K . 16.95 -7.64 -7.51
O9 KAN K . 20.57 -7.18 -4.91
O10 KAN K . 22.14 -8.01 -2.70
O11 KAN K . 24.17 -6.21 -1.63
O12 KAN K . 24.41 -8.64 -1.55
O13 KAN K . 25.37 -6.13 0.90
O14 KAN K . 28.02 -8.46 -2.33
O15 KAN K . 24.81 -10.15 -4.08
C21 0TO L . 15.16 -16.37 -15.28
C20 0TO L . 15.78 -17.14 -16.24
CL 0TO L . 15.62 -16.81 -17.94
C18 0TO L . 16.56 -18.19 -15.80
C19 0TO L . 15.30 -16.65 -13.92
C17 0TO L . 16.09 -17.70 -13.49
C7 0TO L . 16.67 -18.54 -14.45
N6 0TO L . 17.51 -19.48 -14.04
C4 0TO L . 18.17 -20.37 -14.81
N5 0TO L . 17.91 -20.60 -16.13
C8 0TO L . 18.56 -21.52 -16.81
N9 0TO L . 19.43 -22.32 -16.21
C2 0TO L . 19.01 -21.26 -14.16
C1 0TO L . 19.70 -22.19 -14.90
C3 0TO L . 19.30 -21.07 -12.81
C10 0TO L . 20.21 -21.90 -12.17
O11 0TO L . 20.44 -21.73 -10.82
C14 0TO L . 20.25 -20.37 -10.38
C12 0TO L . 20.89 -22.88 -12.91
C15 0TO L . 20.61 -23.02 -14.26
O13 0TO L . 21.79 -23.73 -12.33
C16 0TO L . 21.11 -24.92 -11.88
C ACT M . 26.04 -17.79 -28.87
O ACT M . 25.85 -17.05 -29.88
OXT ACT M . 25.17 -18.66 -28.62
CH3 ACT M . 27.24 -17.63 -27.98
C1 KAN N . 6.85 2.68 -46.68
C2 KAN N . 5.95 2.48 -45.45
C3 KAN N . 6.78 2.00 -44.27
C4 KAN N . 7.42 0.67 -44.66
C5 KAN N . 8.31 0.91 -45.86
C6 KAN N . 8.83 -0.53 -46.07
C7 KAN N . 10.02 6.42 -48.71
C8 KAN N . 8.66 6.06 -49.25
C9 KAN N . 7.90 5.43 -48.07
C10 KAN N . 8.61 4.17 -47.48
C11 KAN N . 9.95 4.63 -46.93
C12 KAN N . 10.72 5.23 -48.07
C13 KAN N . 6.88 7.19 -50.75
C14 KAN N . 6.92 8.46 -51.60
C15 KAN N . 6.74 9.71 -50.75
C16 KAN N . 5.38 9.60 -50.09
C17 KAN N . 5.37 8.35 -49.23
C18 KAN N . 4.09 8.21 -48.41
N1 KAN N . 9.72 -0.58 -47.23
N2 KAN N . 10.66 3.45 -46.44
N3 KAN N . 10.83 6.81 -49.87
N4 KAN N . 6.76 10.90 -51.62
O5 KAN N . 7.52 1.41 -46.98
O6 KAN N . 5.37 3.72 -45.06
O7 KAN N . 5.94 1.85 -43.12
O8 KAN N . 8.23 0.24 -43.55
O9 KAN N . 7.88 3.60 -46.38
O10 KAN N . 6.59 5.05 -48.50
O11 KAN N . 8.06 7.27 -49.86
O12 KAN N . 5.62 7.17 -50.05
O13 KAN N . 8.17 8.41 -52.31
O14 KAN N . 5.13 10.76 -49.29
O15 KAN N . 4.19 7.09 -47.51
C21 0TO O . 0.06 -3.44 -35.98
C20 0TO O . -0.75 -2.65 -35.17
CL 0TO O . -0.40 -2.32 -33.51
C18 0TO O . -1.90 -2.08 -35.71
C19 0TO O . -0.31 -3.63 -37.30
C17 0TO O . -1.45 -3.03 -37.84
C7 0TO O . -2.32 -2.34 -37.02
N6 0TO O . -3.36 -1.69 -37.53
C4 0TO O . -4.29 -0.98 -36.84
N5 0TO O . -4.46 -1.01 -35.50
C8 0TO O . -5.45 -0.35 -34.91
N9 0TO O . -6.34 0.33 -35.61
C2 0TO O . -5.27 -0.38 -37.57
C1 0TO O . -6.26 0.34 -36.94
C3 0TO O . -5.14 -0.33 -38.94
C10 0TO O . -6.06 0.36 -39.73
O11 0TO O . -5.81 0.27 -41.08
C14 0TO O . -6.14 1.36 -41.93
C12 0TO O . -7.10 1.06 -39.08
C15 0TO O . -7.18 1.04 -37.69
O13 0TO O . -8.06 1.76 -39.76
C16 0TO O . -8.56 2.85 -38.97
C1 KAN P . -39.45 26.59 13.94
C2 KAN P . -39.34 25.08 13.74
C3 KAN P . -39.10 24.69 12.29
C4 KAN P . -40.24 25.22 11.46
C5 KAN P . -40.30 26.74 11.62
C6 KAN P . -41.42 27.31 10.76
C7 KAN P . -36.41 30.81 14.98
C8 KAN P . -37.34 30.15 15.96
C9 KAN P . -37.49 28.70 15.41
C10 KAN P . -38.13 28.61 13.99
C11 KAN P . -37.11 29.31 13.09
C12 KAN P . -36.92 30.73 13.56
C13 KAN P . -37.64 30.08 18.40
C14 KAN P . -37.00 30.77 19.61
C15 KAN P . -35.69 30.17 20.02
C16 KAN P . -35.99 28.73 20.41
C17 KAN P . -36.57 28.02 19.22
C18 KAN P . -36.63 26.53 19.64
N1 KAN P . -41.42 28.76 10.96
N2 KAN P . -37.60 29.32 11.72
N3 KAN P . -36.35 32.22 15.35
N4 KAN P . -35.10 30.90 21.14
O5 KAN P . -40.50 27.06 13.02
O6 KAN P . -38.23 24.57 14.48
O7 KAN P . -39.09 23.27 12.25
O8 KAN P . -40.04 24.88 10.07
O9 KAN P . -38.27 27.25 13.50
O10 KAN P . -38.14 27.83 16.36
O11 KAN P . -36.73 30.30 17.29
O12 KAN P . -37.82 28.69 18.78
O13 KAN P . -36.89 32.13 19.21
O14 KAN P . -34.80 28.07 20.82
O15 KAN P . -37.03 25.67 18.56
C21 0TO Q . -42.04 13.26 9.88
C20 0TO Q . -41.39 12.15 10.42
CL 0TO Q . -40.45 11.06 9.44
C18 0TO Q . -41.50 11.91 11.78
C19 0TO Q . -42.79 14.10 10.72
C17 0TO Q . -42.86 13.85 12.09
C7 0TO Q . -42.28 12.71 12.63
N6 0TO Q . -42.32 12.52 13.96
C4 0TO Q . -41.82 11.46 14.61
N5 0TO Q . -41.37 10.37 13.95
C8 0TO Q . -40.93 9.30 14.57
N9 0TO Q . -40.94 9.19 15.89
C2 0TO Q . -41.90 11.35 16.00
C1 0TO Q . -41.41 10.20 16.63
C3 0TO Q . -42.38 12.40 16.79
C10 0TO Q . -42.38 12.27 18.19
O11 0TO Q . -42.86 13.29 18.96
C14 0TO Q . -42.58 14.58 18.39
C12 0TO Q . -41.92 11.09 18.79
C15 0TO Q . -41.42 10.07 17.99
O13 0TO Q . -41.91 10.94 20.14
C16 0TO Q . -42.23 9.55 20.39
#